data_7ENY
#
_entry.id   7ENY
#
_cell.length_a   58.829
_cell.length_b   100.188
_cell.length_c   160.219
_cell.angle_alpha   90.000
_cell.angle_beta   95.571
_cell.angle_gamma   90.000
#
_symmetry.space_group_name_H-M   'P 1 21 1'
#
loop_
_entity.id
_entity.type
_entity.pdbx_description
1 polymer '7alpha-hydroxysteroid dehydrogenase'
2 water water
#
_entity_poly.entity_id   1
_entity_poly.type   'polypeptide(L)'
_entity_poly.pdbx_seq_one_letter_code
;MGSSHHHHHHSSGLVPRGSHMASMTGGQQMGRGSMLNSDNLRLDGKCAIITGAGAGIGKEIAITFATAGASVVVSDINAD
AANHVVDEIQQLGGQAFACRCDITSEQELSALADFAISKLGKVDILVNNAGGGGPKPFDMPMADFRRAYELNVFSFFHLS
QLVAPEMEKNGGGVILTITSMAAENKNINMTSYASSKAAASHLVRNMAFDLGEKNIRVNGIAPGAILTDALKSVITPEIE
QKMLQHTPIRRLGQPQDIANAALFLCSPAASWVSGQILTVSGGGVQELN
;
_entity_poly.pdbx_strand_id   A,B,C,D,E,F,G,H
#
# COMPACT_ATOMS: atom_id res chain seq x y z
N SER A 38 64.27 6.42 -13.70
CA SER A 38 63.20 6.25 -14.74
C SER A 38 62.61 4.83 -14.69
N ASP A 39 62.66 4.19 -13.50
CA ASP A 39 62.57 2.72 -13.26
C ASP A 39 61.24 2.33 -12.58
N ASN A 40 60.51 3.31 -12.04
CA ASN A 40 59.19 3.12 -11.34
C ASN A 40 58.05 3.23 -12.37
N LEU A 41 58.36 3.30 -13.67
CA LEU A 41 57.40 3.12 -14.78
C LEU A 41 57.83 1.92 -15.64
N ARG A 42 58.49 0.93 -15.03
CA ARG A 42 58.86 -0.35 -15.67
C ARG A 42 58.31 -1.49 -14.82
N LEU A 43 58.02 -2.63 -15.46
CA LEU A 43 57.29 -3.76 -14.84
C LEU A 43 58.18 -5.02 -14.86
N ASP A 44 59.51 -4.82 -14.86
CA ASP A 44 60.54 -5.88 -14.96
C ASP A 44 60.24 -7.01 -13.97
N GLY A 45 60.26 -8.25 -14.43
CA GLY A 45 59.85 -9.44 -13.64
C GLY A 45 58.35 -9.62 -13.70
N LYS A 46 57.63 -8.61 -13.23
CA LYS A 46 56.17 -8.63 -12.95
C LYS A 46 55.40 -9.26 -14.12
N CYS A 47 54.34 -9.98 -13.77
CA CYS A 47 53.60 -10.91 -14.64
C CYS A 47 52.16 -10.41 -14.79
N ALA A 48 51.69 -10.13 -16.02
CA ALA A 48 50.38 -9.47 -16.24
C ALA A 48 49.41 -10.41 -16.95
N ILE A 49 48.15 -10.47 -16.52
CA ILE A 49 47.06 -11.05 -17.37
C ILE A 49 46.30 -9.89 -18.01
N ILE A 50 46.29 -9.77 -19.34
CA ILE A 50 45.50 -8.74 -20.09
C ILE A 50 44.36 -9.49 -20.79
N THR A 51 43.10 -9.32 -20.36
CA THR A 51 41.88 -9.90 -21.00
C THR A 51 41.42 -9.03 -22.17
N GLY A 52 40.80 -9.62 -23.19
CA GLY A 52 40.40 -8.93 -24.45
C GLY A 52 41.58 -8.26 -25.17
N ALA A 53 42.74 -8.89 -25.17
CA ALA A 53 43.99 -8.28 -25.68
C ALA A 53 44.17 -8.54 -27.18
N GLY A 54 43.16 -9.08 -27.87
CA GLY A 54 43.22 -9.37 -29.32
C GLY A 54 43.35 -8.12 -30.21
N ALA A 55 42.71 -7.01 -29.84
CA ALA A 55 42.54 -5.83 -30.73
C ALA A 55 42.43 -4.57 -29.89
N GLY A 56 42.46 -3.41 -30.56
CA GLY A 56 42.24 -2.07 -30.00
C GLY A 56 43.03 -1.87 -28.73
N ILE A 57 42.34 -1.66 -27.61
CA ILE A 57 42.94 -1.08 -26.36
C ILE A 57 43.78 -2.14 -25.63
N GLY A 58 43.26 -3.35 -25.50
CA GLY A 58 43.91 -4.43 -24.74
C GLY A 58 45.11 -4.94 -25.48
N LYS A 59 45.05 -4.92 -26.81
CA LYS A 59 46.25 -5.25 -27.61
C LYS A 59 47.35 -4.25 -27.23
N GLU A 60 47.04 -2.96 -27.32
CA GLU A 60 48.05 -1.89 -27.15
C GLU A 60 48.56 -1.94 -25.70
N ILE A 61 47.70 -2.28 -24.72
CA ILE A 61 48.12 -2.41 -23.29
C ILE A 61 49.00 -3.65 -23.14
N ALA A 62 48.72 -4.76 -23.83
CA ALA A 62 49.49 -6.03 -23.71
C ALA A 62 50.92 -5.79 -24.23
N ILE A 63 51.05 -4.99 -25.28
CA ILE A 63 52.33 -4.66 -25.95
C ILE A 63 53.11 -3.69 -25.04
N THR A 64 52.55 -2.53 -24.70
CA THR A 64 53.21 -1.53 -23.80
C THR A 64 53.72 -2.20 -22.51
N PHE A 65 52.88 -3.02 -21.86
CA PHE A 65 53.24 -3.82 -20.66
C PHE A 65 54.45 -4.70 -21.01
N ALA A 66 54.33 -5.50 -22.07
CA ALA A 66 55.41 -6.42 -22.50
C ALA A 66 56.74 -5.65 -22.64
N THR A 67 56.73 -4.54 -23.36
CA THR A 67 57.95 -3.78 -23.74
C THR A 67 58.49 -3.02 -22.51
N ALA A 68 57.68 -2.88 -21.46
CA ALA A 68 58.08 -2.26 -20.19
C ALA A 68 58.59 -3.34 -19.22
N GLY A 69 58.88 -4.54 -19.73
CA GLY A 69 59.50 -5.63 -18.94
C GLY A 69 58.52 -6.70 -18.47
N ALA A 70 57.21 -6.46 -18.51
CA ALA A 70 56.25 -7.45 -17.99
C ALA A 70 56.31 -8.70 -18.90
N SER A 71 56.24 -9.89 -18.28
CA SER A 71 55.78 -11.16 -18.91
C SER A 71 54.25 -11.14 -18.92
N VAL A 72 53.66 -11.44 -20.08
CA VAL A 72 52.25 -11.06 -20.40
C VAL A 72 51.51 -12.29 -20.92
N VAL A 73 50.50 -12.75 -20.19
CA VAL A 73 49.48 -13.74 -20.68
C VAL A 73 48.42 -12.97 -21.47
N VAL A 74 48.29 -13.27 -22.77
CA VAL A 74 47.39 -12.57 -23.72
C VAL A 74 46.10 -13.39 -23.85
N SER A 75 45.01 -12.89 -23.27
CA SER A 75 43.69 -13.56 -23.35
C SER A 75 42.77 -12.81 -24.32
N ASP A 76 42.12 -13.60 -25.16
CA ASP A 76 41.04 -13.17 -26.07
C ASP A 76 40.03 -14.32 -26.21
N ILE A 77 38.77 -14.00 -26.52
CA ILE A 77 37.72 -14.98 -26.93
C ILE A 77 38.22 -15.82 -28.12
N ASN A 78 39.04 -15.26 -29.01
CA ASN A 78 39.54 -15.89 -30.28
C ASN A 78 41.06 -16.21 -30.16
N ALA A 79 41.43 -17.49 -30.10
CA ALA A 79 42.83 -17.95 -29.99
C ALA A 79 43.66 -17.28 -31.08
N ASP A 80 43.06 -17.15 -32.27
CA ASP A 80 43.77 -16.69 -33.48
C ASP A 80 44.22 -15.23 -33.33
N ALA A 81 43.44 -14.37 -32.67
CA ALA A 81 43.75 -12.92 -32.47
C ALA A 81 44.80 -12.75 -31.37
N ALA A 82 44.68 -13.54 -30.30
CA ALA A 82 45.68 -13.66 -29.20
C ALA A 82 47.05 -14.02 -29.79
N ASN A 83 47.13 -15.02 -30.66
CA ASN A 83 48.44 -15.51 -31.21
C ASN A 83 49.17 -14.43 -32.02
N HIS A 84 48.46 -13.63 -32.82
CA HIS A 84 49.03 -12.51 -33.60
C HIS A 84 49.70 -11.49 -32.68
N VAL A 85 49.15 -11.21 -31.50
CA VAL A 85 49.70 -10.25 -30.48
C VAL A 85 50.89 -10.89 -29.73
N VAL A 86 50.82 -12.16 -29.30
CA VAL A 86 51.97 -12.92 -28.73
C VAL A 86 53.15 -12.92 -29.72
N ASP A 87 52.94 -13.31 -30.99
CA ASP A 87 53.98 -13.31 -32.05
C ASP A 87 54.71 -11.95 -32.07
N GLU A 88 53.90 -10.88 -32.06
CA GLU A 88 54.32 -9.47 -32.18
C GLU A 88 55.18 -9.07 -30.99
N ILE A 89 54.78 -9.49 -29.78
CA ILE A 89 55.51 -9.19 -28.52
C ILE A 89 56.86 -9.95 -28.48
N GLN A 90 56.97 -11.09 -29.16
CA GLN A 90 58.21 -11.93 -29.23
C GLN A 90 59.14 -11.38 -30.30
N GLN A 91 58.60 -10.85 -31.41
CA GLN A 91 59.39 -10.11 -32.43
C GLN A 91 60.05 -8.89 -31.78
N LEU A 92 59.44 -8.32 -30.74
CA LEU A 92 59.90 -7.06 -30.08
C LEU A 92 60.69 -7.38 -28.79
N GLY A 93 60.77 -8.65 -28.39
CA GLY A 93 61.79 -9.21 -27.48
C GLY A 93 61.25 -9.55 -26.10
N GLY A 94 59.96 -9.29 -25.85
CA GLY A 94 59.27 -9.63 -24.60
C GLY A 94 58.79 -11.08 -24.58
N GLN A 95 58.15 -11.50 -23.48
CA GLN A 95 57.69 -12.89 -23.30
C GLN A 95 56.18 -12.89 -23.04
N ALA A 96 55.37 -13.46 -23.95
CA ALA A 96 53.89 -13.56 -23.85
C ALA A 96 53.41 -14.98 -24.15
N PHE A 97 52.38 -15.45 -23.44
CA PHE A 97 51.66 -16.72 -23.74
C PHE A 97 50.19 -16.42 -24.06
N ALA A 98 49.64 -17.11 -25.06
CA ALA A 98 48.24 -16.95 -25.53
C ALA A 98 47.35 -17.86 -24.70
N CYS A 99 46.07 -17.51 -24.57
CA CYS A 99 45.09 -18.27 -23.78
C CYS A 99 43.68 -17.84 -24.17
N ARG A 100 43.00 -18.66 -24.97
CA ARG A 100 41.60 -18.46 -25.39
C ARG A 100 40.74 -18.51 -24.12
N CYS A 101 39.78 -17.61 -23.99
CA CYS A 101 38.90 -17.53 -22.79
C CYS A 101 37.65 -16.66 -23.01
N ASP A 102 36.46 -17.27 -22.85
CA ASP A 102 35.15 -16.57 -22.71
C ASP A 102 35.01 -16.17 -21.23
N ILE A 103 35.08 -14.86 -20.93
CA ILE A 103 35.05 -14.32 -19.54
C ILE A 103 33.65 -14.50 -18.90
N THR A 104 32.70 -15.11 -19.60
CA THR A 104 31.32 -15.40 -19.13
C THR A 104 31.23 -16.85 -18.66
N SER A 105 32.28 -17.63 -18.80
CA SER A 105 32.37 -19.01 -18.25
C SER A 105 33.33 -18.98 -17.07
N GLU A 106 32.81 -19.23 -15.87
CA GLU A 106 33.53 -19.22 -14.56
C GLU A 106 34.63 -20.27 -14.64
N GLN A 107 34.33 -21.43 -15.24
CA GLN A 107 35.35 -22.51 -15.42
C GLN A 107 36.47 -22.00 -16.35
N GLU A 108 36.14 -21.25 -17.41
CA GLU A 108 37.18 -20.71 -18.34
C GLU A 108 38.03 -19.65 -17.65
N LEU A 109 37.44 -18.90 -16.71
CA LEU A 109 38.16 -17.89 -15.90
C LEU A 109 39.10 -18.57 -14.89
N SER A 110 38.67 -19.66 -14.26
CA SER A 110 39.53 -20.47 -13.36
C SER A 110 40.72 -21.03 -14.15
N ALA A 111 40.49 -21.49 -15.39
CA ALA A 111 41.54 -22.11 -16.24
C ALA A 111 42.53 -21.05 -16.71
N LEU A 112 42.07 -19.80 -16.93
CA LEU A 112 42.91 -18.66 -17.37
C LEU A 112 43.89 -18.33 -16.27
N ALA A 113 43.41 -18.16 -15.04
CA ALA A 113 44.28 -17.90 -13.86
C ALA A 113 45.28 -19.07 -13.73
N ASP A 114 44.77 -20.31 -13.70
CA ASP A 114 45.59 -21.54 -13.51
C ASP A 114 46.73 -21.53 -14.56
N PHE A 115 46.42 -21.15 -15.81
CA PHE A 115 47.37 -21.02 -16.95
C PHE A 115 48.44 -19.95 -16.64
N ALA A 116 48.03 -18.82 -16.07
CA ALA A 116 48.95 -17.72 -15.75
C ALA A 116 49.96 -18.23 -14.72
N ILE A 117 49.48 -18.84 -13.63
CA ILE A 117 50.35 -19.36 -12.53
C ILE A 117 51.34 -20.39 -13.07
N SER A 118 50.98 -21.14 -14.12
CA SER A 118 51.76 -22.28 -14.67
C SER A 118 52.85 -21.81 -15.64
N LYS A 119 52.60 -20.80 -16.47
CA LYS A 119 53.56 -20.30 -17.50
C LYS A 119 54.39 -19.11 -16.96
N LEU A 120 53.83 -18.28 -16.08
CA LEU A 120 54.55 -17.12 -15.52
C LEU A 120 55.06 -17.45 -14.11
N GLY A 121 54.36 -18.31 -13.36
CA GLY A 121 54.74 -18.69 -11.99
C GLY A 121 54.00 -17.90 -10.94
N LYS A 122 53.50 -16.72 -11.30
CA LYS A 122 52.77 -15.84 -10.37
C LYS A 122 51.97 -14.84 -11.20
N VAL A 123 51.14 -14.04 -10.52
CA VAL A 123 50.42 -12.88 -11.11
C VAL A 123 50.69 -11.66 -10.23
N ASP A 124 51.05 -10.55 -10.85
CA ASP A 124 51.31 -9.23 -10.22
C ASP A 124 50.25 -8.22 -10.66
N ILE A 125 49.96 -8.21 -11.97
CA ILE A 125 49.02 -7.27 -12.65
C ILE A 125 47.88 -8.07 -13.26
N LEU A 126 46.67 -7.52 -13.21
CA LEU A 126 45.53 -8.00 -14.01
C LEU A 126 44.91 -6.80 -14.71
N VAL A 127 44.88 -6.78 -16.05
CA VAL A 127 44.16 -5.74 -16.84
C VAL A 127 42.86 -6.34 -17.37
N ASN A 128 41.75 -6.00 -16.72
CA ASN A 128 40.38 -6.44 -17.07
C ASN A 128 39.85 -5.57 -18.23
N ASN A 129 40.09 -6.00 -19.48
CA ASN A 129 39.73 -5.22 -20.69
C ASN A 129 38.50 -5.81 -21.37
N ALA A 130 38.38 -7.14 -21.49
CA ALA A 130 37.14 -7.82 -21.93
C ALA A 130 35.95 -7.11 -21.27
N GLY A 131 34.92 -6.84 -22.06
CA GLY A 131 33.69 -6.13 -21.68
C GLY A 131 32.74 -6.14 -22.86
N GLY A 132 31.72 -5.29 -22.85
CA GLY A 132 30.89 -5.01 -24.04
C GLY A 132 29.52 -4.41 -23.71
N GLY A 133 28.63 -4.51 -24.70
CA GLY A 133 27.31 -3.84 -24.74
C GLY A 133 27.44 -2.37 -25.14
N GLY A 134 26.30 -1.72 -25.34
CA GLY A 134 26.13 -0.36 -25.86
C GLY A 134 24.64 -0.06 -26.08
N PRO A 135 24.30 0.87 -27.01
CA PRO A 135 22.94 1.40 -27.09
C PRO A 135 21.96 0.23 -27.21
N LYS A 136 20.94 0.21 -26.34
CA LYS A 136 19.84 -0.78 -26.41
C LYS A 136 18.54 -0.10 -26.01
N PRO A 137 17.40 -0.46 -26.63
CA PRO A 137 16.12 0.14 -26.28
C PRO A 137 15.65 -0.48 -24.96
N PHE A 138 14.91 0.33 -24.21
CA PHE A 138 14.29 0.04 -22.90
C PHE A 138 13.56 -1.30 -22.89
N ASP A 139 12.97 -1.71 -24.02
CA ASP A 139 12.08 -2.89 -24.14
C ASP A 139 12.89 -4.12 -24.63
N MET A 140 14.20 -4.12 -24.50
CA MET A 140 15.02 -5.30 -24.88
C MET A 140 14.52 -6.49 -24.06
N PRO A 141 14.73 -7.75 -24.47
CA PRO A 141 14.64 -8.88 -23.56
C PRO A 141 15.49 -8.74 -22.29
N MET A 142 15.06 -9.39 -21.21
CA MET A 142 15.83 -9.46 -19.95
C MET A 142 17.13 -10.24 -20.19
N ALA A 143 17.14 -11.17 -21.14
CA ALA A 143 18.36 -11.92 -21.53
C ALA A 143 19.43 -10.91 -21.95
N ASP A 144 19.03 -9.89 -22.71
CA ASP A 144 19.93 -8.88 -23.32
C ASP A 144 20.39 -7.91 -22.23
N PHE A 145 19.50 -7.53 -21.30
CA PHE A 145 19.87 -6.72 -20.11
C PHE A 145 20.91 -7.43 -19.23
N ARG A 146 20.79 -8.74 -19.04
CA ARG A 146 21.63 -9.55 -18.14
C ARG A 146 23.02 -9.78 -18.73
N ARG A 147 23.12 -10.03 -20.05
CA ARG A 147 24.41 -10.12 -20.80
C ARG A 147 25.31 -8.92 -20.43
N ALA A 148 24.79 -7.70 -20.35
CA ALA A 148 25.55 -6.51 -19.95
C ALA A 148 26.28 -6.76 -18.60
N TYR A 149 25.61 -7.40 -17.64
CA TYR A 149 26.12 -7.61 -16.26
C TYR A 149 27.11 -8.78 -16.29
N GLU A 150 26.75 -9.85 -17.00
CA GLU A 150 27.72 -10.95 -17.22
C GLU A 150 29.06 -10.40 -17.76
N LEU A 151 29.03 -9.56 -18.79
CA LEU A 151 30.21 -9.04 -19.54
C LEU A 151 31.01 -8.06 -18.67
N ASN A 152 30.33 -7.19 -17.93
CA ASN A 152 30.95 -5.98 -17.32
C ASN A 152 31.10 -6.08 -15.80
N VAL A 153 30.44 -7.05 -15.16
CA VAL A 153 30.28 -7.02 -13.69
C VAL A 153 30.63 -8.39 -13.12
N PHE A 154 29.83 -9.41 -13.45
CA PHE A 154 29.97 -10.77 -12.88
C PHE A 154 31.32 -11.34 -13.30
N SER A 155 31.71 -11.17 -14.56
CA SER A 155 33.03 -11.61 -15.10
C SER A 155 34.17 -10.96 -14.31
N PHE A 156 34.15 -9.62 -14.25
CA PHE A 156 35.18 -8.75 -13.61
C PHE A 156 35.40 -9.19 -12.14
N PHE A 157 34.30 -9.31 -11.38
CA PHE A 157 34.37 -9.62 -9.93
C PHE A 157 35.01 -10.99 -9.73
N HIS A 158 34.56 -11.98 -10.51
CA HIS A 158 35.02 -13.38 -10.40
C HIS A 158 36.51 -13.44 -10.71
N LEU A 159 36.96 -12.81 -11.80
CA LEU A 159 38.40 -12.88 -12.16
C LEU A 159 39.24 -12.18 -11.09
N SER A 160 38.75 -11.09 -10.51
CA SER A 160 39.46 -10.36 -9.43
C SER A 160 39.61 -11.25 -8.19
N GLN A 161 38.57 -12.03 -7.88
CA GLN A 161 38.47 -12.86 -6.65
C GLN A 161 39.36 -14.11 -6.81
N LEU A 162 39.51 -14.62 -8.05
CA LEU A 162 40.43 -15.75 -8.43
C LEU A 162 41.92 -15.33 -8.35
N VAL A 163 42.30 -14.10 -8.76
CA VAL A 163 43.73 -13.70 -8.93
C VAL A 163 44.23 -13.13 -7.61
N ALA A 164 43.32 -12.61 -6.78
CA ALA A 164 43.64 -11.90 -5.52
C ALA A 164 44.52 -12.77 -4.63
N PRO A 165 44.09 -14.01 -4.25
CA PRO A 165 44.90 -14.89 -3.40
C PRO A 165 46.28 -15.18 -4.00
N GLU A 166 46.36 -15.17 -5.32
CA GLU A 166 47.62 -15.39 -6.08
C GLU A 166 48.51 -14.15 -5.92
N MET A 167 47.93 -12.95 -5.80
CA MET A 167 48.72 -11.69 -5.71
C MET A 167 49.19 -11.48 -4.27
N GLU A 168 48.43 -11.89 -3.25
CA GLU A 168 48.83 -11.73 -1.82
C GLU A 168 50.17 -12.45 -1.58
N LYS A 169 50.27 -13.70 -2.03
CA LYS A 169 51.38 -14.65 -1.74
C LYS A 169 52.72 -14.15 -2.30
N ASN A 170 52.69 -13.27 -3.32
CA ASN A 170 53.91 -12.61 -3.86
C ASN A 170 53.96 -11.16 -3.35
N GLY A 171 53.21 -10.86 -2.27
CA GLY A 171 53.35 -9.59 -1.52
C GLY A 171 52.44 -8.49 -2.04
N GLY A 172 51.46 -8.83 -2.88
CA GLY A 172 50.50 -7.85 -3.38
C GLY A 172 50.48 -7.82 -4.89
N GLY A 173 49.84 -6.80 -5.46
CA GLY A 173 49.50 -6.76 -6.89
C GLY A 173 48.63 -5.57 -7.22
N VAL A 174 48.17 -5.50 -8.45
CA VAL A 174 47.44 -4.31 -8.97
C VAL A 174 46.37 -4.78 -9.96
N ILE A 175 45.11 -4.46 -9.73
CA ILE A 175 44.00 -4.78 -10.68
C ILE A 175 43.58 -3.49 -11.40
N LEU A 176 43.59 -3.50 -12.75
CA LEU A 176 43.06 -2.42 -13.62
C LEU A 176 41.87 -2.94 -14.44
N THR A 177 40.77 -2.18 -14.47
CA THR A 177 39.64 -2.43 -15.40
C THR A 177 39.43 -1.21 -16.31
N ILE A 178 39.08 -1.50 -17.57
CA ILE A 178 38.59 -0.50 -18.55
C ILE A 178 37.08 -0.42 -18.34
N THR A 179 36.60 0.73 -17.83
CA THR A 179 35.17 0.99 -17.55
C THR A 179 34.67 1.75 -18.79
N SER A 180 33.73 2.68 -18.63
CA SER A 180 33.22 3.47 -19.78
C SER A 180 32.76 4.85 -19.30
N MET A 181 32.78 5.82 -20.20
CA MET A 181 32.20 7.14 -19.89
C MET A 181 30.69 6.97 -19.72
N ALA A 182 30.09 5.85 -20.19
CA ALA A 182 28.63 5.57 -20.01
C ALA A 182 28.26 5.41 -18.53
N ALA A 183 29.20 5.07 -17.64
CA ALA A 183 29.04 4.96 -16.16
C ALA A 183 28.72 6.30 -15.49
N GLU A 184 29.07 7.45 -16.06
CA GLU A 184 28.85 8.77 -15.41
C GLU A 184 28.07 9.71 -16.34
N ASN A 185 27.59 9.27 -17.50
CA ASN A 185 26.77 10.09 -18.44
C ASN A 185 25.35 9.54 -18.45
N LYS A 186 24.37 10.36 -18.80
CA LYS A 186 22.96 9.91 -18.83
C LYS A 186 22.41 10.14 -20.22
N ASN A 187 21.74 9.14 -20.79
CA ASN A 187 21.07 9.26 -22.09
C ASN A 187 20.07 8.11 -22.35
N ILE A 188 19.22 8.39 -23.31
CA ILE A 188 18.16 7.48 -23.80
C ILE A 188 18.87 6.28 -24.45
N ASN A 189 18.33 5.08 -24.31
CA ASN A 189 18.87 3.80 -24.83
C ASN A 189 20.23 3.44 -24.23
N MET A 190 20.44 3.59 -22.92
CA MET A 190 21.75 3.22 -22.29
C MET A 190 21.59 2.43 -20.98
N THR A 191 20.38 1.92 -20.72
CA THR A 191 19.96 1.27 -19.45
C THR A 191 20.91 0.11 -19.09
N SER A 192 20.93 -0.95 -19.89
CA SER A 192 21.84 -2.11 -19.76
C SER A 192 23.30 -1.67 -19.67
N TYR A 193 23.76 -0.77 -20.54
CA TYR A 193 25.21 -0.57 -20.78
C TYR A 193 25.74 0.31 -19.63
N ALA A 194 25.10 1.45 -19.41
CA ALA A 194 25.53 2.47 -18.44
C ALA A 194 25.43 1.89 -17.03
N SER A 195 24.31 1.25 -16.72
CA SER A 195 24.11 0.68 -15.37
C SER A 195 25.18 -0.40 -15.15
N SER A 196 25.40 -1.32 -16.10
CA SER A 196 26.43 -2.39 -15.93
C SER A 196 27.80 -1.76 -15.67
N LYS A 197 28.14 -0.71 -16.42
CA LYS A 197 29.45 -0.04 -16.30
C LYS A 197 29.50 0.78 -15.03
N ALA A 198 28.37 1.26 -14.50
CA ALA A 198 28.40 2.08 -13.25
C ALA A 198 28.70 1.13 -12.08
N ALA A 199 28.11 -0.08 -12.06
CA ALA A 199 28.45 -1.20 -11.15
C ALA A 199 29.95 -1.49 -11.17
N ALA A 200 30.54 -1.68 -12.35
CA ALA A 200 31.97 -1.94 -12.55
C ALA A 200 32.79 -0.78 -11.96
N SER A 201 32.52 0.46 -12.41
CA SER A 201 33.12 1.68 -11.81
C SER A 201 33.14 1.57 -10.28
N HIS A 202 32.08 1.03 -9.66
CA HIS A 202 31.89 1.02 -8.18
C HIS A 202 32.57 -0.22 -7.56
N LEU A 203 32.54 -1.38 -8.23
CA LEU A 203 33.41 -2.53 -7.86
C LEU A 203 34.87 -2.08 -7.69
N VAL A 204 35.35 -1.14 -8.52
CA VAL A 204 36.72 -0.61 -8.37
C VAL A 204 36.88 -0.06 -6.93
N ARG A 205 36.06 0.92 -6.54
CA ARG A 205 36.07 1.57 -5.19
C ARG A 205 35.97 0.53 -4.04
N ASN A 206 35.00 -0.39 -4.09
CA ASN A 206 34.83 -1.46 -3.06
C ASN A 206 36.00 -2.41 -3.01
N MET A 207 36.32 -2.99 -4.15
CA MET A 207 37.43 -3.95 -4.20
C MET A 207 38.70 -3.28 -3.67
N ALA A 208 38.94 -2.00 -3.95
CA ALA A 208 40.16 -1.28 -3.49
C ALA A 208 40.27 -1.36 -1.96
N PHE A 209 39.17 -1.13 -1.25
CA PHE A 209 39.09 -1.23 0.23
C PHE A 209 39.43 -2.68 0.62
N ASP A 210 38.58 -3.67 0.32
CA ASP A 210 38.76 -5.11 0.71
C ASP A 210 40.21 -5.52 0.46
N LEU A 211 40.61 -5.56 -0.82
CA LEU A 211 41.91 -6.12 -1.26
C LEU A 211 43.08 -5.24 -0.79
N GLY A 212 42.81 -4.16 -0.06
CA GLY A 212 43.85 -3.37 0.62
C GLY A 212 44.58 -4.21 1.64
N GLU A 213 43.90 -5.18 2.26
CA GLU A 213 44.44 -6.00 3.37
C GLU A 213 45.46 -6.96 2.79
N LYS A 214 45.29 -7.28 1.49
CA LYS A 214 46.16 -8.18 0.71
C LYS A 214 47.19 -7.34 -0.06
N ASN A 215 47.26 -6.04 0.24
CA ASN A 215 48.15 -5.08 -0.48
C ASN A 215 47.90 -5.14 -1.99
N ILE A 216 46.64 -5.05 -2.43
CA ILE A 216 46.26 -4.96 -3.87
C ILE A 216 45.63 -3.59 -4.15
N ARG A 217 46.01 -2.98 -5.26
CA ARG A 217 45.41 -1.72 -5.75
C ARG A 217 44.39 -2.07 -6.84
N VAL A 218 43.31 -1.29 -6.94
CA VAL A 218 42.24 -1.48 -7.98
C VAL A 218 41.91 -0.12 -8.60
N ASN A 219 42.05 -0.01 -9.91
CA ASN A 219 41.65 1.23 -10.59
C ASN A 219 40.91 0.91 -11.90
N GLY A 220 40.40 1.96 -12.54
CA GLY A 220 39.73 1.87 -13.84
C GLY A 220 40.17 3.01 -14.73
N ILE A 221 40.05 2.82 -16.03
CA ILE A 221 40.19 3.85 -17.08
C ILE A 221 38.88 3.92 -17.87
N ALA A 222 38.27 5.10 -17.90
CA ALA A 222 37.13 5.46 -18.75
C ALA A 222 37.69 6.14 -20.00
N PRO A 223 37.85 5.41 -21.12
CA PRO A 223 38.46 5.97 -22.32
C PRO A 223 37.47 6.86 -23.10
N GLY A 224 37.98 7.89 -23.78
CA GLY A 224 37.20 8.71 -24.72
C GLY A 224 37.00 7.94 -26.01
N ALA A 225 36.69 8.63 -27.11
CA ALA A 225 36.64 8.02 -28.45
C ALA A 225 38.07 7.70 -28.93
N ILE A 226 38.41 6.41 -29.00
CA ILE A 226 39.73 5.95 -29.51
C ILE A 226 39.61 5.70 -31.01
N LEU A 227 40.44 6.41 -31.78
CA LEU A 227 40.74 6.21 -33.21
C LEU A 227 41.59 4.93 -33.39
N THR A 228 41.01 3.75 -33.11
CA THR A 228 41.65 2.40 -33.27
C THR A 228 41.62 2.00 -34.76
N ASP A 229 42.35 0.93 -35.11
CA ASP A 229 42.38 0.39 -36.50
C ASP A 229 40.95 0.19 -37.01
N ALA A 230 40.10 -0.47 -36.21
CA ALA A 230 38.66 -0.71 -36.49
C ALA A 230 37.97 0.60 -36.88
N LEU A 231 38.00 1.59 -36.00
CA LEU A 231 37.28 2.88 -36.18
C LEU A 231 37.84 3.63 -37.41
N LYS A 232 39.13 3.47 -37.72
CA LYS A 232 39.83 4.26 -38.77
C LYS A 232 39.27 3.88 -40.16
N SER A 233 38.80 2.64 -40.29
CA SER A 233 37.93 2.18 -41.40
C SER A 233 36.68 3.07 -41.41
N VAL A 234 35.89 3.02 -40.34
CA VAL A 234 34.56 3.71 -40.19
C VAL A 234 34.71 5.20 -40.54
N ILE A 235 35.54 5.91 -39.76
CA ILE A 235 35.47 7.39 -39.52
C ILE A 235 35.85 8.20 -40.78
N THR A 236 34.81 8.80 -41.38
CA THR A 236 34.87 9.92 -42.36
C THR A 236 35.41 11.16 -41.65
N PRO A 237 35.91 12.18 -42.39
CA PRO A 237 36.52 13.36 -41.76
C PRO A 237 35.44 14.40 -41.37
N GLU A 238 34.17 14.10 -41.62
CA GLU A 238 32.98 14.93 -41.27
C GLU A 238 32.48 14.53 -39.87
N ILE A 239 32.52 13.23 -39.56
CA ILE A 239 32.16 12.64 -38.24
C ILE A 239 33.20 13.12 -37.19
N GLU A 240 34.49 13.06 -37.52
CA GLU A 240 35.60 13.64 -36.71
C GLU A 240 35.14 15.00 -36.13
N GLN A 241 34.79 15.98 -36.97
CA GLN A 241 34.28 17.32 -36.53
C GLN A 241 33.23 17.15 -35.42
N LYS A 242 32.20 16.33 -35.68
CA LYS A 242 30.99 16.20 -34.84
C LYS A 242 31.35 15.61 -33.47
N MET A 243 32.24 14.62 -33.45
CA MET A 243 32.63 13.91 -32.20
C MET A 243 33.43 14.84 -31.29
N LEU A 244 34.35 15.62 -31.87
CA LEU A 244 35.30 16.48 -31.12
C LEU A 244 34.69 17.85 -30.78
N GLN A 245 33.41 18.09 -31.15
CA GLN A 245 32.81 19.46 -31.15
C GLN A 245 32.66 19.95 -29.71
N HIS A 246 32.74 19.07 -28.72
CA HIS A 246 32.77 19.46 -27.28
C HIS A 246 33.96 18.79 -26.59
N THR A 247 35.06 18.59 -27.32
CA THR A 247 36.30 18.00 -26.76
C THR A 247 37.35 19.09 -26.69
N PRO A 248 37.68 19.62 -25.49
CA PRO A 248 38.62 20.74 -25.34
C PRO A 248 40.03 20.54 -25.93
N ILE A 249 40.71 19.47 -25.57
CA ILE A 249 41.90 19.02 -26.33
C ILE A 249 41.38 18.36 -27.60
N ARG A 250 41.18 19.15 -28.65
CA ARG A 250 40.34 18.82 -29.83
C ARG A 250 41.12 17.89 -30.78
N ARG A 251 41.22 16.60 -30.41
CA ARG A 251 41.62 15.51 -31.31
C ARG A 251 40.98 14.21 -30.80
N LEU A 252 41.01 13.13 -31.58
CA LEU A 252 40.53 11.81 -31.12
C LEU A 252 41.69 11.13 -30.42
N GLY A 253 41.38 10.17 -29.57
CA GLY A 253 42.38 9.48 -28.74
C GLY A 253 43.06 8.45 -29.58
N GLN A 254 44.27 8.06 -29.19
CA GLN A 254 45.05 6.91 -29.75
C GLN A 254 45.09 5.79 -28.70
N PRO A 255 45.28 4.52 -29.13
CA PRO A 255 45.36 3.43 -28.16
C PRO A 255 46.50 3.69 -27.19
N GLN A 256 47.58 4.33 -27.65
CA GLN A 256 48.78 4.66 -26.84
C GLN A 256 48.36 5.51 -25.63
N ASP A 257 47.55 6.55 -25.83
CA ASP A 257 47.02 7.37 -24.72
C ASP A 257 46.48 6.44 -23.63
N ILE A 258 45.60 5.51 -23.99
CA ILE A 258 44.97 4.66 -22.95
C ILE A 258 46.00 3.68 -22.34
N ALA A 259 46.89 3.12 -23.15
CA ALA A 259 47.97 2.23 -22.70
C ALA A 259 48.97 2.98 -21.82
N ASN A 260 49.23 4.26 -22.09
CA ASN A 260 50.09 5.10 -21.21
C ASN A 260 49.48 5.17 -19.81
N ALA A 261 48.20 5.51 -19.73
CA ALA A 261 47.40 5.60 -18.48
C ALA A 261 47.46 4.27 -17.75
N ALA A 262 47.30 3.15 -18.47
CA ALA A 262 47.30 1.79 -17.88
C ALA A 262 48.69 1.47 -17.36
N LEU A 263 49.74 1.92 -18.06
CA LEU A 263 51.15 1.75 -17.64
C LEU A 263 51.38 2.49 -16.32
N PHE A 264 50.98 3.75 -16.25
CA PHE A 264 51.14 4.56 -15.02
C PHE A 264 50.48 3.78 -13.87
N LEU A 265 49.16 3.57 -13.93
CA LEU A 265 48.33 2.99 -12.82
C LEU A 265 48.80 1.60 -12.36
N CYS A 266 49.44 0.81 -13.22
CA CYS A 266 49.82 -0.60 -12.90
C CYS A 266 51.30 -0.68 -12.52
N SER A 267 51.92 0.48 -12.33
CA SER A 267 53.38 0.64 -12.13
C SER A 267 53.64 1.14 -10.71
N PRO A 268 54.87 0.97 -10.17
CA PRO A 268 55.20 1.41 -8.82
C PRO A 268 55.03 2.91 -8.53
N ALA A 269 54.97 3.74 -9.58
CA ALA A 269 54.73 5.19 -9.51
C ALA A 269 53.27 5.50 -9.17
N ALA A 270 52.37 4.53 -9.26
CA ALA A 270 50.98 4.67 -8.77
C ALA A 270 50.73 3.72 -7.57
N SER A 271 51.76 3.39 -6.78
CA SER A 271 51.70 2.62 -5.51
C SER A 271 50.79 3.27 -4.46
N TRP A 272 50.54 4.58 -4.54
CA TRP A 272 49.61 5.29 -3.63
C TRP A 272 48.29 5.65 -4.35
N VAL A 273 47.98 5.00 -5.48
CA VAL A 273 46.75 5.26 -6.28
C VAL A 273 45.91 3.97 -6.22
N SER A 274 44.71 4.03 -5.61
CA SER A 274 43.74 2.91 -5.56
C SER A 274 42.33 3.44 -5.39
N GLY A 275 41.34 2.77 -6.02
CA GLY A 275 39.90 3.03 -5.88
C GLY A 275 39.50 4.21 -6.73
N GLN A 276 40.21 4.39 -7.84
CA GLN A 276 40.17 5.57 -8.73
C GLN A 276 39.81 5.15 -10.16
N ILE A 277 39.05 6.02 -10.81
CA ILE A 277 38.66 5.97 -12.23
C ILE A 277 39.27 7.18 -12.92
N LEU A 278 40.33 6.97 -13.71
CA LEU A 278 40.94 8.03 -14.54
C LEU A 278 40.21 8.08 -15.90
N THR A 279 39.62 9.22 -16.26
CA THR A 279 38.98 9.46 -17.57
C THR A 279 40.02 10.08 -18.52
N VAL A 280 40.31 9.41 -19.64
CA VAL A 280 41.16 9.93 -20.74
C VAL A 280 40.27 10.16 -21.95
N SER A 281 39.87 11.41 -22.17
CA SER A 281 38.95 11.85 -23.25
C SER A 281 39.14 13.36 -23.53
N GLY A 282 40.37 13.85 -23.48
CA GLY A 282 40.75 15.24 -23.78
C GLY A 282 39.91 16.25 -23.04
N GLY A 283 39.27 15.84 -21.94
CA GLY A 283 38.47 16.76 -21.10
C GLY A 283 37.00 16.85 -21.49
N GLY A 284 36.55 16.09 -22.49
CA GLY A 284 35.12 16.07 -22.87
C GLY A 284 34.59 14.66 -23.14
N VAL A 285 33.42 14.59 -23.78
CA VAL A 285 32.78 13.32 -24.22
C VAL A 285 32.63 13.42 -25.73
N GLN A 286 32.65 12.30 -26.44
CA GLN A 286 32.58 12.24 -27.93
C GLN A 286 31.33 11.45 -28.33
N GLU A 287 30.25 12.11 -28.81
CA GLU A 287 28.99 11.40 -29.21
C GLU A 287 29.09 10.77 -30.61
N LEU A 288 28.18 9.83 -30.90
CA LEU A 288 28.17 8.95 -32.11
C LEU A 288 26.89 8.10 -32.11
N ASN B 37 57.57 6.52 -23.98
CA ASN B 37 56.72 5.74 -23.02
C ASN B 37 57.34 5.81 -21.62
N SER B 38 58.68 5.81 -21.55
CA SER B 38 59.54 6.02 -20.34
C SER B 38 60.42 7.28 -20.49
N ASP B 39 60.55 7.76 -21.73
CA ASP B 39 61.01 9.13 -22.11
C ASP B 39 59.80 10.08 -22.19
N ASN B 40 58.59 9.50 -22.16
CA ASN B 40 57.30 10.23 -22.10
C ASN B 40 57.16 10.89 -20.73
N LEU B 41 57.80 10.29 -19.71
CA LEU B 41 57.82 10.77 -18.31
C LEU B 41 59.04 11.68 -18.12
N ARG B 42 59.56 12.28 -19.20
CA ARG B 42 60.64 13.30 -19.13
C ARG B 42 60.08 14.64 -19.59
N LEU B 43 60.80 15.71 -19.28
CA LEU B 43 60.35 17.11 -19.43
C LEU B 43 61.51 17.98 -19.98
N ASP B 44 62.57 17.33 -20.47
CA ASP B 44 63.72 18.01 -21.10
C ASP B 44 63.13 19.07 -22.04
N GLY B 45 63.58 20.32 -21.95
CA GLY B 45 63.13 21.41 -22.82
C GLY B 45 61.93 22.13 -22.25
N LYS B 46 61.31 21.60 -21.18
CA LYS B 46 60.07 22.16 -20.59
C LYS B 46 60.45 23.10 -19.45
N CYS B 47 59.58 24.05 -19.14
CA CYS B 47 59.80 25.12 -18.14
C CYS B 47 58.56 25.19 -17.23
N ALA B 48 58.78 25.08 -15.92
CA ALA B 48 57.74 24.77 -14.92
C ALA B 48 57.81 25.79 -13.80
N ILE B 49 56.64 26.34 -13.40
CA ILE B 49 56.49 27.12 -12.15
C ILE B 49 55.87 26.16 -11.13
N ILE B 50 56.45 26.06 -9.93
CA ILE B 50 55.84 25.31 -8.80
C ILE B 50 55.71 26.28 -7.64
N THR B 51 54.49 26.47 -7.15
CA THR B 51 54.16 27.25 -5.94
C THR B 51 54.24 26.32 -4.74
N GLY B 52 54.40 26.89 -3.55
CA GLY B 52 54.52 26.14 -2.29
C GLY B 52 55.51 25.01 -2.41
N ALA B 53 56.68 25.26 -2.99
CA ALA B 53 57.71 24.25 -3.26
C ALA B 53 58.80 24.29 -2.20
N GLY B 54 58.63 25.10 -1.15
CA GLY B 54 59.58 25.20 -0.02
C GLY B 54 59.67 23.92 0.78
N ALA B 55 58.56 23.21 0.97
CA ALA B 55 58.43 22.07 1.91
C ALA B 55 57.34 21.09 1.44
N GLY B 56 57.28 19.91 2.05
CA GLY B 56 56.28 18.88 1.77
C GLY B 56 56.15 18.57 0.29
N ILE B 57 54.91 18.46 -0.19
CA ILE B 57 54.53 17.89 -1.51
C ILE B 57 55.06 18.79 -2.61
N GLY B 58 54.81 20.09 -2.51
CA GLY B 58 55.41 21.07 -3.42
C GLY B 58 56.88 20.75 -3.64
N LYS B 59 57.66 20.63 -2.56
CA LYS B 59 59.12 20.39 -2.60
C LYS B 59 59.42 19.21 -3.54
N GLU B 60 58.81 18.04 -3.36
CA GLU B 60 59.12 16.82 -4.17
C GLU B 60 58.56 16.98 -5.58
N ILE B 61 57.49 17.73 -5.82
CA ILE B 61 57.11 18.08 -7.23
C ILE B 61 58.31 18.77 -7.86
N ALA B 62 58.84 19.81 -7.23
CA ALA B 62 59.94 20.65 -7.81
C ALA B 62 61.17 19.76 -8.09
N ILE B 63 61.52 18.89 -7.15
CA ILE B 63 62.73 18.03 -7.26
C ILE B 63 62.48 16.98 -8.35
N THR B 64 61.30 16.33 -8.32
CA THR B 64 60.91 15.32 -9.34
C THR B 64 60.91 15.94 -10.74
N PHE B 65 60.36 17.14 -10.96
CA PHE B 65 60.27 17.77 -12.30
C PHE B 65 61.68 18.19 -12.76
N ALA B 66 62.48 18.80 -11.88
CA ALA B 66 63.88 19.19 -12.21
C ALA B 66 64.66 17.96 -12.67
N THR B 67 64.64 16.91 -11.84
CA THR B 67 65.35 15.63 -12.05
C THR B 67 64.83 14.97 -13.33
N ALA B 68 63.59 15.23 -13.76
CA ALA B 68 63.02 14.74 -15.04
C ALA B 68 63.38 15.66 -16.23
N GLY B 69 64.16 16.73 -16.02
CA GLY B 69 64.85 17.47 -17.08
C GLY B 69 64.22 18.81 -17.38
N ALA B 70 63.27 19.26 -16.55
CA ALA B 70 62.54 20.54 -16.70
C ALA B 70 63.30 21.65 -15.99
N SER B 71 63.34 22.84 -16.59
CA SER B 71 63.75 24.06 -15.89
C SER B 71 62.58 24.49 -15.03
N VAL B 72 62.85 24.89 -13.81
CA VAL B 72 61.84 24.93 -12.71
C VAL B 72 62.05 26.25 -11.98
N VAL B 73 60.97 27.02 -11.80
CA VAL B 73 60.95 28.12 -10.82
C VAL B 73 60.40 27.55 -9.53
N VAL B 74 61.20 27.52 -8.47
CA VAL B 74 60.78 27.08 -7.11
C VAL B 74 60.31 28.32 -6.38
N SER B 75 59.02 28.33 -6.03
CA SER B 75 58.31 29.47 -5.39
C SER B 75 57.77 28.99 -4.05
N ASP B 76 58.08 29.73 -2.97
CA ASP B 76 57.45 29.54 -1.65
C ASP B 76 57.14 30.90 -1.02
N ILE B 77 56.26 30.92 -0.02
CA ILE B 77 55.98 32.14 0.81
C ILE B 77 57.30 32.60 1.45
N ASN B 78 58.27 31.67 1.59
CA ASN B 78 59.49 31.81 2.40
C ASN B 78 60.75 31.72 1.55
N ALA B 79 61.40 32.86 1.28
CA ALA B 79 62.65 32.97 0.50
C ALA B 79 63.66 31.86 0.86
N ASP B 80 64.00 31.72 2.13
CA ASP B 80 65.02 30.74 2.61
C ASP B 80 64.62 29.35 2.12
N ALA B 81 63.36 28.97 2.34
CA ALA B 81 62.81 27.63 2.04
C ALA B 81 62.91 27.39 0.54
N ALA B 82 62.63 28.42 -0.26
CA ALA B 82 62.79 28.38 -1.73
C ALA B 82 64.24 28.03 -2.10
N ASN B 83 65.21 28.81 -1.61
CA ASN B 83 66.66 28.63 -1.90
C ASN B 83 67.15 27.25 -1.42
N HIS B 84 66.59 26.67 -0.35
CA HIS B 84 67.05 25.34 0.14
C HIS B 84 66.70 24.27 -0.89
N VAL B 85 65.49 24.35 -1.44
CA VAL B 85 65.00 23.36 -2.44
C VAL B 85 65.83 23.53 -3.72
N VAL B 86 66.21 24.75 -4.05
CA VAL B 86 67.07 25.02 -5.24
C VAL B 86 68.48 24.43 -5.03
N ASP B 87 69.10 24.62 -3.85
CA ASP B 87 70.43 24.01 -3.56
C ASP B 87 70.32 22.52 -3.86
N GLU B 88 69.25 21.91 -3.34
CA GLU B 88 68.98 20.45 -3.40
C GLU B 88 68.85 20.05 -4.87
N ILE B 89 68.16 20.87 -5.69
CA ILE B 89 67.94 20.58 -7.14
C ILE B 89 69.31 20.73 -7.86
N GLN B 90 69.95 21.89 -7.71
CA GLN B 90 71.26 22.26 -8.35
C GLN B 90 72.33 21.22 -8.00
N GLN B 91 72.35 20.71 -6.78
CA GLN B 91 73.33 19.67 -6.39
C GLN B 91 72.92 18.30 -6.95
N LEU B 92 71.82 18.19 -7.68
CA LEU B 92 71.35 16.92 -8.30
C LEU B 92 71.50 16.99 -9.83
N GLY B 93 72.06 18.08 -10.36
CA GLY B 93 71.84 18.51 -11.76
C GLY B 93 70.50 19.17 -11.85
N GLY B 94 70.02 19.48 -13.03
CA GLY B 94 68.69 20.12 -13.10
C GLY B 94 68.80 21.60 -12.79
N GLN B 95 68.23 22.42 -13.66
CA GLN B 95 68.13 23.89 -13.54
C GLN B 95 66.96 24.22 -12.61
N ALA B 96 67.13 25.22 -11.76
CA ALA B 96 66.13 25.71 -10.78
C ALA B 96 66.48 27.14 -10.38
N PHE B 97 65.47 27.96 -10.14
CA PHE B 97 65.60 29.34 -9.63
C PHE B 97 64.58 29.54 -8.50
N ALA B 98 65.01 30.13 -7.38
CA ALA B 98 64.14 30.53 -6.27
C ALA B 98 63.43 31.87 -6.57
N CYS B 99 62.16 31.96 -6.16
CA CYS B 99 61.38 33.21 -6.14
C CYS B 99 60.45 33.21 -4.92
N ARG B 100 60.68 34.12 -3.96
CA ARG B 100 59.70 34.37 -2.87
C ARG B 100 58.44 34.94 -3.55
N CYS B 101 57.25 34.54 -3.10
CA CYS B 101 55.95 35.06 -3.55
C CYS B 101 54.86 34.71 -2.53
N ASP B 102 54.08 35.70 -2.11
CA ASP B 102 52.78 35.48 -1.42
C ASP B 102 51.70 35.32 -2.49
N ILE B 103 51.07 34.15 -2.55
CA ILE B 103 50.15 33.75 -3.66
C ILE B 103 48.77 34.43 -3.50
N THR B 104 48.55 35.15 -2.39
CA THR B 104 47.28 35.88 -2.06
C THR B 104 47.40 37.37 -2.42
N SER B 105 48.50 37.76 -3.08
CA SER B 105 48.70 39.08 -3.72
C SER B 105 48.83 38.90 -5.24
N GLU B 106 47.99 39.60 -6.00
CA GLU B 106 47.96 39.54 -7.49
C GLU B 106 49.26 40.19 -8.00
N GLN B 107 49.58 41.39 -7.52
CA GLN B 107 50.86 42.07 -7.85
C GLN B 107 52.00 41.05 -7.73
N GLU B 108 52.03 40.28 -6.64
CA GLU B 108 53.07 39.25 -6.36
C GLU B 108 53.01 38.10 -7.39
N LEU B 109 51.82 37.56 -7.67
CA LEU B 109 51.61 36.48 -8.68
C LEU B 109 52.13 36.93 -10.05
N SER B 110 51.80 38.15 -10.47
CA SER B 110 52.34 38.75 -11.72
C SER B 110 53.88 38.76 -11.64
N ALA B 111 54.47 39.12 -10.49
CA ALA B 111 55.94 39.22 -10.32
C ALA B 111 56.55 37.88 -10.68
N LEU B 112 55.99 36.81 -10.10
CA LEU B 112 56.38 35.39 -10.33
C LEU B 112 56.32 35.06 -11.83
N ALA B 113 55.20 35.30 -12.50
CA ALA B 113 55.03 35.07 -13.95
C ALA B 113 56.12 35.83 -14.71
N ASP B 114 56.23 37.14 -14.51
CA ASP B 114 57.24 38.01 -15.18
C ASP B 114 58.65 37.49 -14.89
N PHE B 115 58.92 37.08 -13.65
CA PHE B 115 60.20 36.42 -13.26
C PHE B 115 60.41 35.13 -14.07
N ALA B 116 59.39 34.25 -14.11
CA ALA B 116 59.44 32.94 -14.78
C ALA B 116 59.85 33.13 -16.24
N ILE B 117 59.25 34.11 -16.93
CA ILE B 117 59.51 34.35 -18.38
C ILE B 117 60.90 34.97 -18.49
N SER B 118 61.34 35.70 -17.47
CA SER B 118 62.64 36.41 -17.47
C SER B 118 63.80 35.42 -17.33
N LYS B 119 63.63 34.38 -16.53
CA LYS B 119 64.72 33.40 -16.21
C LYS B 119 64.61 32.21 -17.15
N LEU B 120 63.41 31.88 -17.62
CA LEU B 120 63.17 30.64 -18.40
C LEU B 120 62.93 30.94 -19.88
N GLY B 121 62.50 32.14 -20.26
CA GLY B 121 62.12 32.46 -21.66
C GLY B 121 60.69 32.06 -22.01
N LYS B 122 60.17 30.94 -21.50
CA LYS B 122 58.77 30.49 -21.77
C LYS B 122 58.18 29.79 -20.54
N VAL B 123 56.92 29.37 -20.62
CA VAL B 123 56.23 28.58 -19.57
C VAL B 123 55.37 27.51 -20.24
N ASP B 124 55.61 26.24 -19.90
CA ASP B 124 54.91 25.08 -20.49
C ASP B 124 54.08 24.36 -19.42
N ILE B 125 54.51 24.51 -18.16
CA ILE B 125 53.99 23.77 -16.99
C ILE B 125 53.80 24.76 -15.82
N LEU B 126 52.61 24.78 -15.24
CA LEU B 126 52.34 25.36 -13.92
C LEU B 126 51.84 24.22 -13.03
N VAL B 127 52.55 23.91 -11.93
CA VAL B 127 52.06 23.09 -10.78
C VAL B 127 51.77 24.05 -9.64
N ASN B 128 50.56 23.99 -9.07
CA ASN B 128 50.10 24.95 -8.02
C ASN B 128 49.75 24.16 -6.75
N ASN B 129 50.50 24.39 -5.67
CA ASN B 129 50.26 23.76 -4.33
C ASN B 129 49.53 24.73 -3.40
N ALA B 130 48.54 24.22 -2.66
CA ALA B 130 47.68 24.99 -1.71
C ALA B 130 48.37 25.04 -0.34
N GLY B 131 48.87 23.89 0.11
CA GLY B 131 49.41 23.67 1.46
C GLY B 131 48.44 22.87 2.31
N GLY B 132 48.93 21.81 2.97
CA GLY B 132 48.14 20.86 3.78
C GLY B 132 46.68 21.27 3.91
N GLY B 133 46.43 22.35 4.67
CA GLY B 133 45.10 22.91 5.00
C GLY B 133 44.63 22.45 6.38
N GLY B 134 43.79 21.42 6.42
CA GLY B 134 43.42 20.69 7.65
C GLY B 134 42.21 21.30 8.35
N PRO B 135 41.88 20.84 9.58
CA PRO B 135 40.58 21.11 10.19
C PRO B 135 40.40 22.54 10.74
N LYS B 136 39.14 22.90 11.02
CA LYS B 136 38.66 24.27 11.34
C LYS B 136 37.22 24.20 11.90
N PRO B 137 36.89 24.94 13.00
CA PRO B 137 35.55 24.91 13.59
C PRO B 137 34.53 25.76 12.82
N PHE B 138 33.24 25.39 12.87
CA PHE B 138 32.15 26.06 12.14
C PHE B 138 32.15 27.57 12.40
N ASP B 139 32.46 27.95 13.66
CA ASP B 139 32.37 29.35 14.18
C ASP B 139 33.68 30.11 13.90
N MET B 140 34.50 29.64 12.96
CA MET B 140 35.78 30.30 12.60
C MET B 140 35.50 31.74 12.17
N PRO B 141 36.46 32.68 12.39
CA PRO B 141 36.31 34.05 11.89
C PRO B 141 36.28 33.94 10.36
N MET B 142 35.56 34.83 9.67
CA MET B 142 35.41 34.80 8.19
C MET B 142 36.77 34.78 7.48
N ALA B 143 37.73 35.58 7.93
CA ALA B 143 39.10 35.66 7.36
C ALA B 143 39.67 34.23 7.24
N ASP B 144 39.53 33.44 8.31
CA ASP B 144 40.03 32.03 8.37
C ASP B 144 39.33 31.16 7.33
N PHE B 145 38.04 31.39 7.06
CA PHE B 145 37.29 30.70 5.98
C PHE B 145 37.73 31.24 4.61
N ARG B 146 37.82 32.57 4.45
CA ARG B 146 38.30 33.22 3.19
C ARG B 146 39.74 32.79 2.83
N ARG B 147 40.61 32.59 3.81
CA ARG B 147 42.06 32.26 3.61
C ARG B 147 42.21 31.01 2.74
N ALA B 148 41.49 29.93 3.08
CA ALA B 148 41.44 28.66 2.30
C ALA B 148 41.16 28.96 0.83
N TYR B 149 40.34 29.96 0.53
CA TYR B 149 39.88 30.26 -0.85
C TYR B 149 41.02 30.89 -1.65
N GLU B 150 41.78 31.79 -1.03
CA GLU B 150 43.06 32.31 -1.57
C GLU B 150 43.95 31.12 -1.92
N LEU B 151 44.34 30.33 -0.91
CA LEU B 151 45.30 29.22 -1.09
C LEU B 151 44.80 28.33 -2.23
N ASN B 152 43.60 27.76 -2.12
CA ASN B 152 43.20 26.61 -2.96
C ASN B 152 42.51 27.09 -4.24
N VAL B 153 41.78 28.22 -4.24
CA VAL B 153 40.97 28.65 -5.43
C VAL B 153 41.58 29.85 -6.15
N PHE B 154 41.70 30.99 -5.49
CA PHE B 154 41.89 32.33 -6.13
C PHE B 154 43.29 32.44 -6.76
N SER B 155 44.36 32.50 -5.96
CA SER B 155 45.79 32.38 -6.37
C SER B 155 45.95 31.45 -7.60
N PHE B 156 45.43 30.22 -7.50
CA PHE B 156 45.45 29.18 -8.56
C PHE B 156 44.78 29.67 -9.84
N PHE B 157 43.63 30.33 -9.72
CA PHE B 157 42.86 30.82 -10.90
C PHE B 157 43.58 32.00 -11.54
N HIS B 158 44.19 32.87 -10.76
CA HIS B 158 44.92 34.06 -11.29
C HIS B 158 46.26 33.63 -11.89
N LEU B 159 47.04 32.79 -11.21
CA LEU B 159 48.33 32.32 -11.78
C LEU B 159 48.01 31.65 -13.13
N SER B 160 46.90 30.91 -13.23
CA SER B 160 46.45 30.26 -14.50
C SER B 160 46.15 31.32 -15.58
N GLN B 161 45.57 32.47 -15.22
CA GLN B 161 45.36 33.64 -16.13
C GLN B 161 46.71 34.21 -16.57
N LEU B 162 47.67 34.29 -15.66
CA LEU B 162 49.01 34.89 -15.91
C LEU B 162 49.82 34.03 -16.88
N VAL B 163 49.66 32.71 -16.84
CA VAL B 163 50.57 31.78 -17.56
C VAL B 163 49.96 31.32 -18.90
N ALA B 164 48.65 31.48 -19.10
CA ALA B 164 47.95 30.92 -20.28
C ALA B 164 48.51 31.58 -21.53
N PRO B 165 48.61 32.94 -21.63
CA PRO B 165 49.16 33.60 -22.82
C PRO B 165 50.57 33.10 -23.21
N GLU B 166 51.45 32.91 -22.24
CA GLU B 166 52.81 32.35 -22.45
C GLU B 166 52.69 30.97 -23.09
N MET B 167 51.87 30.11 -22.49
CA MET B 167 51.73 28.71 -22.95
C MET B 167 51.24 28.72 -24.41
N GLU B 168 50.18 29.47 -24.68
CA GLU B 168 49.48 29.58 -25.99
C GLU B 168 50.50 29.93 -27.07
N LYS B 169 51.36 30.94 -26.83
CA LYS B 169 52.50 31.34 -27.70
C LYS B 169 53.22 30.08 -28.20
N ASN B 170 53.57 29.18 -27.28
CA ASN B 170 54.43 27.99 -27.50
C ASN B 170 53.61 26.77 -27.92
N GLY B 171 52.43 26.97 -28.48
CA GLY B 171 51.64 25.87 -29.08
C GLY B 171 51.06 24.91 -28.05
N GLY B 172 50.96 25.36 -26.79
CA GLY B 172 50.23 24.65 -25.73
C GLY B 172 50.98 24.63 -24.41
N GLY B 173 50.44 23.89 -23.43
CA GLY B 173 51.10 23.53 -22.16
C GLY B 173 50.18 22.78 -21.22
N VAL B 174 50.52 22.71 -19.94
CA VAL B 174 49.70 21.99 -18.94
C VAL B 174 49.70 22.75 -17.61
N ILE B 175 48.51 22.91 -17.03
CA ILE B 175 48.29 23.49 -15.68
C ILE B 175 47.87 22.35 -14.77
N LEU B 176 48.33 22.35 -13.52
CA LEU B 176 48.01 21.29 -12.54
C LEU B 176 47.88 21.92 -11.17
N THR B 177 46.78 21.70 -10.45
CA THR B 177 46.65 22.09 -9.03
C THR B 177 46.65 20.84 -8.10
N ILE B 178 47.50 20.91 -7.08
CA ILE B 178 47.47 20.03 -5.87
C ILE B 178 46.59 20.72 -4.84
N THR B 179 45.42 20.15 -4.58
CA THR B 179 44.43 20.66 -3.58
C THR B 179 44.91 20.30 -2.17
N SER B 180 44.35 20.96 -1.17
CA SER B 180 44.50 20.59 0.26
C SER B 180 44.21 19.09 0.42
N MET B 181 44.47 18.53 1.61
CA MET B 181 44.05 17.16 1.98
C MET B 181 42.68 17.23 2.66
N LYS B 186 35.77 11.57 7.39
CA LYS B 186 36.70 12.74 7.35
C LYS B 186 35.93 13.99 6.88
N ASN B 187 34.83 14.35 7.56
CA ASN B 187 33.81 15.30 7.03
C ASN B 187 33.37 16.37 8.06
N ILE B 188 33.64 16.21 9.37
CA ILE B 188 33.28 17.21 10.43
C ILE B 188 34.50 18.14 10.65
N ASN B 189 34.24 19.44 10.90
CA ASN B 189 35.28 20.48 11.15
C ASN B 189 36.14 20.67 9.89
N MET B 190 35.50 20.82 8.72
CA MET B 190 36.19 20.90 7.40
C MET B 190 35.49 21.86 6.43
N THR B 191 34.65 22.80 6.89
CA THR B 191 33.84 23.65 5.95
C THR B 191 34.75 24.45 4.99
N SER B 192 35.72 25.22 5.51
CA SER B 192 36.66 26.02 4.70
C SER B 192 37.34 25.17 3.60
N TYR B 193 38.02 24.06 3.94
CA TYR B 193 39.01 23.37 3.05
C TYR B 193 38.38 22.30 2.14
N ALA B 194 37.36 21.58 2.62
CA ALA B 194 36.50 20.68 1.81
C ALA B 194 35.74 21.52 0.76
N SER B 195 35.19 22.66 1.19
CA SER B 195 34.47 23.64 0.33
C SER B 195 35.42 24.19 -0.73
N SER B 196 36.59 24.69 -0.34
CA SER B 196 37.54 25.31 -1.29
C SER B 196 38.11 24.24 -2.25
N LYS B 197 38.28 22.99 -1.78
CA LYS B 197 38.79 21.85 -2.58
C LYS B 197 37.77 21.44 -3.68
N ALA B 198 36.48 21.46 -3.37
CA ALA B 198 35.38 21.14 -4.30
C ALA B 198 35.25 22.26 -5.36
N ALA B 199 35.41 23.53 -4.98
CA ALA B 199 35.45 24.68 -5.92
C ALA B 199 36.62 24.48 -6.90
N ALA B 200 37.82 24.22 -6.38
CA ALA B 200 39.03 24.07 -7.22
C ALA B 200 38.83 22.90 -8.18
N SER B 201 38.10 21.87 -7.76
CA SER B 201 37.93 20.63 -8.55
C SER B 201 36.99 20.90 -9.73
N HIS B 202 35.88 21.60 -9.50
CA HIS B 202 34.93 21.94 -10.58
C HIS B 202 35.50 23.12 -11.40
N LEU B 203 36.43 23.88 -10.83
CA LEU B 203 37.19 24.92 -11.57
C LEU B 203 38.10 24.25 -12.60
N VAL B 204 38.64 23.08 -12.25
CA VAL B 204 39.57 22.33 -13.13
C VAL B 204 38.77 21.90 -14.37
N ARG B 205 37.62 21.26 -14.13
CA ARG B 205 36.72 20.68 -15.14
C ARG B 205 36.29 21.74 -16.14
N ASN B 206 36.06 22.97 -15.68
CA ASN B 206 35.55 24.09 -16.52
C ASN B 206 36.72 24.76 -17.21
N MET B 207 37.76 25.15 -16.47
CA MET B 207 39.03 25.68 -17.03
C MET B 207 39.44 24.83 -18.24
N ALA B 208 39.25 23.51 -18.16
CA ALA B 208 39.73 22.59 -19.22
C ALA B 208 39.05 22.93 -20.54
N PHE B 209 37.80 23.39 -20.50
CA PHE B 209 37.07 23.88 -21.70
C PHE B 209 37.69 25.18 -22.21
N ASP B 210 37.65 26.22 -21.40
CA ASP B 210 38.26 27.54 -21.67
C ASP B 210 39.66 27.35 -22.27
N LEU B 211 40.54 26.51 -21.70
CA LEU B 211 42.00 26.48 -22.05
C LEU B 211 42.36 25.38 -23.06
N GLY B 212 41.44 24.45 -23.35
CA GLY B 212 41.66 23.37 -24.34
C GLY B 212 41.79 23.89 -25.76
N GLU B 213 41.15 25.03 -26.05
CA GLU B 213 41.23 25.77 -27.34
C GLU B 213 42.69 26.19 -27.59
N LYS B 214 43.38 26.66 -26.56
CA LYS B 214 44.81 27.04 -26.54
C LYS B 214 45.69 25.78 -26.44
N ASN B 215 45.10 24.60 -26.47
CA ASN B 215 45.85 23.32 -26.31
C ASN B 215 46.63 23.38 -25.00
N ILE B 216 45.96 23.75 -23.91
CA ILE B 216 46.46 23.70 -22.50
C ILE B 216 45.60 22.70 -21.73
N ARG B 217 46.20 21.57 -21.33
CA ARG B 217 45.57 20.57 -20.44
C ARG B 217 45.41 21.18 -19.03
N VAL B 218 44.30 20.90 -18.33
CA VAL B 218 44.10 21.29 -16.91
C VAL B 218 43.65 20.07 -16.10
N ASN B 219 44.31 19.82 -14.97
CA ASN B 219 43.99 18.66 -14.08
C ASN B 219 44.38 19.01 -12.65
N GLY B 220 44.07 18.09 -11.73
CA GLY B 220 44.31 18.20 -10.29
C GLY B 220 44.57 16.85 -9.64
N ILE B 221 45.28 16.89 -8.51
CA ILE B 221 45.56 15.76 -7.60
C ILE B 221 44.89 16.12 -6.27
N ALA B 222 44.19 15.15 -5.65
CA ALA B 222 43.70 15.25 -4.26
C ALA B 222 44.57 14.32 -3.41
N PRO B 223 45.60 14.84 -2.72
CA PRO B 223 46.54 13.99 -1.98
C PRO B 223 45.88 13.54 -0.68
N GLY B 224 46.29 12.42 -0.09
CA GLY B 224 45.44 11.68 0.85
C GLY B 224 46.06 11.37 2.20
N ALA B 225 46.59 10.15 2.33
CA ALA B 225 47.08 9.59 3.61
C ALA B 225 48.61 9.63 3.55
N ILE B 226 49.12 10.85 3.52
CA ILE B 226 50.57 11.13 3.31
C ILE B 226 51.25 11.20 4.67
N LEU B 227 52.28 10.39 4.85
CA LEU B 227 53.27 10.58 5.93
C LEU B 227 53.98 11.90 5.69
N THR B 228 53.43 13.01 6.22
CA THR B 228 54.01 14.38 6.19
C THR B 228 54.89 14.61 7.43
N ASP B 229 55.60 15.74 7.44
CA ASP B 229 56.55 16.17 8.51
C ASP B 229 55.82 16.23 9.85
N ALA B 230 54.68 16.92 9.86
CA ALA B 230 53.75 16.97 11.01
C ALA B 230 53.74 15.57 11.63
N LEU B 231 53.30 14.58 10.86
CA LEU B 231 53.04 13.20 11.36
C LEU B 231 54.36 12.48 11.68
N LYS B 232 55.52 13.00 11.27
CA LYS B 232 56.86 12.47 11.64
C LYS B 232 57.26 12.92 13.05
N SER B 233 57.26 14.24 13.33
CA SER B 233 57.56 14.80 14.67
C SER B 233 56.69 14.14 15.76
N VAL B 234 55.62 13.42 15.35
CA VAL B 234 54.46 13.00 16.19
C VAL B 234 54.35 11.48 16.22
N ILE B 235 55.18 10.73 15.49
CA ILE B 235 55.12 9.23 15.49
C ILE B 235 56.18 8.70 16.47
N THR B 236 55.77 7.81 17.36
CA THR B 236 56.62 7.16 18.38
C THR B 236 56.93 5.74 17.89
N PRO B 237 58.12 5.18 18.25
CA PRO B 237 58.41 3.75 18.08
C PRO B 237 57.24 2.74 18.08
N GLU B 238 56.32 2.86 19.05
CA GLU B 238 55.20 1.91 19.29
C GLU B 238 54.20 1.90 18.12
N ILE B 239 54.11 2.98 17.33
CA ILE B 239 53.07 3.12 16.25
C ILE B 239 53.67 2.71 14.90
N GLU B 240 54.97 2.99 14.67
CA GLU B 240 55.73 2.60 13.44
C GLU B 240 55.79 1.06 13.30
N GLN B 241 55.64 0.31 14.41
CA GLN B 241 55.64 -1.17 14.47
C GLN B 241 54.20 -1.69 14.31
N LYS B 242 53.25 -1.03 14.99
CA LYS B 242 51.78 -1.30 14.91
C LYS B 242 51.31 -1.15 13.46
N MET B 243 51.75 -0.10 12.75
CA MET B 243 51.41 0.22 11.33
C MET B 243 52.01 -0.86 10.41
N LEU B 244 53.24 -1.33 10.68
CA LEU B 244 53.98 -2.34 9.86
C LEU B 244 53.25 -3.70 9.90
N GLN B 245 52.29 -3.90 10.82
CA GLN B 245 51.36 -5.07 10.88
C GLN B 245 50.41 -5.02 9.68
N HIS B 246 50.00 -3.81 9.26
CA HIS B 246 49.12 -3.55 8.08
C HIS B 246 49.93 -3.73 6.79
N THR B 247 49.26 -3.90 5.65
CA THR B 247 49.87 -4.02 4.29
C THR B 247 50.22 -2.61 3.75
N PRO B 248 51.31 -2.45 2.95
CA PRO B 248 51.77 -1.13 2.48
C PRO B 248 50.72 -0.11 2.01
N ILE B 249 49.59 -0.58 1.44
CA ILE B 249 48.46 0.24 0.91
C ILE B 249 47.47 0.63 2.03
N ARG B 250 47.66 0.09 3.25
CA ARG B 250 46.81 0.37 4.43
C ARG B 250 47.57 1.31 5.39
N ARG B 251 48.81 1.67 5.06
CA ARG B 251 49.67 2.57 5.87
C ARG B 251 49.53 4.00 5.33
N LEU B 252 50.66 4.71 5.19
CA LEU B 252 50.72 6.07 4.58
C LEU B 252 51.72 6.03 3.41
N GLY B 253 51.38 6.74 2.33
CA GLY B 253 52.31 6.99 1.20
C GLY B 253 53.20 8.17 1.51
N GLN B 254 54.15 8.47 0.63
CA GLN B 254 55.15 9.55 0.79
C GLN B 254 54.74 10.71 -0.12
N PRO B 255 55.26 11.93 0.09
CA PRO B 255 55.07 13.00 -0.88
C PRO B 255 55.55 12.60 -2.29
N GLN B 256 56.54 11.69 -2.40
CA GLN B 256 57.04 11.22 -3.72
C GLN B 256 55.92 10.53 -4.50
N ASP B 257 54.88 10.05 -3.81
CA ASP B 257 53.68 9.39 -4.40
C ASP B 257 52.80 10.42 -5.12
N ILE B 258 52.69 11.61 -4.55
CA ILE B 258 51.97 12.74 -5.20
C ILE B 258 52.88 13.23 -6.33
N ALA B 259 54.20 13.23 -6.12
CA ALA B 259 55.16 13.83 -7.06
C ALA B 259 55.19 13.03 -8.37
N ASN B 260 55.15 11.70 -8.24
CA ASN B 260 55.12 10.72 -9.36
C ASN B 260 53.85 10.91 -10.19
N ALA B 261 52.70 11.15 -9.55
CA ALA B 261 51.42 11.31 -10.26
C ALA B 261 51.43 12.68 -10.95
N ALA B 262 51.99 13.68 -10.28
CA ALA B 262 52.09 15.06 -10.83
C ALA B 262 52.89 14.97 -12.13
N LEU B 263 53.96 14.17 -12.14
CA LEU B 263 54.90 14.09 -13.29
C LEU B 263 54.14 13.53 -14.49
N PHE B 264 53.48 12.40 -14.26
CA PHE B 264 52.69 11.65 -15.26
C PHE B 264 51.67 12.58 -15.94
N LEU B 265 50.86 13.23 -15.12
CA LEU B 265 49.80 14.16 -15.56
C LEU B 265 50.35 15.38 -16.30
N CYS B 266 51.61 15.78 -16.11
CA CYS B 266 52.22 16.98 -16.77
C CYS B 266 53.16 16.57 -17.90
N SER B 267 53.12 15.30 -18.28
CA SER B 267 54.04 14.61 -19.22
C SER B 267 53.34 14.35 -20.56
N PRO B 268 54.07 14.38 -21.69
CA PRO B 268 53.55 13.87 -22.95
C PRO B 268 52.67 12.61 -22.82
N ALA B 269 52.98 11.70 -21.87
CA ALA B 269 52.29 10.40 -21.66
C ALA B 269 50.80 10.58 -21.32
N ALA B 270 50.41 11.77 -20.86
CA ALA B 270 49.03 12.10 -20.50
C ALA B 270 48.52 13.22 -21.41
N SER B 271 48.99 13.24 -22.67
CA SER B 271 48.66 14.30 -23.67
C SER B 271 47.15 14.41 -23.93
N TRP B 272 46.35 13.36 -23.67
CA TRP B 272 44.86 13.47 -23.83
C TRP B 272 44.09 13.40 -22.49
N VAL B 273 44.73 13.73 -21.35
CA VAL B 273 44.11 13.73 -19.99
C VAL B 273 43.87 15.19 -19.59
N SER B 274 42.60 15.59 -19.43
CA SER B 274 42.20 16.95 -19.03
C SER B 274 40.88 16.93 -18.26
N GLY B 275 40.71 17.90 -17.37
CA GLY B 275 39.56 18.03 -16.45
C GLY B 275 39.47 16.90 -15.45
N GLN B 276 40.59 16.22 -15.16
CA GLN B 276 40.63 15.11 -14.20
C GLN B 276 41.04 15.63 -12.81
N ILE B 277 40.51 15.03 -11.76
CA ILE B 277 41.02 15.15 -10.37
C ILE B 277 41.41 13.73 -9.96
N LEU B 278 42.72 13.46 -9.91
CA LEU B 278 43.22 12.15 -9.46
C LEU B 278 43.44 12.24 -7.94
N THR B 279 42.68 11.43 -7.18
CA THR B 279 42.83 11.23 -5.71
C THR B 279 43.94 10.18 -5.55
N VAL B 280 44.95 10.53 -4.77
CA VAL B 280 46.18 9.73 -4.50
C VAL B 280 46.25 9.61 -2.98
N SER B 281 45.60 8.56 -2.43
CA SER B 281 45.30 8.39 -0.99
C SER B 281 45.34 6.92 -0.55
N GLY B 282 46.09 6.04 -1.22
CA GLY B 282 46.05 4.60 -0.93
C GLY B 282 44.61 4.07 -0.83
N GLY B 283 44.41 2.96 -0.08
CA GLY B 283 43.12 2.26 0.02
C GLY B 283 42.67 1.96 1.45
N GLY B 284 42.71 2.97 2.35
CA GLY B 284 42.30 2.91 3.78
C GLY B 284 43.49 2.76 4.72
N SER C 38 -2.18 21.43 -0.07
CA SER C 38 -2.61 20.25 0.74
C SER C 38 -2.64 19.01 -0.14
N ASP C 39 -3.58 18.94 -1.09
CA ASP C 39 -3.90 17.76 -1.96
C ASP C 39 -2.96 17.68 -3.17
N ASN C 40 -1.91 18.52 -3.21
CA ASN C 40 -0.77 18.38 -4.16
C ASN C 40 0.17 17.27 -3.66
N LEU C 41 0.15 16.96 -2.35
CA LEU C 41 0.80 15.75 -1.74
C LEU C 41 -0.27 14.75 -1.28
N ARG C 42 -1.17 14.36 -2.18
CA ARG C 42 -2.19 13.30 -1.98
C ARG C 42 -2.24 12.42 -3.21
N LEU C 43 -2.67 11.16 -3.04
CA LEU C 43 -2.67 10.11 -4.09
C LEU C 43 -4.11 9.62 -4.36
N ASP C 44 -5.10 10.46 -4.08
CA ASP C 44 -6.53 10.10 -4.30
C ASP C 44 -6.72 9.76 -5.78
N GLY C 45 -7.37 8.62 -6.06
CA GLY C 45 -7.79 8.15 -7.40
C GLY C 45 -6.66 7.48 -8.17
N LYS C 46 -5.49 7.33 -7.54
CA LYS C 46 -4.27 6.77 -8.17
C LYS C 46 -4.03 5.38 -7.59
N CYS C 47 -3.30 4.54 -8.33
CA CYS C 47 -3.22 3.07 -8.13
C CYS C 47 -1.75 2.62 -8.07
N ALA C 48 -1.27 2.25 -6.89
CA ALA C 48 0.15 1.96 -6.60
C ALA C 48 0.36 0.45 -6.52
N ILE C 49 1.40 -0.07 -7.18
CA ILE C 49 1.98 -1.44 -6.96
C ILE C 49 3.18 -1.28 -6.03
N ILE C 50 3.30 -2.11 -4.99
CA ILE C 50 4.34 -1.94 -3.94
C ILE C 50 4.88 -3.32 -3.51
N THR C 51 6.13 -3.59 -3.87
CA THR C 51 6.83 -4.85 -3.54
C THR C 51 7.50 -4.71 -2.17
N GLY C 52 7.90 -5.85 -1.60
CA GLY C 52 8.61 -5.91 -0.30
C GLY C 52 7.80 -5.25 0.81
N ALA C 53 6.46 -5.34 0.75
CA ALA C 53 5.49 -4.44 1.43
C ALA C 53 4.86 -5.12 2.66
N GLY C 54 5.26 -6.35 2.96
CA GLY C 54 4.77 -7.12 4.12
C GLY C 54 5.46 -6.77 5.44
N ALA C 55 6.56 -6.03 5.42
CA ALA C 55 7.32 -5.60 6.63
C ALA C 55 8.19 -4.39 6.29
N GLY C 56 8.73 -3.74 7.31
CA GLY C 56 9.78 -2.72 7.21
C GLY C 56 9.37 -1.49 6.43
N ILE C 57 10.12 -1.19 5.35
CA ILE C 57 10.02 0.10 4.62
C ILE C 57 8.86 -0.02 3.65
N GLY C 58 8.68 -1.17 3.02
CA GLY C 58 7.53 -1.45 2.13
C GLY C 58 6.20 -1.20 2.81
N LYS C 59 6.02 -1.82 3.99
CA LYS C 59 4.75 -1.76 4.79
C LYS C 59 4.41 -0.29 5.08
N GLU C 60 5.37 0.47 5.58
CA GLU C 60 5.16 1.89 5.94
C GLU C 60 4.83 2.71 4.67
N ILE C 61 5.36 2.36 3.49
CA ILE C 61 5.04 3.10 2.23
C ILE C 61 3.63 2.73 1.83
N ALA C 62 3.29 1.45 1.94
CA ALA C 62 1.96 0.90 1.61
C ALA C 62 0.87 1.68 2.36
N ILE C 63 1.07 1.85 3.66
CA ILE C 63 0.09 2.46 4.60
C ILE C 63 0.04 3.96 4.34
N THR C 64 1.21 4.62 4.27
CA THR C 64 1.33 6.04 3.90
C THR C 64 0.52 6.29 2.63
N PHE C 65 0.67 5.41 1.62
CA PHE C 65 0.11 5.61 0.26
C PHE C 65 -1.41 5.38 0.31
N ALA C 66 -1.88 4.33 1.01
CA ALA C 66 -3.31 4.06 1.29
C ALA C 66 -3.96 5.30 1.92
N THR C 67 -3.45 5.70 3.08
CA THR C 67 -3.73 6.97 3.81
C THR C 67 -3.73 8.18 2.87
N ALA C 68 -2.93 8.19 1.80
CA ALA C 68 -2.84 9.34 0.86
C ALA C 68 -3.91 9.19 -0.22
N GLY C 69 -4.58 8.03 -0.26
CA GLY C 69 -5.80 7.76 -1.06
C GLY C 69 -5.56 6.76 -2.18
N ALA C 70 -4.33 6.28 -2.36
CA ALA C 70 -4.01 5.29 -3.41
C ALA C 70 -4.68 3.97 -3.04
N SER C 71 -5.23 3.29 -4.04
CA SER C 71 -5.48 1.82 -4.00
C SER C 71 -4.10 1.18 -4.11
N VAL C 72 -3.85 0.11 -3.36
CA VAL C 72 -2.50 -0.48 -3.21
C VAL C 72 -2.59 -1.97 -3.49
N VAL C 73 -1.83 -2.45 -4.46
CA VAL C 73 -1.44 -3.88 -4.49
C VAL C 73 -0.22 -4.01 -3.55
N VAL C 74 -0.36 -4.87 -2.54
CA VAL C 74 0.64 -5.16 -1.48
C VAL C 74 1.24 -6.53 -1.81
N SER C 75 2.47 -6.53 -2.34
CA SER C 75 3.23 -7.76 -2.68
C SER C 75 4.33 -7.92 -1.64
N ASP C 76 4.54 -9.15 -1.17
CA ASP C 76 5.69 -9.54 -0.33
C ASP C 76 6.03 -10.95 -0.78
N ILE C 77 7.20 -11.44 -0.40
CA ILE C 77 7.59 -12.86 -0.62
C ILE C 77 6.62 -13.75 0.17
N ASN C 78 6.26 -13.38 1.41
CA ASN C 78 5.43 -14.19 2.35
C ASN C 78 3.98 -13.71 2.28
N ALA C 79 3.03 -14.59 1.90
CA ALA C 79 1.61 -14.24 1.66
C ALA C 79 0.92 -13.84 2.97
N ASP C 80 1.32 -14.43 4.11
CA ASP C 80 0.78 -14.07 5.45
C ASP C 80 1.03 -12.57 5.70
N ALA C 81 2.30 -12.16 5.81
CA ALA C 81 2.77 -10.77 6.00
C ALA C 81 2.01 -9.82 5.08
N ALA C 82 1.99 -10.08 3.77
CA ALA C 82 1.30 -9.23 2.80
C ALA C 82 -0.16 -9.07 3.21
N ASN C 83 -0.79 -10.18 3.63
CA ASN C 83 -2.24 -10.26 3.98
C ASN C 83 -2.57 -9.40 5.22
N HIS C 84 -1.72 -9.40 6.27
CA HIS C 84 -1.86 -8.56 7.50
C HIS C 84 -1.82 -7.07 7.15
N VAL C 85 -0.96 -6.69 6.22
CA VAL C 85 -0.78 -5.26 5.79
C VAL C 85 -2.05 -4.82 5.04
N VAL C 86 -2.64 -5.69 4.22
CA VAL C 86 -3.96 -5.44 3.55
C VAL C 86 -5.02 -5.20 4.64
N ASP C 87 -5.16 -6.11 5.61
CA ASP C 87 -6.22 -6.07 6.65
C ASP C 87 -6.04 -4.81 7.52
N GLU C 88 -4.80 -4.48 7.91
CA GLU C 88 -4.43 -3.23 8.64
C GLU C 88 -4.82 -1.99 7.80
N ILE C 89 -4.52 -1.98 6.49
CA ILE C 89 -4.90 -0.87 5.56
C ILE C 89 -6.43 -0.76 5.46
N GLN C 90 -7.12 -1.89 5.41
CA GLN C 90 -8.60 -1.96 5.29
C GLN C 90 -9.25 -1.40 6.56
N GLN C 91 -8.75 -1.76 7.75
CA GLN C 91 -9.22 -1.24 9.06
C GLN C 91 -9.05 0.27 9.11
N LEU C 92 -8.06 0.80 8.39
CA LEU C 92 -7.64 2.23 8.43
C LEU C 92 -8.48 3.06 7.44
N GLY C 93 -9.10 2.41 6.43
CA GLY C 93 -9.73 3.05 5.25
C GLY C 93 -9.46 2.29 3.95
N GLY C 94 -10.18 1.19 3.74
CA GLY C 94 -10.06 0.19 2.63
C GLY C 94 -9.00 0.46 1.56
N GLN C 95 -9.17 -0.24 0.43
CA GLN C 95 -8.43 -0.08 -0.87
CA GLN C 95 -8.41 -0.01 -0.85
C GLN C 95 -6.98 -0.56 -0.73
N ALA C 96 -6.82 -1.88 -0.69
CA ALA C 96 -5.55 -2.65 -0.67
C ALA C 96 -5.87 -4.05 -1.19
N PHE C 97 -4.92 -4.73 -1.83
CA PHE C 97 -5.07 -6.11 -2.34
C PHE C 97 -3.72 -6.83 -2.23
N ALA C 98 -3.71 -8.09 -1.82
CA ALA C 98 -2.49 -8.86 -1.54
C ALA C 98 -2.11 -9.68 -2.77
N CYS C 99 -0.80 -9.85 -2.99
CA CYS C 99 -0.23 -10.68 -4.08
C CYS C 99 1.16 -11.17 -3.69
N ARG C 100 1.26 -12.41 -3.19
CA ARG C 100 2.55 -13.11 -2.99
C ARG C 100 3.38 -12.98 -4.26
N CYS C 101 4.53 -12.32 -4.20
CA CYS C 101 5.49 -12.29 -5.33
C CYS C 101 6.92 -12.51 -4.86
N ASP C 102 7.58 -13.49 -5.48
CA ASP C 102 9.05 -13.67 -5.46
C ASP C 102 9.60 -12.81 -6.61
N ILE C 103 10.23 -11.68 -6.27
CA ILE C 103 10.70 -10.68 -7.26
C ILE C 103 11.94 -11.17 -8.04
N THR C 104 12.55 -12.31 -7.72
CA THR C 104 13.75 -12.82 -8.44
C THR C 104 13.36 -13.81 -9.55
N SER C 105 12.08 -13.94 -9.89
CA SER C 105 11.55 -14.86 -10.92
C SER C 105 10.61 -14.10 -11.84
N GLU C 106 10.89 -14.10 -13.13
CA GLU C 106 10.28 -13.14 -14.09
C GLU C 106 8.81 -13.47 -14.29
N GLN C 107 8.40 -14.74 -14.05
CA GLN C 107 6.98 -15.18 -14.21
C GLN C 107 6.18 -14.54 -13.08
N GLU C 108 6.72 -14.64 -11.85
CA GLU C 108 6.12 -14.07 -10.62
C GLU C 108 5.96 -12.55 -10.80
N LEU C 109 7.03 -11.87 -11.23
CA LEU C 109 6.98 -10.43 -11.58
C LEU C 109 5.80 -10.16 -12.52
N SER C 110 5.56 -11.04 -13.50
CA SER C 110 4.59 -10.84 -14.60
C SER C 110 3.17 -11.08 -14.11
N ALA C 111 2.95 -12.14 -13.33
CA ALA C 111 1.63 -12.43 -12.68
C ALA C 111 1.22 -11.27 -11.78
N LEU C 112 2.15 -10.73 -10.98
CA LEU C 112 1.88 -9.56 -10.10
C LEU C 112 1.46 -8.36 -10.95
N ALA C 113 1.94 -8.25 -12.20
CA ALA C 113 1.64 -7.11 -13.11
C ALA C 113 0.27 -7.33 -13.75
N ASP C 114 -0.07 -8.59 -14.05
CA ASP C 114 -1.40 -9.00 -14.55
C ASP C 114 -2.41 -8.91 -13.40
N PHE C 115 -2.11 -9.53 -12.25
CA PHE C 115 -2.96 -9.46 -11.02
C PHE C 115 -3.27 -8.00 -10.71
N ALA C 116 -2.27 -7.11 -10.80
CA ALA C 116 -2.38 -5.67 -10.42
C ALA C 116 -3.33 -4.92 -11.35
N ILE C 117 -3.42 -5.34 -12.61
CA ILE C 117 -4.26 -4.68 -13.67
C ILE C 117 -5.71 -5.19 -13.55
N SER C 118 -5.89 -6.48 -13.25
CA SER C 118 -7.20 -7.08 -12.91
C SER C 118 -7.90 -6.25 -11.82
N LYS C 119 -7.26 -6.09 -10.65
CA LYS C 119 -7.87 -5.51 -9.41
C LYS C 119 -7.94 -3.98 -9.49
N LEU C 120 -6.89 -3.32 -9.98
CA LEU C 120 -6.81 -1.83 -9.96
C LEU C 120 -7.39 -1.24 -11.26
N GLY C 121 -7.15 -1.86 -12.42
CA GLY C 121 -7.67 -1.38 -13.71
C GLY C 121 -6.62 -0.60 -14.49
N LYS C 122 -5.89 0.28 -13.81
CA LYS C 122 -4.69 1.00 -14.35
C LYS C 122 -3.56 0.95 -13.32
N VAL C 123 -2.35 1.35 -13.71
CA VAL C 123 -1.24 1.64 -12.74
C VAL C 123 -0.72 3.06 -12.99
N ASP C 124 -0.57 3.86 -11.92
CA ASP C 124 -0.10 5.27 -11.92
C ASP C 124 1.30 5.36 -11.29
N ILE C 125 1.59 4.52 -10.29
CA ILE C 125 2.78 4.56 -9.38
C ILE C 125 3.32 3.13 -9.22
N LEU C 126 4.66 2.94 -9.31
CA LEU C 126 5.36 1.66 -9.01
C LEU C 126 6.47 1.95 -8.01
N VAL C 127 6.53 1.19 -6.91
CA VAL C 127 7.55 1.35 -5.84
C VAL C 127 8.22 0.00 -5.67
N ASN C 128 9.45 -0.12 -6.19
CA ASN C 128 10.25 -1.35 -6.04
C ASN C 128 11.02 -1.20 -4.74
N ASN C 129 10.91 -2.20 -3.88
CA ASN C 129 11.54 -2.23 -2.55
C ASN C 129 12.50 -3.42 -2.51
N ALA C 130 13.80 -3.14 -2.49
CA ALA C 130 14.86 -4.18 -2.45
C ALA C 130 14.75 -4.94 -1.14
N GLY C 131 14.99 -6.26 -1.16
CA GLY C 131 14.95 -7.12 0.04
C GLY C 131 16.31 -7.32 0.67
N GLY C 132 17.12 -6.24 0.78
CA GLY C 132 18.53 -6.28 1.23
C GLY C 132 18.75 -5.58 2.57
N GLY C 133 19.34 -6.29 3.54
CA GLY C 133 19.51 -5.85 4.94
C GLY C 133 20.77 -5.01 5.16
N GLY C 134 21.88 -5.39 4.52
CA GLY C 134 23.18 -4.67 4.56
C GLY C 134 24.36 -5.63 4.55
N PRO C 135 24.76 -6.19 5.73
CA PRO C 135 25.71 -7.30 5.77
C PRO C 135 25.23 -8.55 5.03
N MET C 142 29.60 -15.83 -5.10
CA MET C 142 29.22 -15.44 -6.49
C MET C 142 27.70 -15.46 -6.63
N ALA C 143 27.08 -16.62 -6.39
CA ALA C 143 25.61 -16.77 -6.32
C ALA C 143 25.07 -15.86 -5.22
N ASP C 144 25.85 -15.67 -4.15
CA ASP C 144 25.59 -14.60 -3.14
C ASP C 144 25.70 -13.21 -3.78
N PHE C 145 26.79 -12.95 -4.52
CA PHE C 145 27.07 -11.66 -5.21
C PHE C 145 25.90 -11.32 -6.14
N ARG C 146 25.32 -12.33 -6.80
CA ARG C 146 24.27 -12.16 -7.83
C ARG C 146 22.92 -11.80 -7.20
N ARG C 147 22.65 -12.32 -5.99
N ARG C 147 22.65 -12.26 -5.98
CA ARG C 147 21.42 -12.08 -5.20
CA ARG C 147 21.31 -12.04 -5.36
C ARG C 147 21.11 -10.57 -5.21
C ARG C 147 21.08 -10.53 -5.22
N ALA C 148 22.09 -9.77 -4.78
CA ALA C 148 22.00 -8.30 -4.68
C ALA C 148 21.56 -7.70 -6.02
N TYR C 149 21.96 -8.27 -7.15
CA TYR C 149 21.63 -7.72 -8.49
C TYR C 149 20.19 -8.06 -8.87
N GLU C 150 19.68 -9.25 -8.51
CA GLU C 150 18.24 -9.65 -8.68
C GLU C 150 17.33 -8.65 -7.96
N LEU C 151 17.57 -8.38 -6.66
CA LEU C 151 16.70 -7.53 -5.81
C LEU C 151 16.82 -6.08 -6.28
N ASN C 152 18.04 -5.54 -6.35
CA ASN C 152 18.28 -4.08 -6.52
C ASN C 152 18.14 -3.66 -7.97
N VAL C 153 18.44 -4.54 -8.95
CA VAL C 153 18.68 -4.15 -10.36
C VAL C 153 17.68 -4.87 -11.28
N PHE C 154 17.77 -6.21 -11.40
CA PHE C 154 17.05 -6.99 -12.44
C PHE C 154 15.54 -7.07 -12.16
N SER C 155 15.10 -7.14 -10.90
CA SER C 155 13.67 -7.07 -10.47
C SER C 155 13.00 -5.73 -10.87
N PHE C 156 13.62 -4.61 -10.48
CA PHE C 156 13.18 -3.22 -10.70
C PHE C 156 13.06 -2.90 -12.19
N PHE C 157 14.04 -3.35 -12.99
CA PHE C 157 14.08 -3.00 -14.42
C PHE C 157 12.92 -3.72 -15.07
N HIS C 158 12.88 -5.04 -14.89
CA HIS C 158 11.85 -5.92 -15.52
C HIS C 158 10.45 -5.52 -15.04
N LEU C 159 10.30 -5.16 -13.76
CA LEU C 159 8.99 -4.66 -13.28
C LEU C 159 8.68 -3.34 -14.00
N SER C 160 9.67 -2.46 -14.14
CA SER C 160 9.50 -1.20 -14.90
C SER C 160 9.07 -1.51 -16.35
N GLN C 161 9.60 -2.58 -16.97
CA GLN C 161 9.30 -2.99 -18.38
C GLN C 161 7.83 -3.44 -18.51
N LEU C 162 7.27 -4.08 -17.48
CA LEU C 162 5.89 -4.65 -17.51
C LEU C 162 4.85 -3.55 -17.27
N VAL C 163 5.26 -2.48 -16.62
CA VAL C 163 4.34 -1.53 -15.94
C VAL C 163 4.31 -0.20 -16.72
N ALA C 164 5.29 0.05 -17.57
CA ALA C 164 5.42 1.29 -18.36
C ALA C 164 4.39 1.30 -19.48
N PRO C 165 4.20 0.18 -20.21
CA PRO C 165 3.16 0.09 -21.24
C PRO C 165 1.78 0.48 -20.68
N GLU C 166 1.43 0.00 -19.48
CA GLU C 166 0.18 0.43 -18.78
C GLU C 166 0.23 1.93 -18.46
N MET C 167 1.33 2.43 -17.89
CA MET C 167 1.50 3.88 -17.57
C MET C 167 1.44 4.76 -18.83
N GLU C 168 2.07 4.34 -19.94
CA GLU C 168 2.06 5.07 -21.24
C GLU C 168 0.60 5.24 -21.66
N LYS C 169 -0.15 4.13 -21.74
CA LYS C 169 -1.59 4.00 -22.12
C LYS C 169 -2.45 5.04 -21.41
N ASN C 170 -2.22 5.26 -20.10
CA ASN C 170 -3.04 6.17 -19.26
C ASN C 170 -2.37 7.56 -19.18
N GLY C 171 -1.34 7.82 -20.00
CA GLY C 171 -0.76 9.16 -20.21
C GLY C 171 0.21 9.61 -19.12
N GLY C 172 0.94 8.69 -18.49
CA GLY C 172 2.02 9.06 -17.56
C GLY C 172 1.99 8.17 -16.35
N GLY C 173 2.89 8.44 -15.41
CA GLY C 173 2.98 7.72 -14.13
C GLY C 173 4.29 8.00 -13.42
N VAL C 174 4.64 7.22 -12.41
CA VAL C 174 5.91 7.45 -11.68
C VAL C 174 6.42 6.12 -11.12
N ILE C 175 7.71 5.90 -11.19
CA ILE C 175 8.37 4.66 -10.69
C ILE C 175 9.38 5.12 -9.67
N LEU C 176 9.51 4.36 -8.60
CA LEU C 176 10.39 4.67 -7.47
C LEU C 176 11.08 3.36 -7.07
N THR C 177 12.41 3.40 -6.88
CA THR C 177 13.16 2.30 -6.23
C THR C 177 13.66 2.75 -4.86
N ILE C 178 13.38 1.91 -3.86
CA ILE C 178 14.16 1.88 -2.61
C ILE C 178 15.30 0.93 -2.89
N THR C 179 16.53 1.42 -2.95
CA THR C 179 17.74 0.59 -2.98
C THR C 179 17.84 -0.11 -1.61
N SER C 180 18.64 -1.17 -1.51
CA SER C 180 19.08 -1.80 -0.24
C SER C 180 19.59 -0.73 0.74
N MET C 181 19.53 -1.02 2.04
CA MET C 181 20.03 -0.12 3.12
C MET C 181 21.56 -0.03 3.08
N ALA C 182 22.21 -1.01 2.44
CA ALA C 182 23.65 -1.06 2.07
C ALA C 182 24.11 0.26 1.42
N ASN C 187 33.33 -1.84 6.47
CA ASN C 187 32.54 -2.38 5.34
C ASN C 187 32.64 -3.92 5.34
N ILE C 188 31.58 -4.62 5.77
CA ILE C 188 31.42 -6.10 5.74
C ILE C 188 30.68 -6.46 4.43
N ASN C 189 30.40 -7.75 4.14
CA ASN C 189 29.91 -8.22 2.81
C ASN C 189 28.81 -7.29 2.29
N MET C 190 29.21 -6.10 1.82
CA MET C 190 28.34 -5.07 1.19
C MET C 190 28.89 -4.68 -0.19
N THR C 191 30.04 -5.22 -0.62
CA THR C 191 30.67 -4.98 -1.96
C THR C 191 29.69 -5.44 -3.06
N SER C 192 28.97 -6.53 -2.79
CA SER C 192 27.82 -7.06 -3.56
C SER C 192 26.66 -6.04 -3.56
N TYR C 193 26.36 -5.41 -2.43
CA TYR C 193 25.17 -4.51 -2.27
C TYR C 193 25.48 -3.06 -2.69
N ALA C 194 26.66 -2.54 -2.35
CA ALA C 194 27.14 -1.22 -2.80
C ALA C 194 27.30 -1.14 -4.33
N SER C 195 27.77 -2.19 -5.00
CA SER C 195 27.94 -2.21 -6.50
C SER C 195 26.55 -2.24 -7.15
N SER C 196 25.67 -3.12 -6.70
CA SER C 196 24.25 -3.27 -7.11
C SER C 196 23.45 -1.97 -6.88
N LYS C 197 23.65 -1.32 -5.75
CA LYS C 197 23.03 -0.01 -5.40
C LYS C 197 23.50 1.05 -6.40
N ALA C 198 24.77 1.00 -6.84
CA ALA C 198 25.38 2.02 -7.72
C ALA C 198 24.86 1.86 -9.14
N ALA C 199 24.80 0.60 -9.61
CA ALA C 199 24.10 0.19 -10.84
C ALA C 199 22.69 0.78 -10.81
N ALA C 200 21.83 0.32 -9.90
CA ALA C 200 20.42 0.73 -9.76
C ALA C 200 20.26 2.26 -9.78
N SER C 201 21.18 2.97 -9.13
CA SER C 201 21.15 4.45 -9.00
C SER C 201 21.33 5.12 -10.38
N HIS C 202 22.24 4.58 -11.21
CA HIS C 202 22.57 5.12 -12.56
C HIS C 202 21.58 4.55 -13.59
N LEU C 203 20.99 3.40 -13.30
CA LEU C 203 19.77 2.88 -13.99
C LEU C 203 18.68 3.93 -13.92
N VAL C 204 18.43 4.51 -12.75
CA VAL C 204 17.42 5.58 -12.57
C VAL C 204 17.77 6.72 -13.54
N ARG C 205 19.01 7.23 -13.42
CA ARG C 205 19.50 8.42 -14.16
C ARG C 205 19.29 8.23 -15.66
N ASN C 206 19.55 7.01 -16.12
CA ASN C 206 19.44 6.65 -17.54
C ASN C 206 17.99 6.29 -17.84
N MET C 207 17.38 5.44 -17.03
CA MET C 207 16.06 4.87 -17.35
C MET C 207 15.08 6.03 -17.46
N ALA C 208 15.35 7.18 -16.83
CA ALA C 208 14.47 8.38 -16.84
C ALA C 208 14.32 8.91 -18.26
N PHE C 209 15.41 8.92 -19.02
CA PHE C 209 15.40 9.37 -20.43
C PHE C 209 14.46 8.46 -21.22
N ASP C 210 14.61 7.14 -21.07
CA ASP C 210 13.77 6.13 -21.77
C ASP C 210 12.28 6.38 -21.49
N LEU C 211 11.87 6.43 -20.23
CA LEU C 211 10.44 6.48 -19.82
C LEU C 211 9.89 7.92 -19.88
N GLY C 212 10.75 8.94 -19.95
CA GLY C 212 10.32 10.35 -19.97
C GLY C 212 9.44 10.66 -21.17
N GLU C 213 9.84 10.18 -22.34
CA GLU C 213 9.04 10.30 -23.60
C GLU C 213 7.60 9.87 -23.32
N LYS C 214 7.40 8.85 -22.48
CA LYS C 214 6.08 8.24 -22.13
C LYS C 214 5.44 8.98 -20.94
N ASN C 215 5.97 10.15 -20.57
CA ASN C 215 5.59 11.03 -19.43
C ASN C 215 5.63 10.29 -18.08
N ILE C 216 6.57 9.35 -17.93
CA ILE C 216 6.78 8.59 -16.67
C ILE C 216 8.05 9.10 -16.01
N ARG C 217 7.95 9.62 -14.78
CA ARG C 217 9.10 10.07 -13.96
C ARG C 217 9.70 8.87 -13.23
N VAL C 218 11.02 8.83 -13.11
CA VAL C 218 11.72 7.74 -12.38
C VAL C 218 12.60 8.35 -11.29
N ASN C 219 12.50 7.83 -10.05
CA ASN C 219 13.44 8.21 -8.96
C ASN C 219 13.81 6.99 -8.08
N GLY C 220 14.71 7.25 -7.16
CA GLY C 220 15.21 6.23 -6.23
C GLY C 220 15.45 6.87 -4.90
N ILE C 221 15.21 6.13 -3.83
CA ILE C 221 15.66 6.53 -2.48
C ILE C 221 16.74 5.54 -2.11
N ALA C 222 17.83 6.03 -1.58
CA ALA C 222 18.94 5.25 -1.03
C ALA C 222 18.88 5.49 0.47
N PRO C 223 18.21 4.58 1.22
CA PRO C 223 18.05 4.74 2.67
C PRO C 223 19.32 4.36 3.47
N GLY C 224 19.49 4.95 4.65
CA GLY C 224 20.60 4.65 5.57
C GLY C 224 20.22 3.54 6.54
N ALA C 225 20.73 3.59 7.76
CA ALA C 225 20.45 2.57 8.82
C ALA C 225 19.06 2.86 9.39
N ILE C 226 18.12 1.92 9.26
CA ILE C 226 16.66 2.12 9.56
C ILE C 226 16.10 0.92 10.34
N LEU C 227 15.38 1.18 11.43
CA LEU C 227 15.14 0.22 12.54
C LEU C 227 13.88 -0.64 12.27
N THR C 228 12.81 -0.44 13.06
CA THR C 228 11.73 -1.41 13.44
C THR C 228 11.94 -2.81 12.83
N ASP C 229 12.01 -2.91 11.50
CA ASP C 229 12.19 -4.17 10.73
C ASP C 229 13.32 -5.01 11.33
N ALA C 230 13.40 -6.29 10.96
CA ALA C 230 14.44 -7.24 11.41
C ALA C 230 15.83 -6.74 11.01
N LEU C 231 16.28 -5.64 11.62
CA LEU C 231 17.71 -5.20 11.66
C LEU C 231 18.27 -5.61 13.03
N LYS C 232 17.39 -5.73 14.03
CA LYS C 232 17.65 -6.46 15.31
C LYS C 232 18.66 -7.60 15.06
N SER C 233 18.49 -8.36 13.98
CA SER C 233 19.34 -9.51 13.59
C SER C 233 20.79 -9.37 14.12
N VAL C 234 21.44 -8.25 13.81
CA VAL C 234 22.93 -8.07 13.96
C VAL C 234 23.26 -6.76 14.69
N ILE C 235 22.27 -5.94 15.05
CA ILE C 235 22.48 -4.51 15.42
C ILE C 235 23.34 -4.38 16.69
N THR C 236 23.05 -5.12 17.77
CA THR C 236 23.77 -5.05 19.09
C THR C 236 23.76 -3.60 19.60
N PRO C 237 24.43 -3.27 20.73
CA PRO C 237 24.54 -1.89 21.18
C PRO C 237 25.83 -1.17 20.74
N GLU C 238 26.78 -1.93 20.17
CA GLU C 238 28.15 -1.45 19.80
C GLU C 238 28.13 -0.95 18.35
N ILE C 239 27.62 -1.79 17.44
CA ILE C 239 27.50 -1.53 15.99
C ILE C 239 26.55 -0.34 15.77
N GLU C 240 25.47 -0.27 16.57
CA GLU C 240 24.47 0.83 16.62
C GLU C 240 25.18 2.17 16.88
N GLN C 241 25.91 2.26 17.99
CA GLN C 241 26.55 3.52 18.49
C GLN C 241 27.65 3.93 17.51
N LYS C 242 28.24 2.97 16.77
CA LYS C 242 29.25 3.25 15.70
C LYS C 242 28.59 3.95 14.50
N MET C 243 27.27 3.81 14.33
CA MET C 243 26.47 4.46 13.25
C MET C 243 26.09 5.89 13.67
N LEU C 244 25.77 6.10 14.97
CA LEU C 244 25.38 7.40 15.57
C LEU C 244 26.53 8.44 15.56
N GLN C 245 27.79 8.01 15.57
CA GLN C 245 29.01 8.89 15.67
C GLN C 245 29.30 9.55 14.32
N HIS C 246 28.84 8.90 13.23
CA HIS C 246 28.97 9.33 11.83
C HIS C 246 27.58 9.59 11.22
N THR C 247 26.62 10.00 12.06
CA THR C 247 25.28 10.50 11.67
C THR C 247 25.10 11.83 12.39
N PRO C 248 25.14 12.96 11.66
CA PRO C 248 25.09 14.28 12.28
C PRO C 248 23.83 14.44 13.13
N ILE C 249 22.67 14.10 12.55
CA ILE C 249 21.35 14.04 13.25
C ILE C 249 21.33 12.76 14.10
N ARG C 250 21.63 12.88 15.40
CA ARG C 250 21.85 11.74 16.33
C ARG C 250 20.51 11.02 16.57
N ARG C 251 20.13 10.17 15.63
CA ARG C 251 19.03 9.16 15.73
C ARG C 251 19.13 8.27 14.49
N LEU C 252 18.67 7.02 14.59
CA LEU C 252 18.56 6.13 13.41
C LEU C 252 17.26 6.45 12.69
N GLY C 253 17.12 5.98 11.45
CA GLY C 253 15.89 6.16 10.67
C GLY C 253 14.78 5.28 11.21
N GLN C 254 13.55 5.80 11.14
CA GLN C 254 12.29 5.00 11.13
C GLN C 254 11.84 4.77 9.69
N PRO C 255 11.12 3.68 9.40
CA PRO C 255 10.52 3.49 8.08
C PRO C 255 9.68 4.69 7.65
N GLN C 256 9.17 5.46 8.61
CA GLN C 256 8.32 6.63 8.32
C GLN C 256 9.18 7.67 7.57
N ASP C 257 10.49 7.72 7.83
CA ASP C 257 11.43 8.69 7.20
C ASP C 257 11.46 8.49 5.68
N ILE C 258 11.45 7.24 5.23
CA ILE C 258 11.47 6.85 3.79
C ILE C 258 10.08 7.13 3.18
N ALA C 259 9.03 6.55 3.76
CA ALA C 259 7.64 6.64 3.26
C ALA C 259 7.26 8.10 2.97
N ASN C 260 7.72 9.02 3.80
CA ASN C 260 7.57 10.49 3.62
C ASN C 260 8.19 10.93 2.31
N ALA C 261 9.51 10.73 2.18
CA ALA C 261 10.27 10.96 0.95
C ALA C 261 9.55 10.29 -0.23
N ALA C 262 9.13 9.03 -0.06
CA ALA C 262 8.44 8.21 -1.10
C ALA C 262 7.17 8.93 -1.54
N LEU C 263 6.39 9.44 -0.58
CA LEU C 263 5.13 10.13 -0.90
C LEU C 263 5.46 11.41 -1.67
N PHE C 264 6.38 12.22 -1.16
CA PHE C 264 6.87 13.42 -1.90
C PHE C 264 7.19 13.06 -3.36
N LEU C 265 8.03 12.05 -3.62
CA LEU C 265 8.60 11.81 -4.96
C LEU C 265 7.52 11.28 -5.92
N CYS C 266 6.46 10.71 -5.39
CA CYS C 266 5.38 10.00 -6.13
C CYS C 266 4.08 10.82 -6.19
N SER C 267 4.12 12.05 -5.69
CA SER C 267 3.01 13.04 -5.72
C SER C 267 3.26 14.09 -6.80
N PRO C 268 2.21 14.76 -7.32
CA PRO C 268 2.36 15.90 -8.23
C PRO C 268 3.22 17.03 -7.69
N ALA C 269 3.50 17.04 -6.37
CA ALA C 269 4.40 17.98 -5.69
C ALA C 269 5.84 17.84 -6.22
N ALA C 270 6.23 16.66 -6.75
CA ALA C 270 7.56 16.39 -7.36
C ALA C 270 7.43 16.06 -8.85
N SER C 271 6.56 16.76 -9.58
CA SER C 271 6.07 16.37 -10.94
C SER C 271 7.12 16.67 -12.01
N TRP C 272 8.13 17.48 -11.67
CA TRP C 272 9.33 17.77 -12.50
C TRP C 272 10.62 17.28 -11.82
N VAL C 273 10.52 16.28 -10.95
CA VAL C 273 11.65 15.51 -10.36
C VAL C 273 11.77 14.16 -11.07
N SER C 274 12.88 13.91 -11.76
CA SER C 274 13.20 12.61 -12.42
C SER C 274 14.71 12.39 -12.47
N GLY C 275 15.14 11.13 -12.35
CA GLY C 275 16.56 10.74 -12.37
C GLY C 275 17.26 11.05 -11.07
N GLN C 276 16.50 11.34 -10.02
CA GLN C 276 17.04 11.64 -8.67
C GLN C 276 17.09 10.36 -7.85
N ILE C 277 18.24 10.11 -7.24
CA ILE C 277 18.41 9.28 -6.02
C ILE C 277 18.42 10.27 -4.85
N LEU C 278 17.47 10.16 -3.94
CA LEU C 278 17.43 10.91 -2.65
C LEU C 278 18.00 10.04 -1.52
N THR C 279 19.12 10.45 -0.94
CA THR C 279 19.71 9.81 0.26
C THR C 279 18.96 10.33 1.49
N VAL C 280 18.36 9.43 2.26
CA VAL C 280 17.72 9.70 3.59
C VAL C 280 18.60 9.01 4.65
N SER C 281 19.60 9.71 5.17
CA SER C 281 20.74 9.10 5.93
C SER C 281 21.03 9.85 7.23
N GLY C 282 20.17 10.80 7.62
CA GLY C 282 20.38 11.71 8.74
C GLY C 282 21.69 12.50 8.61
N GLY C 283 22.20 12.63 7.39
CA GLY C 283 23.44 13.39 7.08
C GLY C 283 24.66 12.52 6.79
N GLY C 284 24.53 11.20 6.87
CA GLY C 284 25.60 10.22 6.58
C GLY C 284 26.08 10.30 5.14
N VAL C 285 27.08 9.48 4.81
CA VAL C 285 27.81 9.49 3.50
C VAL C 285 28.05 8.05 3.03
N GLN C 286 27.92 7.81 1.71
CA GLN C 286 28.13 6.50 1.02
C GLN C 286 28.96 6.75 -0.26
N SER D 38 -1.32 17.25 5.54
CA SER D 38 -1.84 17.95 6.76
C SER D 38 -0.72 18.09 7.80
N ASP D 39 -0.27 16.99 8.39
CA ASP D 39 0.49 16.96 9.66
C ASP D 39 2.00 17.15 9.38
N ASN D 40 2.58 16.32 8.50
CA ASN D 40 4.06 16.18 8.35
C ASN D 40 4.62 17.19 7.33
N LEU D 41 3.78 17.93 6.61
CA LEU D 41 4.21 18.84 5.52
C LEU D 41 3.67 20.26 5.71
N ARG D 42 3.61 20.77 6.94
CA ARG D 42 3.23 22.18 7.25
C ARG D 42 4.12 22.76 8.36
N LEU D 43 4.09 24.10 8.49
CA LEU D 43 5.13 24.93 9.16
C LEU D 43 4.56 25.75 10.33
N ASP D 44 3.29 25.52 10.71
CA ASP D 44 2.60 26.23 11.82
C ASP D 44 3.55 26.38 13.03
N GLY D 45 3.94 27.61 13.34
CA GLY D 45 4.73 27.95 14.54
C GLY D 45 6.20 28.14 14.21
N LYS D 46 6.61 27.81 12.97
CA LYS D 46 8.01 27.98 12.51
C LYS D 46 8.23 29.42 12.03
N CYS D 47 9.49 29.83 12.00
CA CYS D 47 9.95 31.21 11.69
C CYS D 47 11.07 31.17 10.64
N ALA D 48 10.74 31.49 9.38
CA ALA D 48 11.66 31.45 8.22
C ALA D 48 12.26 32.83 7.95
N ILE D 49 13.58 32.89 7.77
CA ILE D 49 14.28 33.97 7.01
C ILE D 49 14.47 33.45 5.58
N ILE D 50 14.01 34.18 4.55
CA ILE D 50 14.18 33.82 3.11
C ILE D 50 14.88 34.98 2.37
N THR D 51 16.10 34.73 1.90
CA THR D 51 16.98 35.69 1.17
C THR D 51 16.69 35.60 -0.34
N GLY D 52 16.89 36.70 -1.07
CA GLY D 52 16.62 36.82 -2.52
C GLY D 52 15.14 36.63 -2.83
N ALA D 53 14.25 37.07 -1.94
CA ALA D 53 12.84 36.61 -1.89
C ALA D 53 11.91 37.50 -2.71
N GLY D 54 12.43 38.60 -3.31
CA GLY D 54 11.70 39.60 -4.11
C GLY D 54 11.03 39.06 -5.39
N ALA D 55 11.63 38.11 -6.10
CA ALA D 55 11.10 37.58 -7.38
C ALA D 55 11.27 36.05 -7.48
N GLY D 56 10.82 35.49 -8.60
CA GLY D 56 11.19 34.15 -9.10
C GLY D 56 10.96 33.05 -8.08
N ILE D 57 12.00 32.23 -7.88
CA ILE D 57 12.03 31.03 -6.99
C ILE D 57 11.83 31.48 -5.53
N GLY D 58 12.49 32.57 -5.15
CA GLY D 58 12.62 33.02 -3.76
C GLY D 58 11.34 33.68 -3.27
N LYS D 59 10.59 34.30 -4.20
CA LYS D 59 9.24 34.88 -3.93
C LYS D 59 8.25 33.75 -3.68
N GLU D 60 8.27 32.72 -4.54
CA GLU D 60 7.30 31.60 -4.46
C GLU D 60 7.63 30.66 -3.28
N ILE D 61 8.90 30.59 -2.84
CA ILE D 61 9.28 29.86 -1.58
C ILE D 61 8.61 30.56 -0.39
N ALA D 62 8.66 31.89 -0.30
CA ALA D 62 8.12 32.65 0.86
C ALA D 62 6.58 32.55 0.91
N ILE D 63 5.93 32.59 -0.25
CA ILE D 63 4.45 32.51 -0.38
C ILE D 63 3.97 31.12 0.03
N THR D 64 4.63 30.05 -0.44
CA THR D 64 4.26 28.63 -0.19
C THR D 64 4.55 28.29 1.27
N PHE D 65 5.59 28.94 1.83
CA PHE D 65 6.07 28.74 3.23
C PHE D 65 5.06 29.40 4.19
N ALA D 66 4.74 30.67 3.93
CA ALA D 66 3.74 31.46 4.69
C ALA D 66 2.38 30.76 4.67
N THR D 67 2.01 30.16 3.52
CA THR D 67 0.75 29.38 3.32
C THR D 67 0.81 28.09 4.14
N ALA D 68 1.99 27.51 4.30
CA ALA D 68 2.17 26.27 5.05
C ALA D 68 2.11 26.58 6.56
N GLY D 69 2.08 27.86 6.92
CA GLY D 69 1.82 28.35 8.29
C GLY D 69 3.02 28.97 8.97
N ALA D 70 4.16 29.09 8.29
CA ALA D 70 5.38 29.73 8.86
C ALA D 70 5.20 31.25 8.94
N SER D 71 5.89 31.85 9.89
CA SER D 71 6.18 33.30 10.02
C SER D 71 7.41 33.59 9.15
N VAL D 72 7.39 34.64 8.34
CA VAL D 72 8.31 34.76 7.17
C VAL D 72 8.95 36.15 7.19
N VAL D 73 10.27 36.22 7.31
CA VAL D 73 11.07 37.46 7.07
C VAL D 73 11.49 37.47 5.59
N VAL D 74 10.82 38.26 4.74
CA VAL D 74 11.13 38.37 3.29
C VAL D 74 12.24 39.41 3.09
N SER D 75 13.40 38.95 2.58
CA SER D 75 14.59 39.80 2.32
C SER D 75 14.92 39.77 0.82
N ASP D 76 14.98 40.95 0.20
CA ASP D 76 15.64 41.21 -1.12
C ASP D 76 16.64 42.36 -0.90
N ILE D 77 17.41 42.71 -1.93
CA ILE D 77 18.37 43.84 -1.89
C ILE D 77 17.58 45.16 -1.91
N ASN D 78 16.36 45.12 -2.45
CA ASN D 78 15.45 46.30 -2.50
C ASN D 78 14.28 46.08 -1.53
N ALA D 79 14.15 46.95 -0.52
CA ALA D 79 13.10 46.91 0.52
C ALA D 79 11.70 46.91 -0.14
N ASP D 80 11.54 47.64 -1.27
CA ASP D 80 10.27 47.73 -2.05
C ASP D 80 9.86 46.33 -2.55
N ALA D 81 10.82 45.51 -2.97
CA ALA D 81 10.55 44.15 -3.49
C ALA D 81 10.02 43.28 -2.35
N ALA D 82 10.71 43.26 -1.21
CA ALA D 82 10.37 42.39 -0.07
C ALA D 82 8.95 42.77 0.41
N ASN D 83 8.66 44.07 0.46
CA ASN D 83 7.34 44.68 0.83
C ASN D 83 6.20 44.17 -0.09
N HIS D 84 6.25 44.40 -1.41
CA HIS D 84 5.27 43.86 -2.40
C HIS D 84 4.90 42.41 -2.06
N VAL D 85 5.93 41.59 -1.88
CA VAL D 85 5.82 40.16 -1.48
C VAL D 85 5.19 40.07 -0.08
N VAL D 86 5.65 40.88 0.88
CA VAL D 86 5.03 40.92 2.23
C VAL D 86 3.53 41.25 2.06
N ASP D 87 3.15 42.05 1.05
CA ASP D 87 1.72 42.39 0.84
C ASP D 87 1.01 41.18 0.24
N GLU D 88 1.57 40.56 -0.80
CA GLU D 88 0.99 39.33 -1.39
C GLU D 88 0.71 38.30 -0.28
N ILE D 89 1.69 38.07 0.62
CA ILE D 89 1.61 37.06 1.74
C ILE D 89 0.45 37.48 2.66
N GLN D 90 0.49 38.73 3.15
CA GLN D 90 -0.52 39.33 4.09
C GLN D 90 -1.92 39.12 3.52
N GLN D 91 -2.14 39.42 2.23
CA GLN D 91 -3.45 39.30 1.53
C GLN D 91 -3.85 37.83 1.36
N LEU D 92 -3.10 36.86 1.94
CA LEU D 92 -3.39 35.40 1.85
C LEU D 92 -3.41 34.74 3.23
N GLY D 93 -3.20 35.51 4.31
CA GLY D 93 -3.42 35.08 5.70
C GLY D 93 -2.14 34.88 6.52
N GLY D 94 -0.98 35.21 5.95
CA GLY D 94 0.32 34.80 6.51
C GLY D 94 1.03 35.96 7.17
N GLN D 95 1.75 35.69 8.24
CA GLN D 95 2.54 36.75 8.90
C GLN D 95 3.88 36.84 8.19
N ALA D 96 4.24 38.00 7.63
CA ALA D 96 5.56 38.26 6.98
C ALA D 96 6.06 39.65 7.35
N PHE D 97 7.32 39.93 7.05
CA PHE D 97 8.03 41.19 7.38
C PHE D 97 9.15 41.41 6.36
N ALA D 98 9.40 42.66 5.97
CA ALA D 98 10.51 43.05 5.07
C ALA D 98 11.73 43.43 5.90
N CYS D 99 12.87 42.81 5.57
CA CYS D 99 14.22 43.28 5.97
C CYS D 99 15.16 43.14 4.78
N ARG D 100 15.48 44.26 4.15
CA ARG D 100 16.46 44.32 3.04
C ARG D 100 17.83 43.88 3.53
N CYS D 101 18.65 43.37 2.62
CA CYS D 101 20.00 42.87 2.89
C CYS D 101 20.82 42.79 1.60
N ASP D 102 22.01 43.40 1.65
CA ASP D 102 23.14 43.14 0.71
C ASP D 102 24.00 42.03 1.32
N ILE D 103 23.74 40.79 0.89
CA ILE D 103 24.31 39.52 1.42
C ILE D 103 25.85 39.56 1.35
N THR D 104 26.40 40.51 0.59
CA THR D 104 27.87 40.60 0.34
C THR D 104 28.57 41.33 1.50
N SER D 105 27.81 42.01 2.37
CA SER D 105 28.30 42.83 3.52
C SER D 105 27.96 42.12 4.84
N GLU D 106 28.96 41.91 5.69
CA GLU D 106 28.85 41.07 6.91
C GLU D 106 28.03 41.82 7.97
N GLN D 107 27.77 43.11 7.74
CA GLN D 107 27.11 44.03 8.71
C GLN D 107 25.60 44.06 8.41
N GLU D 108 25.20 44.12 7.14
CA GLU D 108 23.77 44.01 6.71
C GLU D 108 23.31 42.58 6.94
N LEU D 109 24.22 41.60 6.80
CA LEU D 109 23.98 40.19 7.19
C LEU D 109 23.64 40.11 8.68
N SER D 110 24.45 40.76 9.53
CA SER D 110 24.24 40.83 11.00
C SER D 110 22.98 41.64 11.32
N ALA D 111 22.58 42.58 10.44
CA ALA D 111 21.36 43.40 10.63
C ALA D 111 20.12 42.53 10.37
N LEU D 112 20.12 41.74 9.29
CA LEU D 112 19.00 40.83 8.91
C LEU D 112 18.78 39.80 10.01
N ALA D 113 19.86 39.17 10.49
CA ALA D 113 19.84 38.13 11.54
C ALA D 113 19.02 38.64 12.73
N ASP D 114 19.41 39.81 13.28
CA ASP D 114 18.89 40.42 14.54
C ASP D 114 17.45 40.91 14.37
N PHE D 115 17.09 41.39 13.17
CA PHE D 115 15.72 41.86 12.81
C PHE D 115 14.72 40.70 12.93
N ALA D 116 15.02 39.57 12.30
CA ALA D 116 14.21 38.32 12.31
C ALA D 116 14.10 37.76 13.73
N ILE D 117 15.20 37.77 14.52
CA ILE D 117 15.16 37.41 15.98
C ILE D 117 14.10 38.31 16.64
N SER D 118 14.25 39.64 16.49
CA SER D 118 13.35 40.69 17.03
C SER D 118 11.91 40.49 16.56
N LYS D 119 11.69 40.28 15.25
CA LYS D 119 10.33 40.21 14.64
C LYS D 119 9.65 38.88 14.98
N LEU D 120 10.36 37.78 14.78
CA LEU D 120 9.81 36.39 14.89
C LEU D 120 9.98 35.85 16.32
N GLY D 121 11.11 36.15 16.98
CA GLY D 121 11.48 35.57 18.28
C GLY D 121 12.51 34.47 18.12
N LYS D 122 12.19 33.47 17.29
CA LYS D 122 13.04 32.31 16.96
C LYS D 122 13.58 32.51 15.53
N VAL D 123 14.54 31.68 15.12
CA VAL D 123 14.79 31.33 13.69
C VAL D 123 14.85 29.80 13.58
N ASP D 124 13.81 29.21 13.00
CA ASP D 124 13.64 27.75 12.79
C ASP D 124 14.15 27.34 11.40
N ILE D 125 14.17 28.25 10.42
CA ILE D 125 14.43 27.94 8.98
C ILE D 125 15.15 29.11 8.27
N LEU D 126 16.16 28.79 7.45
CA LEU D 126 16.89 29.75 6.57
C LEU D 126 16.93 29.21 5.14
N VAL D 127 16.23 29.87 4.21
CA VAL D 127 16.33 29.53 2.76
C VAL D 127 17.29 30.54 2.11
N ASN D 128 18.54 30.12 1.83
CA ASN D 128 19.57 30.88 1.07
C ASN D 128 19.19 30.82 -0.41
N ASN D 129 18.82 31.94 -1.01
CA ASN D 129 18.35 32.00 -2.42
C ASN D 129 19.06 33.13 -3.14
N ALA D 130 19.24 34.29 -2.50
CA ALA D 130 19.96 35.42 -3.13
C ALA D 130 21.33 34.91 -3.57
N GLY D 131 21.86 35.55 -4.60
CA GLY D 131 23.12 35.20 -5.27
C GLY D 131 23.01 35.61 -6.72
N GLY D 132 24.13 35.88 -7.38
CA GLY D 132 24.16 36.25 -8.81
C GLY D 132 25.17 35.42 -9.56
N GLY D 133 26.16 36.07 -10.17
CA GLY D 133 27.08 35.43 -11.12
C GLY D 133 26.34 34.94 -12.35
N GLY D 134 27.09 34.55 -13.37
CA GLY D 134 26.61 34.00 -14.64
C GLY D 134 27.82 33.77 -15.54
N PRO D 135 27.62 33.28 -16.79
CA PRO D 135 28.73 33.07 -17.71
C PRO D 135 29.62 34.32 -17.79
N LYS D 136 30.93 34.10 -17.76
CA LYS D 136 31.98 35.13 -17.97
C LYS D 136 33.18 34.46 -18.61
N PRO D 137 33.97 35.18 -19.42
CA PRO D 137 35.15 34.57 -20.05
C PRO D 137 36.34 34.37 -19.07
N PHE D 138 37.14 33.33 -19.32
CA PHE D 138 38.30 32.88 -18.51
C PHE D 138 39.27 34.04 -18.23
N ASP D 139 39.42 34.98 -19.18
CA ASP D 139 40.28 36.18 -19.02
C ASP D 139 39.54 37.30 -18.27
N MET D 140 38.47 37.01 -17.51
CA MET D 140 37.69 38.00 -16.72
C MET D 140 38.60 38.77 -15.74
N PRO D 141 38.26 40.03 -15.40
CA PRO D 141 38.82 40.67 -14.20
C PRO D 141 38.65 39.77 -12.96
N MET D 142 39.66 39.73 -12.09
CA MET D 142 39.66 38.97 -10.81
C MET D 142 38.50 39.46 -9.93
N ALA D 143 38.17 40.76 -9.99
CA ALA D 143 37.05 41.37 -9.23
C ALA D 143 35.71 40.69 -9.55
N ASP D 144 35.48 40.29 -10.80
CA ASP D 144 34.28 39.55 -11.28
C ASP D 144 34.29 38.12 -10.70
N PHE D 145 35.47 37.51 -10.64
CA PHE D 145 35.67 36.12 -10.18
C PHE D 145 35.43 36.09 -8.65
N ARG D 146 36.02 37.03 -7.91
CA ARG D 146 35.88 37.08 -6.43
C ARG D 146 34.44 37.37 -6.04
N ARG D 147 33.71 38.12 -6.88
CA ARG D 147 32.33 38.58 -6.53
C ARG D 147 31.44 37.36 -6.50
N ALA D 148 31.58 36.44 -7.46
CA ALA D 148 30.81 35.17 -7.52
C ALA D 148 30.88 34.47 -6.15
N TYR D 149 32.03 34.55 -5.47
CA TYR D 149 32.30 33.90 -4.17
C TYR D 149 31.61 34.71 -3.07
N GLU D 150 31.67 36.05 -3.14
CA GLU D 150 30.98 36.97 -2.18
C GLU D 150 29.46 36.76 -2.27
N LEU D 151 28.93 36.59 -3.50
CA LEU D 151 27.50 36.26 -3.79
C LEU D 151 27.15 34.81 -3.36
N ASN D 152 27.87 33.78 -3.81
CA ASN D 152 27.34 32.38 -3.82
C ASN D 152 27.90 31.52 -2.67
N VAL D 153 28.92 31.96 -1.95
CA VAL D 153 29.57 31.09 -0.93
C VAL D 153 29.62 31.82 0.42
N PHE D 154 30.38 32.92 0.51
CA PHE D 154 30.76 33.58 1.79
C PHE D 154 29.50 34.08 2.50
N SER D 155 28.60 34.69 1.73
CA SER D 155 27.23 35.08 2.14
C SER D 155 26.55 33.86 2.76
N PHE D 156 26.30 32.80 1.97
CA PHE D 156 25.61 31.57 2.43
C PHE D 156 26.18 31.13 3.78
N PHE D 157 27.49 31.26 3.94
CA PHE D 157 28.22 30.67 5.08
C PHE D 157 28.17 31.57 6.31
N HIS D 158 28.45 32.88 6.16
CA HIS D 158 28.39 33.80 7.32
C HIS D 158 26.96 33.81 7.85
N LEU D 159 25.97 33.92 6.96
CA LEU D 159 24.53 34.00 7.36
C LEU D 159 24.18 32.72 8.14
N SER D 160 24.65 31.55 7.68
CA SER D 160 24.56 30.29 8.44
C SER D 160 25.28 30.44 9.78
N GLN D 161 26.50 30.98 9.82
CA GLN D 161 27.26 31.17 11.09
C GLN D 161 26.42 31.93 12.10
N LEU D 162 25.58 32.87 11.62
CA LEU D 162 24.74 33.77 12.46
C LEU D 162 23.47 33.03 12.95
N VAL D 163 22.72 32.37 12.09
CA VAL D 163 21.42 31.79 12.50
C VAL D 163 21.62 30.47 13.24
N ALA D 164 22.81 29.86 13.19
CA ALA D 164 23.01 28.48 13.70
C ALA D 164 22.82 28.48 15.21
N PRO D 165 23.48 29.38 15.97
CA PRO D 165 23.29 29.47 17.42
C PRO D 165 21.86 29.76 17.89
N GLU D 166 21.17 30.66 17.21
CA GLU D 166 19.73 30.94 17.46
C GLU D 166 18.91 29.67 17.22
N MET D 167 19.28 28.87 16.22
CA MET D 167 18.59 27.60 15.85
C MET D 167 18.87 26.57 16.94
N GLU D 168 20.09 26.58 17.48
CA GLU D 168 20.54 25.61 18.51
C GLU D 168 19.58 25.66 19.71
N LYS D 169 19.27 26.87 20.21
CA LYS D 169 18.53 27.09 21.48
C LYS D 169 17.02 27.04 21.24
N ASN D 170 16.55 26.55 20.08
CA ASN D 170 15.13 26.16 19.82
C ASN D 170 15.01 24.63 19.73
N GLY D 171 16.14 23.91 19.91
CA GLY D 171 16.22 22.45 19.83
C GLY D 171 16.42 21.97 18.41
N GLY D 172 16.85 22.86 17.50
CA GLY D 172 17.17 22.52 16.11
C GLY D 172 16.47 23.40 15.07
N GLY D 173 16.83 23.20 13.81
CA GLY D 173 16.25 23.92 12.66
C GLY D 173 16.68 23.31 11.34
N VAL D 174 16.23 23.90 10.23
CA VAL D 174 16.62 23.50 8.85
C VAL D 174 17.18 24.75 8.14
N ILE D 175 18.34 24.57 7.47
CA ILE D 175 18.89 25.52 6.45
C ILE D 175 18.74 24.88 5.08
N LEU D 176 18.24 25.67 4.10
CA LEU D 176 18.19 25.34 2.66
C LEU D 176 18.97 26.39 1.85
N THR D 177 19.73 25.96 0.83
CA THR D 177 20.41 26.83 -0.17
C THR D 177 19.91 26.43 -1.56
N ILE D 178 19.75 27.40 -2.48
CA ILE D 178 19.43 27.19 -3.92
C ILE D 178 20.76 27.30 -4.68
N THR D 179 21.25 26.19 -5.19
CA THR D 179 22.54 26.12 -5.90
C THR D 179 22.24 26.20 -7.40
N SER D 180 22.91 25.37 -8.19
CA SER D 180 22.81 25.43 -9.67
C SER D 180 23.32 24.12 -10.25
N MET D 181 22.78 23.74 -11.40
CA MET D 181 23.18 22.52 -12.12
C MET D 181 24.59 22.74 -12.66
N ALA D 182 25.01 24.02 -12.77
CA ALA D 182 26.38 24.42 -13.18
C ALA D 182 27.40 23.83 -12.21
N ALA D 183 27.02 23.66 -10.93
CA ALA D 183 27.84 23.00 -9.88
C ALA D 183 28.24 21.56 -10.29
N GLU D 184 27.47 20.91 -11.15
CA GLU D 184 27.79 19.56 -11.69
C GLU D 184 28.20 19.67 -13.18
N ASN D 185 27.59 20.56 -13.96
CA ASN D 185 27.80 20.62 -15.43
C ASN D 185 29.14 21.29 -15.73
N LYS D 186 29.63 21.05 -16.95
CA LYS D 186 31.03 21.15 -17.42
C LYS D 186 30.93 21.87 -18.78
N ASN D 187 31.43 23.11 -18.89
CA ASN D 187 31.31 23.91 -20.14
C ASN D 187 32.33 25.06 -20.17
N ILE D 188 32.42 25.75 -21.31
CA ILE D 188 33.25 26.98 -21.53
C ILE D 188 32.54 28.17 -20.89
N ASN D 189 33.30 29.26 -20.66
CA ASN D 189 32.87 30.60 -20.16
C ASN D 189 32.12 30.50 -18.83
N MET D 190 32.40 29.52 -17.96
CA MET D 190 31.57 29.26 -16.76
C MET D 190 32.42 29.14 -15.48
N THR D 191 33.67 29.60 -15.47
CA THR D 191 34.61 29.38 -14.34
C THR D 191 34.07 30.04 -13.06
N SER D 192 33.87 31.36 -13.05
CA SER D 192 33.36 32.07 -11.84
C SER D 192 32.06 31.39 -11.39
N TYR D 193 31.08 31.16 -12.27
CA TYR D 193 29.74 30.72 -11.84
C TYR D 193 29.85 29.31 -11.27
N ALA D 194 30.37 28.35 -12.02
CA ALA D 194 30.31 26.89 -11.73
C ALA D 194 31.08 26.57 -10.43
N SER D 195 32.37 26.94 -10.39
CA SER D 195 33.25 26.72 -9.22
C SER D 195 32.48 27.19 -7.98
N SER D 196 32.06 28.45 -8.00
CA SER D 196 31.44 29.13 -6.84
C SER D 196 30.22 28.31 -6.42
N LYS D 197 29.41 27.86 -7.37
CA LYS D 197 28.19 27.09 -7.04
C LYS D 197 28.58 25.71 -6.53
N ALA D 198 29.75 25.19 -6.90
CA ALA D 198 30.23 23.88 -6.40
C ALA D 198 30.74 24.04 -4.96
N ALA D 199 31.08 25.23 -4.52
CA ALA D 199 31.45 25.43 -3.10
C ALA D 199 30.16 25.37 -2.27
N ALA D 200 29.15 26.15 -2.66
CA ALA D 200 27.85 26.24 -1.97
C ALA D 200 27.29 24.82 -1.81
N SER D 201 27.36 24.01 -2.87
CA SER D 201 26.83 22.63 -2.95
C SER D 201 27.60 21.70 -2.01
N HIS D 202 28.92 21.83 -1.91
CA HIS D 202 29.75 20.96 -1.05
C HIS D 202 29.63 21.44 0.41
N LEU D 203 29.59 22.74 0.62
CA LEU D 203 29.24 23.37 1.92
C LEU D 203 28.06 22.63 2.53
N VAL D 204 27.06 22.32 1.72
CA VAL D 204 25.81 21.65 2.19
C VAL D 204 26.22 20.40 2.96
N ARG D 205 27.10 19.55 2.44
CA ARG D 205 27.35 18.26 3.14
C ARG D 205 28.31 18.51 4.32
N ASN D 206 29.04 19.63 4.35
CA ASN D 206 29.98 19.91 5.46
C ASN D 206 29.19 20.44 6.63
N MET D 207 28.35 21.43 6.38
CA MET D 207 27.47 22.04 7.40
C MET D 207 26.50 20.98 7.99
N ALA D 208 26.07 19.97 7.24
CA ALA D 208 25.20 18.88 7.75
C ALA D 208 25.84 18.26 8.99
N PHE D 209 27.13 17.93 8.91
CA PHE D 209 27.99 17.28 9.96
C PHE D 209 28.22 18.17 11.19
N ASP D 210 28.55 19.44 10.96
CA ASP D 210 28.91 20.41 12.02
C ASP D 210 27.67 20.81 12.82
N LEU D 211 26.49 20.88 12.17
CA LEU D 211 25.21 21.41 12.73
C LEU D 211 24.22 20.28 13.11
N GLY D 212 24.49 19.02 12.75
CA GLY D 212 23.67 17.86 13.18
C GLY D 212 23.66 17.72 14.70
N GLU D 213 24.80 17.98 15.34
CA GLU D 213 24.97 18.05 16.83
C GLU D 213 23.92 19.01 17.44
N LYS D 214 23.71 20.17 16.80
CA LYS D 214 22.72 21.21 17.18
C LYS D 214 21.32 20.78 16.71
N ASN D 215 21.22 19.58 16.14
CA ASN D 215 20.00 19.06 15.47
C ASN D 215 19.53 20.02 14.37
N ILE D 216 20.48 20.56 13.57
CA ILE D 216 20.16 21.38 12.35
C ILE D 216 20.37 20.52 11.08
N ARG D 217 19.36 20.46 10.22
CA ARG D 217 19.46 19.83 8.89
C ARG D 217 19.87 20.91 7.89
N VAL D 218 20.78 20.58 6.98
CA VAL D 218 21.30 21.44 5.89
C VAL D 218 21.10 20.69 4.56
N ASN D 219 20.33 21.29 3.64
CA ASN D 219 20.10 20.74 2.27
C ASN D 219 20.20 21.87 1.23
N GLY D 220 20.06 21.51 -0.04
CA GLY D 220 20.02 22.45 -1.17
C GLY D 220 19.22 21.87 -2.31
N ILE D 221 18.73 22.74 -3.19
CA ILE D 221 18.09 22.36 -4.46
C ILE D 221 18.82 23.05 -5.60
N ALA D 222 19.14 22.30 -6.64
CA ALA D 222 19.67 22.80 -7.93
C ALA D 222 18.51 22.88 -8.93
N PRO D 223 17.92 24.08 -9.11
CA PRO D 223 16.77 24.22 -10.01
C PRO D 223 17.16 24.15 -11.48
N GLY D 224 16.32 23.49 -12.27
CA GLY D 224 16.30 23.59 -13.74
C GLY D 224 15.94 25.00 -14.19
N ALA D 225 15.59 25.15 -15.44
CA ALA D 225 15.16 26.42 -16.06
C ALA D 225 13.72 26.71 -15.61
N ILE D 226 13.51 27.67 -14.72
CA ILE D 226 12.16 27.99 -14.17
C ILE D 226 11.50 29.06 -15.05
N LEU D 227 10.29 28.82 -15.54
CA LEU D 227 9.47 29.84 -16.26
C LEU D 227 8.94 30.86 -15.24
N THR D 228 9.84 31.52 -14.50
CA THR D 228 9.53 32.72 -13.69
C THR D 228 8.94 33.77 -14.64
N ASP D 229 8.41 34.89 -14.12
CA ASP D 229 7.95 36.00 -14.98
C ASP D 229 9.17 36.55 -15.73
N ALA D 230 10.30 36.72 -15.04
CA ALA D 230 11.59 37.16 -15.65
C ALA D 230 11.81 36.43 -16.98
N LEU D 231 11.78 35.10 -16.99
CA LEU D 231 12.08 34.26 -18.18
C LEU D 231 10.93 34.33 -19.19
N LYS D 232 9.67 34.35 -18.73
CA LYS D 232 8.46 34.34 -19.59
C LYS D 232 8.42 35.57 -20.48
N SER D 233 9.22 36.60 -20.16
CA SER D 233 9.24 37.93 -20.84
C SER D 233 10.29 38.00 -21.95
N VAL D 234 11.20 37.02 -22.05
CA VAL D 234 12.20 36.88 -23.14
C VAL D 234 11.94 35.60 -23.95
N ILE D 235 11.00 34.76 -23.51
CA ILE D 235 10.84 33.39 -24.05
C ILE D 235 10.19 33.50 -25.43
N THR D 236 10.73 32.75 -26.40
CA THR D 236 10.13 32.47 -27.75
C THR D 236 9.55 31.06 -27.68
N PRO D 237 8.29 30.82 -28.13
CA PRO D 237 7.84 29.45 -28.42
C PRO D 237 8.73 28.74 -29.47
N GLU D 238 10.06 28.77 -29.28
CA GLU D 238 11.10 28.18 -30.18
C GLU D 238 12.43 27.97 -29.45
N ILE D 239 12.78 28.80 -28.44
CA ILE D 239 13.97 28.56 -27.55
C ILE D 239 13.56 27.57 -26.44
N GLU D 240 12.32 27.65 -25.97
CA GLU D 240 11.66 26.56 -25.18
C GLU D 240 12.13 25.23 -25.75
N GLN D 241 11.95 25.03 -27.06
CA GLN D 241 12.28 23.77 -27.81
C GLN D 241 13.76 23.47 -27.65
N LYS D 242 14.62 24.47 -27.85
CA LYS D 242 16.09 24.31 -27.73
C LYS D 242 16.44 23.81 -26.31
N MET D 243 15.71 24.27 -25.30
CA MET D 243 15.98 24.02 -23.86
C MET D 243 15.44 22.64 -23.45
N LEU D 244 14.25 22.28 -23.93
CA LEU D 244 13.58 20.97 -23.67
C LEU D 244 14.29 19.81 -24.39
N GLN D 245 15.30 20.06 -25.22
CA GLN D 245 15.88 19.08 -26.18
C GLN D 245 16.29 17.79 -25.45
N HIS D 246 17.08 17.89 -24.37
CA HIS D 246 17.67 16.73 -23.65
C HIS D 246 16.92 16.50 -22.33
N THR D 247 15.61 16.76 -22.32
CA THR D 247 14.81 16.97 -21.08
C THR D 247 13.68 15.94 -21.01
N PRO D 248 13.85 14.78 -20.33
CA PRO D 248 12.88 13.69 -20.33
C PRO D 248 11.41 14.07 -20.11
N ILE D 249 11.08 14.88 -19.08
CA ILE D 249 9.70 15.41 -18.82
C ILE D 249 9.54 16.75 -19.56
N ARG D 250 9.21 16.72 -20.87
CA ARG D 250 9.25 17.84 -21.86
C ARG D 250 8.41 19.06 -21.41
N ARG D 251 8.85 19.74 -20.36
CA ARG D 251 8.29 21.05 -19.97
C ARG D 251 9.34 21.77 -19.11
N LEU D 252 9.32 23.09 -19.13
CA LEU D 252 10.15 23.91 -18.22
C LEU D 252 9.45 23.93 -16.86
N GLY D 253 10.21 24.22 -15.80
CA GLY D 253 9.66 24.30 -14.43
C GLY D 253 8.82 25.55 -14.21
N GLN D 254 8.05 25.53 -13.10
CA GLN D 254 7.36 26.68 -12.49
C GLN D 254 8.03 26.95 -11.16
N PRO D 255 8.01 28.18 -10.63
CA PRO D 255 8.63 28.43 -9.33
C PRO D 255 8.01 27.51 -8.27
N GLN D 256 6.81 26.99 -8.54
CA GLN D 256 6.03 26.11 -7.64
C GLN D 256 6.77 24.78 -7.43
N ASP D 257 7.38 24.27 -8.48
CA ASP D 257 8.17 23.00 -8.49
C ASP D 257 9.29 23.14 -7.46
N ILE D 258 9.99 24.28 -7.44
CA ILE D 258 11.11 24.54 -6.49
C ILE D 258 10.51 24.78 -5.09
N ALA D 259 9.40 25.51 -5.01
CA ALA D 259 8.79 25.90 -3.72
C ALA D 259 8.28 24.63 -3.05
N ASN D 260 7.60 23.78 -3.83
CA ASN D 260 7.10 22.46 -3.36
C ASN D 260 8.27 21.72 -2.73
N ALA D 261 9.39 21.64 -3.44
CA ALA D 261 10.61 20.90 -3.05
C ALA D 261 11.19 21.53 -1.78
N ALA D 262 11.38 22.84 -1.77
CA ALA D 262 11.84 23.59 -0.58
C ALA D 262 10.98 23.21 0.65
N LEU D 263 9.64 23.11 0.49
CA LEU D 263 8.69 22.86 1.59
C LEU D 263 8.92 21.44 2.15
N PHE D 264 9.11 20.44 1.29
CA PHE D 264 9.41 19.05 1.74
C PHE D 264 10.65 19.12 2.62
N LEU D 265 11.71 19.78 2.13
CA LEU D 265 13.10 19.65 2.63
C LEU D 265 13.25 20.40 3.94
N CYS D 266 12.32 21.32 4.19
CA CYS D 266 12.33 22.20 5.39
C CYS D 266 11.16 21.81 6.33
N SER D 267 10.20 21.00 5.86
CA SER D 267 9.14 20.39 6.68
C SER D 267 9.74 19.23 7.47
N PRO D 268 9.10 18.76 8.56
CA PRO D 268 9.53 17.56 9.27
C PRO D 268 9.28 16.21 8.58
N ALA D 269 8.69 16.21 7.38
CA ALA D 269 8.68 15.03 6.47
C ALA D 269 10.07 14.84 5.87
N ALA D 270 11.01 15.73 6.18
CA ALA D 270 12.43 15.57 5.85
C ALA D 270 13.26 15.67 7.14
N SER D 271 12.68 15.29 8.29
CA SER D 271 13.35 15.32 9.62
C SER D 271 14.66 14.51 9.63
N TRP D 272 14.86 13.60 8.68
CA TRP D 272 16.09 12.77 8.59
C TRP D 272 16.77 12.91 7.23
N VAL D 273 16.54 14.02 6.51
CA VAL D 273 17.27 14.37 5.25
C VAL D 273 18.26 15.48 5.59
N SER D 274 19.58 15.21 5.54
CA SER D 274 20.64 16.24 5.73
C SER D 274 21.80 15.96 4.75
N GLY D 275 22.46 17.02 4.25
CA GLY D 275 23.71 16.96 3.44
C GLY D 275 23.47 16.54 2.00
N GLN D 276 22.25 16.79 1.48
CA GLN D 276 21.72 16.31 0.18
C GLN D 276 21.44 17.49 -0.75
N ILE D 277 21.62 17.29 -2.06
CA ILE D 277 21.22 18.28 -3.09
C ILE D 277 20.17 17.61 -3.95
N LEU D 278 18.94 18.11 -3.93
CA LEU D 278 17.86 17.64 -4.83
C LEU D 278 17.88 18.49 -6.08
N THR D 279 18.10 17.87 -7.23
CA THR D 279 18.05 18.54 -8.55
C THR D 279 16.65 18.35 -9.11
N VAL D 280 15.99 19.46 -9.44
CA VAL D 280 14.62 19.50 -10.02
C VAL D 280 14.71 20.14 -11.40
N SER D 281 14.65 19.32 -12.45
CA SER D 281 14.82 19.78 -13.85
C SER D 281 14.34 18.71 -14.84
N GLY D 282 13.25 17.99 -14.53
CA GLY D 282 12.65 16.95 -15.41
C GLY D 282 13.55 15.74 -15.70
N GLY D 283 14.71 15.62 -15.03
CA GLY D 283 15.73 14.58 -15.33
C GLY D 283 16.76 14.97 -16.38
N GLY D 284 16.78 16.23 -16.81
CA GLY D 284 17.68 16.70 -17.89
C GLY D 284 18.42 17.97 -17.51
N VAL D 285 19.30 18.39 -18.42
CA VAL D 285 19.87 19.76 -18.48
C VAL D 285 19.14 20.53 -19.61
N GLN D 286 18.76 21.79 -19.33
CA GLN D 286 18.09 22.77 -20.24
C GLN D 286 19.13 23.81 -20.71
N GLU D 287 19.48 23.82 -22.00
CA GLU D 287 20.63 24.63 -22.49
C GLU D 287 20.15 25.64 -23.53
N LEU D 288 20.71 26.86 -23.46
CA LEU D 288 20.74 27.87 -24.56
C LEU D 288 21.77 27.37 -25.61
N ASN D 289 22.80 26.64 -25.15
CA ASN D 289 23.77 25.88 -25.98
C ASN D 289 23.01 24.88 -26.87
N SER E 38 -23.59 6.88 36.40
CA SER E 38 -24.08 6.74 35.00
C SER E 38 -24.32 8.13 34.38
N ASP E 39 -23.21 8.82 34.03
CA ASP E 39 -23.21 10.18 33.41
C ASP E 39 -23.38 10.05 31.89
N ASN E 40 -22.88 8.96 31.28
CA ASN E 40 -22.93 8.75 29.80
C ASN E 40 -24.37 8.39 29.36
N LEU E 41 -25.24 7.97 30.30
CA LEU E 41 -26.61 7.45 30.02
C LEU E 41 -27.70 8.48 30.42
N ARG E 42 -27.39 9.79 30.41
CA ARG E 42 -28.33 10.92 30.67
C ARG E 42 -28.36 11.84 29.45
N LEU E 43 -29.30 12.79 29.38
CA LEU E 43 -29.57 13.57 28.15
C LEU E 43 -29.61 15.08 28.44
N ASP E 44 -28.93 15.51 29.51
CA ASP E 44 -28.81 16.93 29.93
C ASP E 44 -28.46 17.78 28.71
N GLY E 45 -29.15 18.91 28.53
CA GLY E 45 -28.98 19.82 27.39
C GLY E 45 -29.80 19.40 26.18
N LYS E 46 -30.05 18.09 26.05
CA LYS E 46 -30.57 17.50 24.79
C LYS E 46 -32.05 17.90 24.61
N CYS E 47 -32.46 17.94 23.34
CA CYS E 47 -33.82 18.30 22.89
C CYS E 47 -34.36 17.16 22.03
N ALA E 48 -35.49 16.58 22.42
CA ALA E 48 -36.06 15.35 21.83
C ALA E 48 -37.43 15.63 21.20
N ILE E 49 -37.67 15.15 19.98
CA ILE E 49 -39.04 14.97 19.39
C ILE E 49 -39.44 13.50 19.54
N ILE E 50 -40.63 13.24 20.09
CA ILE E 50 -41.17 11.87 20.21
C ILE E 50 -42.57 11.86 19.62
N THR E 51 -42.72 11.27 18.44
CA THR E 51 -44.02 11.07 17.74
C THR E 51 -44.82 9.93 18.37
N GLY E 52 -46.15 9.98 18.23
CA GLY E 52 -47.11 9.05 18.85
C GLY E 52 -46.76 8.73 20.29
N ALA E 53 -46.61 9.73 21.16
CA ALA E 53 -46.07 9.56 22.54
C ALA E 53 -47.18 9.71 23.57
N GLY E 54 -48.43 9.66 23.14
CA GLY E 54 -49.61 9.79 24.03
C GLY E 54 -49.87 8.52 24.84
N ALA E 55 -49.28 7.38 24.47
CA ALA E 55 -49.60 6.06 25.08
C ALA E 55 -48.45 5.05 24.93
N GLY E 56 -48.55 3.94 25.66
CA GLY E 56 -47.70 2.74 25.54
C GLY E 56 -46.23 3.09 25.53
N ILE E 57 -45.49 2.53 24.58
CA ILE E 57 -44.01 2.64 24.41
C ILE E 57 -43.61 4.12 24.35
N GLY E 58 -44.27 4.89 23.49
CA GLY E 58 -43.89 6.28 23.19
C GLY E 58 -44.01 7.15 24.41
N LYS E 59 -45.12 7.01 25.14
CA LYS E 59 -45.32 7.73 26.43
C LYS E 59 -44.14 7.45 27.35
N GLU E 60 -43.86 6.17 27.60
CA GLU E 60 -42.83 5.69 28.54
C GLU E 60 -41.45 6.18 28.09
N ILE E 61 -41.23 6.33 26.78
CA ILE E 61 -39.95 6.85 26.23
C ILE E 61 -39.86 8.37 26.53
N ALA E 62 -40.95 9.12 26.35
CA ALA E 62 -40.98 10.59 26.57
C ALA E 62 -40.77 10.89 28.05
N ILE E 63 -41.33 10.07 28.94
CA ILE E 63 -41.17 10.28 30.41
C ILE E 63 -39.73 9.96 30.80
N THR E 64 -39.16 8.87 30.31
CA THR E 64 -37.78 8.42 30.59
C THR E 64 -36.79 9.43 30.00
N PHE E 65 -37.00 9.85 28.75
CA PHE E 65 -36.13 10.86 28.08
C PHE E 65 -36.16 12.13 28.94
N ALA E 66 -37.31 12.47 29.52
CA ALA E 66 -37.47 13.65 30.38
C ALA E 66 -36.77 13.43 31.72
N THR E 67 -37.01 12.28 32.37
CA THR E 67 -36.32 11.82 33.61
C THR E 67 -34.81 11.92 33.43
N ALA E 68 -34.28 11.39 32.32
CA ALA E 68 -32.84 11.45 31.98
C ALA E 68 -32.43 12.89 31.58
N GLY E 69 -33.37 13.83 31.61
CA GLY E 69 -33.05 15.27 31.64
C GLY E 69 -33.15 15.93 30.28
N ALA E 70 -33.76 15.32 29.28
CA ALA E 70 -34.00 15.99 27.99
C ALA E 70 -35.23 16.86 28.14
N SER E 71 -35.32 17.90 27.31
CA SER E 71 -36.57 18.65 27.03
C SER E 71 -37.23 18.03 25.78
N VAL E 72 -38.54 17.90 25.80
CA VAL E 72 -39.29 16.92 24.96
C VAL E 72 -40.53 17.59 24.39
N VAL E 73 -40.57 17.73 23.07
CA VAL E 73 -41.86 17.88 22.34
C VAL E 73 -42.53 16.51 22.32
N VAL E 74 -43.68 16.41 23.01
CA VAL E 74 -44.55 15.20 23.07
C VAL E 74 -45.60 15.35 21.98
N SER E 75 -45.60 14.47 20.99
CA SER E 75 -46.50 14.52 19.81
C SER E 75 -47.40 13.28 19.77
N ASP E 76 -48.69 13.46 19.48
CA ASP E 76 -49.69 12.39 19.21
C ASP E 76 -50.69 12.94 18.19
N ILE E 77 -51.41 12.08 17.47
CA ILE E 77 -52.55 12.50 16.60
C ILE E 77 -53.57 13.30 17.42
N ASN E 78 -53.64 13.09 18.74
CA ASN E 78 -54.67 13.68 19.63
C ASN E 78 -54.06 14.63 20.66
N ALA E 79 -54.38 15.93 20.56
CA ALA E 79 -53.87 17.00 21.45
C ALA E 79 -54.14 16.63 22.93
N ASP E 80 -55.29 16.02 23.23
CA ASP E 80 -55.68 15.75 24.65
C ASP E 80 -54.81 14.63 25.25
N ALA E 81 -54.33 13.66 24.44
CA ALA E 81 -53.48 12.55 24.92
C ALA E 81 -52.05 13.05 25.18
N ALA E 82 -51.58 13.96 24.33
CA ALA E 82 -50.21 14.52 24.39
C ALA E 82 -50.08 15.36 25.65
N ASN E 83 -51.09 16.20 25.93
CA ASN E 83 -51.14 17.08 27.14
C ASN E 83 -50.98 16.21 28.41
N HIS E 84 -51.75 15.12 28.54
CA HIS E 84 -51.65 14.23 29.72
C HIS E 84 -50.20 13.81 29.93
N VAL E 85 -49.44 13.57 28.87
CA VAL E 85 -48.00 13.21 29.01
C VAL E 85 -47.20 14.47 29.39
N VAL E 86 -47.28 15.57 28.63
CA VAL E 86 -46.61 16.85 29.03
C VAL E 86 -46.85 17.03 30.53
N ASP E 87 -48.09 16.87 30.98
CA ASP E 87 -48.52 17.08 32.40
C ASP E 87 -47.66 16.20 33.32
N GLU E 88 -47.72 14.89 33.17
CA GLU E 88 -47.00 13.92 34.05
C GLU E 88 -45.50 14.29 34.08
N ILE E 89 -44.93 14.67 32.94
CA ILE E 89 -43.49 14.99 32.82
C ILE E 89 -43.16 16.15 33.76
N GLN E 90 -43.93 17.24 33.66
CA GLN E 90 -43.65 18.52 34.38
C GLN E 90 -44.36 18.54 35.73
N GLN E 91 -44.94 17.42 36.17
CA GLN E 91 -45.25 17.16 37.60
C GLN E 91 -44.05 16.46 38.24
N LEU E 92 -43.07 16.03 37.44
CA LEU E 92 -41.74 15.55 37.91
C LEU E 92 -40.65 16.56 37.49
N GLY E 93 -41.04 17.79 37.18
CA GLY E 93 -40.12 18.92 36.93
C GLY E 93 -39.23 18.67 35.73
N GLY E 94 -39.80 18.07 34.67
CA GLY E 94 -39.19 18.05 33.33
C GLY E 94 -39.74 19.19 32.49
N GLN E 95 -39.15 19.42 31.32
CA GLN E 95 -39.55 20.43 30.32
C GLN E 95 -40.20 19.71 29.13
N ALA E 96 -41.53 19.69 29.06
CA ALA E 96 -42.30 19.05 27.96
C ALA E 96 -43.28 20.06 27.38
N PHE E 97 -43.43 20.07 26.05
CA PHE E 97 -44.51 20.80 25.32
C PHE E 97 -45.25 19.80 24.41
N ALA E 98 -46.56 20.00 24.22
CA ALA E 98 -47.45 19.12 23.42
C ALA E 98 -47.59 19.70 22.02
N CYS E 99 -47.86 18.87 21.02
CA CYS E 99 -47.88 19.24 19.57
C CYS E 99 -48.65 18.15 18.80
N ARG E 100 -49.75 18.53 18.17
CA ARG E 100 -50.69 17.60 17.49
C ARG E 100 -50.13 17.33 16.09
N CYS E 101 -49.66 16.11 15.83
CA CYS E 101 -49.21 15.71 14.47
C CYS E 101 -49.89 14.43 13.99
N ASP E 102 -50.57 14.52 12.84
CA ASP E 102 -50.84 13.38 11.91
C ASP E 102 -49.60 13.19 11.03
N ILE E 103 -48.89 12.08 11.21
CA ILE E 103 -47.56 11.85 10.60
C ILE E 103 -47.73 11.46 9.13
N THR E 104 -48.96 11.23 8.66
CA THR E 104 -49.29 10.89 7.24
C THR E 104 -49.37 12.17 6.39
N SER E 105 -49.42 13.35 7.00
CA SER E 105 -49.48 14.68 6.31
C SER E 105 -48.06 15.32 6.21
N GLU E 106 -47.59 15.66 5.01
CA GLU E 106 -46.21 16.22 4.83
C GLU E 106 -46.15 17.60 5.52
N GLN E 107 -47.23 18.38 5.50
CA GLN E 107 -47.32 19.66 6.23
C GLN E 107 -47.07 19.39 7.71
N GLU E 108 -47.99 18.70 8.38
CA GLU E 108 -47.97 18.56 9.85
C GLU E 108 -46.58 18.11 10.30
N LEU E 109 -45.93 17.21 9.56
CA LEU E 109 -44.55 16.79 9.85
C LEU E 109 -43.59 17.99 9.84
N SER E 110 -43.69 18.85 8.82
CA SER E 110 -42.90 20.11 8.70
C SER E 110 -43.34 21.10 9.79
N ALA E 111 -44.61 21.14 10.14
CA ALA E 111 -45.09 22.00 11.25
C ALA E 111 -44.45 21.50 12.56
N LEU E 112 -44.61 20.20 12.86
CA LEU E 112 -44.07 19.56 14.09
C LEU E 112 -42.58 19.89 14.25
N ALA E 113 -41.75 19.68 13.22
CA ALA E 113 -40.29 19.95 13.26
C ALA E 113 -40.03 21.42 13.63
N ASP E 114 -40.72 22.34 12.95
CA ASP E 114 -40.61 23.82 13.16
C ASP E 114 -40.99 24.17 14.59
N PHE E 115 -42.05 23.54 15.13
CA PHE E 115 -42.56 23.75 16.52
C PHE E 115 -41.48 23.40 17.55
N ALA E 116 -40.56 22.50 17.21
CA ALA E 116 -39.52 21.99 18.12
C ALA E 116 -38.36 22.98 18.13
N ILE E 117 -37.91 23.46 16.97
CA ILE E 117 -36.87 24.53 16.84
C ILE E 117 -37.25 25.71 17.74
N SER E 118 -38.54 26.03 17.84
CA SER E 118 -39.05 27.30 18.43
C SER E 118 -39.38 27.14 19.92
N LYS E 119 -39.39 25.92 20.47
CA LYS E 119 -39.62 25.72 21.93
C LYS E 119 -38.34 25.22 22.60
N LEU E 120 -37.72 24.16 22.09
CA LEU E 120 -36.54 23.53 22.72
C LEU E 120 -35.29 24.36 22.37
N GLY E 121 -35.29 24.98 21.18
CA GLY E 121 -34.16 25.77 20.62
C GLY E 121 -33.47 25.04 19.48
N LYS E 122 -33.52 23.70 19.49
CA LYS E 122 -32.83 22.82 18.51
C LYS E 122 -33.44 21.42 18.61
N VAL E 123 -32.88 20.44 17.89
CA VAL E 123 -33.25 19.01 18.06
C VAL E 123 -31.95 18.17 17.93
N ASP E 124 -31.78 17.21 18.83
CA ASP E 124 -30.61 16.30 18.90
C ASP E 124 -31.09 14.86 18.78
N ILE E 125 -32.30 14.59 19.27
CA ILE E 125 -32.90 13.24 19.29
C ILE E 125 -34.26 13.29 18.60
N LEU E 126 -34.57 12.31 17.76
CA LEU E 126 -35.95 12.06 17.25
C LEU E 126 -36.27 10.59 17.54
N VAL E 127 -37.33 10.32 18.30
CA VAL E 127 -37.89 8.94 18.47
C VAL E 127 -39.14 8.81 17.61
N ASN E 128 -39.09 8.04 16.53
CA ASN E 128 -40.26 7.83 15.63
C ASN E 128 -40.96 6.55 16.06
N ASN E 129 -41.99 6.70 16.90
CA ASN E 129 -42.84 5.62 17.50
C ASN E 129 -44.12 5.47 16.69
N ALA E 130 -44.69 6.58 16.22
CA ALA E 130 -45.92 6.68 15.41
C ALA E 130 -45.83 5.81 14.16
N GLY E 131 -46.71 4.82 14.05
CA GLY E 131 -46.76 3.88 12.93
C GLY E 131 -48.08 3.13 12.95
N GLY E 132 -48.02 1.84 12.63
CA GLY E 132 -49.09 0.87 12.88
C GLY E 132 -49.29 -0.05 11.68
N GLY E 133 -50.54 -0.49 11.50
CA GLY E 133 -50.88 -1.64 10.65
C GLY E 133 -50.75 -2.91 11.45
N GLY E 134 -51.09 -4.04 10.81
CA GLY E 134 -51.05 -5.37 11.41
C GLY E 134 -51.78 -6.34 10.50
N PRO E 135 -52.28 -7.46 11.05
CA PRO E 135 -52.72 -8.57 10.22
C PRO E 135 -53.80 -8.08 9.26
N LYS E 136 -53.64 -8.35 7.97
CA LYS E 136 -54.64 -7.97 6.94
C LYS E 136 -54.58 -8.99 5.82
N PRO E 137 -55.69 -9.25 5.09
CA PRO E 137 -55.78 -10.38 4.18
C PRO E 137 -55.14 -9.96 2.85
N PHE E 138 -54.69 -10.93 2.05
CA PHE E 138 -54.00 -10.70 0.75
C PHE E 138 -54.88 -9.89 -0.22
N ASP E 139 -56.18 -10.18 -0.28
CA ASP E 139 -57.14 -9.53 -1.20
C ASP E 139 -57.56 -8.14 -0.68
N MET E 140 -56.96 -7.62 0.39
CA MET E 140 -57.18 -6.22 0.87
C MET E 140 -57.19 -5.21 -0.30
N PRO E 141 -57.93 -4.10 -0.24
CA PRO E 141 -57.77 -3.01 -1.21
C PRO E 141 -56.35 -2.44 -1.21
N MET E 142 -55.93 -1.82 -2.32
CA MET E 142 -54.57 -1.26 -2.49
C MET E 142 -54.42 0.00 -1.62
N ALA E 143 -55.51 0.70 -1.29
CA ALA E 143 -55.42 1.86 -0.39
C ALA E 143 -54.88 1.36 0.96
N ASP E 144 -55.50 0.30 1.49
CA ASP E 144 -55.11 -0.31 2.79
C ASP E 144 -53.62 -0.68 2.76
N PHE E 145 -53.14 -1.28 1.66
CA PHE E 145 -51.72 -1.65 1.46
C PHE E 145 -50.84 -0.41 1.52
N ARG E 146 -51.21 0.63 0.78
CA ARG E 146 -50.40 1.87 0.69
C ARG E 146 -50.29 2.48 2.10
N ARG E 147 -51.40 2.49 2.84
CA ARG E 147 -51.53 3.15 4.17
C ARG E 147 -50.44 2.63 5.11
N ALA E 148 -50.07 1.35 4.98
CA ALA E 148 -49.04 0.71 5.82
C ALA E 148 -47.72 1.41 5.55
N TYR E 149 -47.52 1.82 4.31
CA TYR E 149 -46.28 2.48 3.82
C TYR E 149 -46.29 3.94 4.25
N GLU E 150 -47.42 4.64 4.19
CA GLU E 150 -47.54 6.04 4.69
C GLU E 150 -47.13 6.03 6.17
N LEU E 151 -47.65 5.07 6.91
CA LEU E 151 -47.53 5.05 8.39
C LEU E 151 -46.08 4.72 8.77
N ASN E 152 -45.41 3.82 8.06
CA ASN E 152 -44.20 3.12 8.58
C ASN E 152 -42.95 3.51 7.79
N VAL E 153 -43.11 4.01 6.57
CA VAL E 153 -41.97 4.23 5.64
C VAL E 153 -41.89 5.68 5.21
N PHE E 154 -42.94 6.21 4.58
CA PHE E 154 -42.88 7.55 3.96
C PHE E 154 -42.80 8.59 5.09
N SER E 155 -43.66 8.49 6.09
CA SER E 155 -43.68 9.38 7.28
C SER E 155 -42.28 9.43 7.91
N PHE E 156 -41.74 8.26 8.22
CA PHE E 156 -40.49 8.05 8.98
C PHE E 156 -39.33 8.73 8.23
N PHE E 157 -39.29 8.53 6.92
CA PHE E 157 -38.18 8.97 6.04
C PHE E 157 -38.22 10.49 5.92
N HIS E 158 -39.42 11.02 5.70
CA HIS E 158 -39.63 12.47 5.54
C HIS E 158 -39.29 13.18 6.85
N LEU E 159 -39.74 12.68 8.00
CA LEU E 159 -39.43 13.35 9.30
C LEU E 159 -37.90 13.25 9.55
N SER E 160 -37.27 12.19 9.09
CA SER E 160 -35.80 12.01 9.08
C SER E 160 -35.17 13.11 8.25
N GLN E 161 -35.82 13.49 7.16
CA GLN E 161 -35.31 14.54 6.23
C GLN E 161 -35.47 15.92 6.86
N LEU E 162 -36.52 16.15 7.64
CA LEU E 162 -36.82 17.46 8.27
C LEU E 162 -35.81 17.76 9.40
N VAL E 163 -35.38 16.75 10.18
CA VAL E 163 -34.63 16.96 11.45
C VAL E 163 -33.11 16.78 11.24
N ALA E 164 -32.67 16.14 10.16
CA ALA E 164 -31.23 15.90 9.87
C ALA E 164 -30.50 17.23 9.68
N PRO E 165 -30.98 18.15 8.80
CA PRO E 165 -30.51 19.54 8.80
C PRO E 165 -30.23 20.06 10.21
N GLU E 166 -31.22 20.02 11.09
CA GLU E 166 -31.15 20.63 12.44
C GLU E 166 -30.02 20.01 13.26
N MET E 167 -29.81 18.69 13.10
CA MET E 167 -28.92 17.87 13.96
C MET E 167 -27.47 18.13 13.60
N GLU E 168 -27.13 18.08 12.30
CA GLU E 168 -25.72 18.24 11.85
C GLU E 168 -25.25 19.64 12.22
N LYS E 169 -26.10 20.65 12.04
CA LYS E 169 -25.83 22.07 12.42
C LYS E 169 -25.27 22.14 13.85
N ASN E 170 -26.05 21.77 14.87
CA ASN E 170 -25.58 21.77 16.28
C ASN E 170 -24.74 20.51 16.53
N GLY E 171 -24.06 19.99 15.53
CA GLY E 171 -22.87 19.13 15.70
C GLY E 171 -23.20 17.64 15.83
N GLY E 172 -24.46 17.23 15.63
CA GLY E 172 -24.78 15.79 15.64
C GLY E 172 -26.14 15.51 16.25
N GLY E 173 -26.52 14.25 16.25
CA GLY E 173 -27.82 13.83 16.81
C GLY E 173 -28.02 12.33 16.71
N VAL E 174 -29.20 11.89 17.12
CA VAL E 174 -29.58 10.46 17.00
C VAL E 174 -31.04 10.38 16.56
N ILE E 175 -31.31 9.49 15.61
CA ILE E 175 -32.69 9.10 15.17
C ILE E 175 -32.92 7.68 15.67
N LEU E 176 -34.02 7.45 16.40
CA LEU E 176 -34.51 6.09 16.78
C LEU E 176 -35.91 5.84 16.20
N THR E 177 -36.08 4.85 15.34
CA THR E 177 -37.46 4.40 14.97
C THR E 177 -37.76 3.15 15.80
N ILE E 178 -39.05 2.87 15.97
CA ILE E 178 -39.59 1.64 16.60
C ILE E 178 -40.17 0.81 15.48
N THR E 179 -39.51 -0.28 15.11
CA THR E 179 -39.92 -1.17 13.98
C THR E 179 -40.82 -2.27 14.58
N SER E 180 -40.97 -3.42 13.91
CA SER E 180 -41.78 -4.55 14.42
C SER E 180 -40.97 -5.83 14.23
N MET E 181 -41.25 -6.86 15.03
CA MET E 181 -40.62 -8.20 14.91
C MET E 181 -41.09 -8.83 13.59
N ALA E 182 -42.16 -8.27 12.98
CA ALA E 182 -42.77 -8.75 11.71
C ALA E 182 -41.87 -8.46 10.50
N ALA E 183 -40.86 -7.60 10.65
CA ALA E 183 -39.95 -7.15 9.56
C ALA E 183 -38.90 -8.24 9.33
N GLU E 184 -38.92 -9.29 10.15
CA GLU E 184 -37.95 -10.42 10.09
C GLU E 184 -38.69 -11.76 10.14
N ASN E 185 -39.99 -11.77 10.45
CA ASN E 185 -40.77 -13.02 10.58
C ASN E 185 -41.65 -13.11 9.34
N LYS E 186 -42.09 -14.32 9.03
CA LYS E 186 -42.83 -14.64 7.79
C LYS E 186 -44.10 -15.34 8.26
N ASN E 187 -45.28 -14.91 7.76
CA ASN E 187 -46.58 -15.52 8.18
C ASN E 187 -47.76 -15.07 7.28
N ILE E 188 -48.87 -15.79 7.40
CA ILE E 188 -50.15 -15.50 6.66
C ILE E 188 -50.71 -14.17 7.17
N ASN E 189 -51.29 -13.37 6.29
CA ASN E 189 -51.97 -12.10 6.65
C ASN E 189 -51.00 -11.09 7.27
N MET E 190 -49.80 -10.90 6.71
CA MET E 190 -48.90 -9.81 7.17
C MET E 190 -48.38 -8.97 5.99
N THR E 191 -48.83 -9.27 4.77
CA THR E 191 -48.18 -8.80 3.54
C THR E 191 -47.81 -7.31 3.72
N SER E 192 -48.80 -6.49 4.09
CA SER E 192 -48.69 -5.01 4.20
C SER E 192 -47.85 -4.64 5.42
N TYR E 193 -48.13 -5.18 6.61
CA TYR E 193 -47.46 -4.74 7.88
C TYR E 193 -46.00 -5.20 7.82
N ALA E 194 -45.76 -6.47 7.53
CA ALA E 194 -44.42 -7.09 7.59
C ALA E 194 -43.50 -6.38 6.58
N SER E 195 -43.99 -6.13 5.36
CA SER E 195 -43.15 -5.57 4.27
C SER E 195 -42.87 -4.10 4.55
N SER E 196 -43.87 -3.33 4.97
CA SER E 196 -43.69 -1.91 5.32
C SER E 196 -42.68 -1.79 6.44
N LYS E 197 -42.71 -2.75 7.37
CA LYS E 197 -41.83 -2.71 8.58
C LYS E 197 -40.41 -3.16 8.22
N ALA E 198 -40.25 -4.07 7.24
CA ALA E 198 -38.91 -4.46 6.72
C ALA E 198 -38.27 -3.24 6.02
N ALA E 199 -39.09 -2.54 5.23
CA ALA E 199 -38.69 -1.28 4.56
C ALA E 199 -38.11 -0.34 5.61
N ALA E 200 -38.85 -0.10 6.69
CA ALA E 200 -38.45 0.80 7.80
C ALA E 200 -37.11 0.35 8.41
N SER E 201 -36.99 -0.90 8.86
CA SER E 201 -35.74 -1.56 9.36
C SER E 201 -34.56 -1.39 8.39
N HIS E 202 -34.76 -1.60 7.10
CA HIS E 202 -33.66 -1.48 6.10
C HIS E 202 -33.36 0.00 5.84
N LEU E 203 -34.39 0.86 5.90
CA LEU E 203 -34.19 2.33 5.85
C LEU E 203 -33.22 2.73 6.96
N VAL E 204 -33.24 2.01 8.09
CA VAL E 204 -32.36 2.26 9.28
C VAL E 204 -30.93 1.97 8.83
N ARG E 205 -30.71 0.79 8.26
CA ARG E 205 -29.37 0.37 7.76
C ARG E 205 -28.83 1.40 6.79
N ASN E 206 -29.62 1.89 5.84
CA ASN E 206 -29.12 2.71 4.70
C ASN E 206 -28.82 4.14 5.15
N MET E 207 -29.79 4.83 5.75
CA MET E 207 -29.62 6.20 6.33
C MET E 207 -28.42 6.22 7.31
N ALA E 208 -28.11 5.13 8.00
CA ALA E 208 -26.94 5.09 8.91
C ALA E 208 -25.72 5.59 8.14
N PHE E 209 -25.46 5.06 6.94
CA PHE E 209 -24.34 5.49 6.07
C PHE E 209 -24.56 6.96 5.67
N ASP E 210 -25.64 7.24 4.92
CA ASP E 210 -25.94 8.59 4.38
C ASP E 210 -25.76 9.64 5.49
N LEU E 211 -26.00 9.31 6.77
CA LEU E 211 -26.09 10.31 7.88
C LEU E 211 -24.85 10.23 8.78
N GLY E 212 -23.92 9.32 8.44
CA GLY E 212 -22.66 9.10 9.18
C GLY E 212 -21.70 10.26 8.99
N GLU E 213 -21.66 10.83 7.78
CA GLU E 213 -20.82 12.00 7.46
C GLU E 213 -21.39 13.22 8.19
N LYS E 214 -22.70 13.25 8.50
CA LYS E 214 -23.33 14.35 9.25
C LYS E 214 -23.21 14.10 10.77
N ASN E 215 -22.60 12.99 11.16
CA ASN E 215 -22.44 12.56 12.58
C ASN E 215 -23.82 12.38 13.23
N ILE E 216 -24.73 11.70 12.53
CA ILE E 216 -26.10 11.35 13.02
C ILE E 216 -26.23 9.82 13.07
N ARG E 217 -26.46 9.25 14.24
CA ARG E 217 -26.62 7.77 14.40
C ARG E 217 -28.06 7.43 14.03
N VAL E 218 -28.33 6.18 13.62
CA VAL E 218 -29.73 5.72 13.30
C VAL E 218 -29.88 4.28 13.74
N ASN E 219 -30.92 4.03 14.53
CA ASN E 219 -31.15 2.70 15.12
C ASN E 219 -32.64 2.45 15.25
N GLY E 220 -32.98 1.21 15.51
CA GLY E 220 -34.37 0.79 15.69
C GLY E 220 -34.48 -0.20 16.81
N ILE E 221 -35.71 -0.33 17.32
CA ILE E 221 -36.12 -1.35 18.31
C ILE E 221 -37.33 -2.10 17.72
N ALA E 222 -37.25 -3.41 17.81
CA ALA E 222 -38.38 -4.34 17.53
C ALA E 222 -38.86 -4.87 18.87
N PRO E 223 -39.94 -4.27 19.40
CA PRO E 223 -40.46 -4.68 20.70
C PRO E 223 -41.16 -6.03 20.55
N GLY E 224 -40.82 -6.99 21.39
CA GLY E 224 -41.73 -8.10 21.69
C GLY E 224 -43.06 -7.58 22.22
N ALA E 225 -43.86 -8.48 22.78
CA ALA E 225 -45.21 -8.15 23.28
C ALA E 225 -45.09 -7.44 24.63
N ILE E 226 -45.61 -6.20 24.72
CA ILE E 226 -45.54 -5.34 25.93
C ILE E 226 -46.90 -5.39 26.64
N LEU E 227 -46.88 -5.57 27.97
CA LEU E 227 -48.03 -5.32 28.89
C LEU E 227 -48.19 -3.82 29.11
N THR E 228 -48.66 -3.11 28.09
CA THR E 228 -49.12 -1.69 28.16
C THR E 228 -50.41 -1.61 28.99
N ASP E 229 -50.76 -0.41 29.44
CA ASP E 229 -52.04 -0.15 30.15
C ASP E 229 -53.18 -0.64 29.25
N ALA E 230 -53.07 -0.41 27.94
CA ALA E 230 -54.09 -0.73 26.91
C ALA E 230 -54.38 -2.23 26.94
N LEU E 231 -53.33 -3.03 26.76
CA LEU E 231 -53.44 -4.50 26.61
C LEU E 231 -53.58 -5.16 28.00
N LYS E 232 -53.34 -4.41 29.08
CA LYS E 232 -53.39 -4.94 30.47
C LYS E 232 -54.72 -5.66 30.67
N SER E 233 -55.82 -5.10 30.14
CA SER E 233 -57.17 -5.72 30.18
C SER E 233 -57.25 -6.89 29.19
N VAL E 234 -56.86 -6.70 27.92
CA VAL E 234 -57.11 -7.71 26.83
C VAL E 234 -56.41 -9.03 27.18
N ILE E 235 -55.25 -8.99 27.85
CA ILE E 235 -54.43 -10.20 28.20
C ILE E 235 -54.99 -10.78 29.51
N THR E 236 -55.74 -11.87 29.39
CA THR E 236 -56.19 -12.77 30.49
C THR E 236 -55.03 -13.70 30.85
N PRO E 237 -54.78 -14.00 32.13
CA PRO E 237 -53.69 -14.91 32.51
C PRO E 237 -53.71 -16.31 31.84
N GLU E 238 -54.64 -16.55 30.91
CA GLU E 238 -54.66 -17.75 30.02
C GLU E 238 -53.87 -17.45 28.74
N ILE E 239 -54.05 -16.24 28.19
CA ILE E 239 -53.38 -15.71 26.97
C ILE E 239 -51.86 -15.61 27.22
N GLU E 240 -51.46 -15.29 28.46
CA GLU E 240 -50.04 -15.13 28.90
C GLU E 240 -49.29 -16.44 28.60
N GLN E 241 -49.70 -17.55 29.21
CA GLN E 241 -48.90 -18.81 29.12
C GLN E 241 -48.80 -19.23 27.66
N LYS E 242 -49.65 -18.69 26.77
CA LYS E 242 -49.63 -19.06 25.33
C LYS E 242 -48.61 -18.19 24.60
N MET E 243 -48.64 -16.88 24.83
CA MET E 243 -47.71 -15.89 24.23
C MET E 243 -46.27 -16.18 24.68
N LEU E 244 -46.06 -16.69 25.90
CA LEU E 244 -44.71 -16.93 26.50
C LEU E 244 -44.18 -18.34 26.17
N GLN E 245 -44.98 -19.19 25.54
CA GLN E 245 -44.64 -20.60 25.21
C GLN E 245 -43.20 -20.70 24.67
N HIS E 246 -42.82 -19.84 23.73
CA HIS E 246 -41.53 -19.92 22.99
C HIS E 246 -40.63 -18.74 23.36
N THR E 247 -40.68 -18.29 24.62
CA THR E 247 -39.99 -17.06 25.07
C THR E 247 -39.03 -17.39 26.21
N PRO E 248 -37.71 -17.46 25.94
CA PRO E 248 -36.72 -17.91 26.92
C PRO E 248 -36.80 -17.26 28.33
N ILE E 249 -36.70 -15.94 28.39
CA ILE E 249 -37.03 -15.13 29.59
C ILE E 249 -38.56 -15.07 29.67
N ARG E 250 -39.17 -16.03 30.36
CA ARG E 250 -40.65 -16.24 30.40
C ARG E 250 -41.31 -15.15 31.25
N ARG E 251 -41.40 -13.93 30.70
CA ARG E 251 -42.31 -12.85 31.17
C ARG E 251 -42.71 -12.00 29.94
N LEU E 252 -43.81 -11.27 30.02
CA LEU E 252 -44.16 -10.27 28.99
C LEU E 252 -43.30 -9.03 29.21
N GLY E 253 -43.18 -8.19 28.18
CA GLY E 253 -42.43 -6.93 28.22
C GLY E 253 -43.12 -5.95 29.13
N GLN E 254 -42.37 -5.01 29.72
CA GLN E 254 -42.93 -3.75 30.27
C GLN E 254 -42.44 -2.58 29.41
N PRO E 255 -43.21 -1.46 29.31
CA PRO E 255 -42.76 -0.33 28.49
C PRO E 255 -41.32 0.06 28.85
N GLN E 256 -40.92 -0.09 30.13
CA GLN E 256 -39.57 0.32 30.64
C GLN E 256 -38.49 -0.47 29.90
N ASP E 257 -38.75 -1.74 29.53
CA ASP E 257 -37.77 -2.56 28.76
C ASP E 257 -37.43 -1.79 27.50
N ILE E 258 -38.47 -1.29 26.82
CA ILE E 258 -38.32 -0.62 25.50
C ILE E 258 -37.73 0.78 25.74
N ALA E 259 -38.14 1.48 26.79
CA ALA E 259 -37.67 2.87 27.05
C ALA E 259 -36.22 2.85 27.55
N ASN E 260 -35.82 1.85 28.34
CA ASN E 260 -34.40 1.68 28.76
C ASN E 260 -33.55 1.55 27.51
N ALA E 261 -34.00 0.70 26.58
CA ALA E 261 -33.29 0.39 25.31
C ALA E 261 -33.23 1.65 24.43
N ALA E 262 -34.34 2.39 24.31
CA ALA E 262 -34.39 3.75 23.72
C ALA E 262 -33.31 4.64 24.34
N LEU E 263 -33.34 4.82 25.67
CA LEU E 263 -32.40 5.73 26.39
C LEU E 263 -30.96 5.35 26.00
N PHE E 264 -30.63 4.07 26.14
CA PHE E 264 -29.29 3.56 25.81
C PHE E 264 -28.94 3.98 24.38
N LEU E 265 -29.77 3.63 23.38
CA LEU E 265 -29.49 3.90 21.94
C LEU E 265 -29.46 5.41 21.62
N CYS E 266 -30.18 6.25 22.34
CA CYS E 266 -30.26 7.72 22.06
C CYS E 266 -29.28 8.48 22.94
N SER E 267 -28.49 7.78 23.78
CA SER E 267 -27.45 8.36 24.68
C SER E 267 -26.07 8.36 24.03
N PRO E 268 -25.12 9.20 24.51
CA PRO E 268 -23.72 9.11 24.06
C PRO E 268 -23.02 7.80 24.47
N ALA E 269 -23.55 7.06 25.43
CA ALA E 269 -23.06 5.68 25.71
C ALA E 269 -23.07 4.80 24.43
N ALA E 270 -24.02 5.03 23.53
CA ALA E 270 -24.18 4.32 22.25
C ALA E 270 -23.64 5.18 21.10
N SER E 271 -22.66 6.06 21.38
CA SER E 271 -22.01 6.98 20.42
C SER E 271 -21.50 6.23 19.19
N TRP E 272 -21.20 4.92 19.30
CA TRP E 272 -20.65 4.09 18.20
C TRP E 272 -21.64 3.02 17.67
N VAL E 273 -22.90 2.98 18.12
CA VAL E 273 -23.99 2.08 17.60
C VAL E 273 -24.82 2.80 16.52
N SER E 274 -24.91 2.27 15.28
CA SER E 274 -25.71 2.86 14.16
C SER E 274 -26.09 1.81 13.10
N GLY E 275 -27.22 2.03 12.42
CA GLY E 275 -27.79 1.10 11.41
C GLY E 275 -28.10 -0.25 12.05
N GLN E 276 -28.54 -0.23 13.30
CA GLN E 276 -28.85 -1.45 14.09
C GLN E 276 -30.33 -1.51 14.42
N ILE E 277 -30.84 -2.73 14.41
CA ILE E 277 -32.16 -3.12 14.96
C ILE E 277 -31.90 -4.04 16.15
N LEU E 278 -31.93 -3.47 17.34
CA LEU E 278 -31.93 -4.22 18.60
C LEU E 278 -33.36 -4.74 18.79
N THR E 279 -33.55 -6.07 18.82
CA THR E 279 -34.83 -6.73 19.18
C THR E 279 -34.85 -6.92 20.70
N VAL E 280 -35.87 -6.36 21.37
CA VAL E 280 -36.09 -6.52 22.83
C VAL E 280 -37.34 -7.37 23.01
N SER E 281 -37.16 -8.68 23.26
CA SER E 281 -38.27 -9.67 23.27
C SER E 281 -37.88 -10.96 24.03
N GLY E 282 -36.97 -10.89 24.98
CA GLY E 282 -36.71 -11.95 25.96
C GLY E 282 -36.08 -13.16 25.30
N GLY E 283 -35.62 -12.99 24.06
CA GLY E 283 -34.96 -14.08 23.30
C GLY E 283 -35.88 -14.85 22.39
N GLY E 284 -37.12 -14.41 22.14
CA GLY E 284 -37.98 -15.10 21.16
C GLY E 284 -39.13 -14.27 20.62
N VAL E 285 -40.24 -14.92 20.29
CA VAL E 285 -41.44 -14.35 19.59
C VAL E 285 -42.72 -14.72 20.35
N GLN E 286 -43.55 -13.74 20.65
CA GLN E 286 -44.83 -13.91 21.37
C GLN E 286 -45.94 -13.60 20.37
N GLU E 287 -46.38 -14.58 19.56
CA GLU E 287 -47.32 -14.34 18.43
C GLU E 287 -48.76 -14.62 18.90
N LEU E 288 -49.71 -13.81 18.42
CA LEU E 288 -51.18 -14.00 18.57
C LEU E 288 -51.47 -15.50 18.69
N ASN F 37 -34.95 4.20 37.24
CA ASN F 37 -33.78 4.31 38.19
C ASN F 37 -32.53 3.73 37.52
N SER F 38 -31.47 4.55 37.34
CA SER F 38 -30.22 4.21 36.60
C SER F 38 -29.17 3.59 37.54
N ASP F 39 -29.62 3.06 38.70
CA ASP F 39 -28.95 1.96 39.43
C ASP F 39 -29.20 0.66 38.65
N ASN F 40 -29.96 0.75 37.54
CA ASN F 40 -30.21 -0.36 36.59
C ASN F 40 -29.13 -0.33 35.48
N LEU F 41 -28.27 0.69 35.48
CA LEU F 41 -27.03 0.79 34.66
C LEU F 41 -25.78 0.50 35.51
N ARG F 42 -25.93 0.38 36.83
CA ARG F 42 -24.84 0.05 37.79
C ARG F 42 -24.93 -1.43 38.17
N LEU F 43 -23.80 -2.05 38.48
CA LEU F 43 -23.60 -3.51 38.68
C LEU F 43 -23.27 -3.84 40.15
N ASP F 44 -23.43 -2.90 41.07
CA ASP F 44 -23.20 -3.13 42.53
C ASP F 44 -23.85 -4.45 42.96
N GLY F 45 -23.14 -5.26 43.75
CA GLY F 45 -23.60 -6.56 44.27
C GLY F 45 -23.28 -7.71 43.32
N LYS F 46 -23.06 -7.42 42.03
CA LYS F 46 -22.90 -8.43 40.96
C LYS F 46 -21.42 -8.87 40.84
N CYS F 47 -21.20 -10.12 40.46
CA CYS F 47 -19.85 -10.71 40.24
C CYS F 47 -19.70 -11.22 38.80
N ALA F 48 -18.65 -10.75 38.14
CA ALA F 48 -18.43 -10.85 36.68
C ALA F 48 -17.07 -11.52 36.44
N ILE F 49 -17.03 -12.47 35.52
CA ILE F 49 -15.76 -12.96 34.92
C ILE F 49 -15.65 -12.32 33.53
N ILE F 50 -14.44 -11.87 33.19
CA ILE F 50 -14.07 -11.28 31.88
C ILE F 50 -12.77 -11.93 31.40
N THR F 51 -12.87 -12.73 30.34
CA THR F 51 -11.72 -13.34 29.65
C THR F 51 -11.18 -12.33 28.65
N GLY F 52 -9.90 -12.46 28.31
CA GLY F 52 -9.19 -11.61 27.33
C GLY F 52 -9.06 -10.15 27.76
N ALA F 53 -8.85 -9.88 29.06
CA ALA F 53 -9.04 -8.56 29.70
C ALA F 53 -7.69 -7.93 30.05
N GLY F 54 -6.61 -8.24 29.31
CA GLY F 54 -5.28 -7.70 29.59
C GLY F 54 -5.01 -6.42 28.83
N ALA F 55 -5.86 -6.09 27.87
CA ALA F 55 -5.55 -5.32 26.64
C ALA F 55 -6.84 -5.08 25.84
N GLY F 56 -6.90 -3.94 25.12
CA GLY F 56 -7.98 -3.53 24.20
C GLY F 56 -9.38 -3.62 24.80
N ILE F 57 -10.35 -4.15 24.04
CA ILE F 57 -11.81 -4.23 24.39
C ILE F 57 -11.93 -4.79 25.82
N GLY F 58 -11.51 -6.03 26.04
CA GLY F 58 -11.53 -6.74 27.34
C GLY F 58 -11.04 -5.88 28.49
N LYS F 59 -9.82 -5.35 28.38
CA LYS F 59 -9.26 -4.45 29.42
C LYS F 59 -10.33 -3.43 29.77
N GLU F 60 -10.88 -2.76 28.76
CA GLU F 60 -11.85 -1.65 28.91
C GLU F 60 -13.20 -2.16 29.41
N ILE F 61 -13.61 -3.37 29.03
CA ILE F 61 -14.85 -3.98 29.59
C ILE F 61 -14.66 -4.17 31.10
N ALA F 62 -13.49 -4.64 31.55
CA ALA F 62 -13.24 -4.90 32.99
C ALA F 62 -13.23 -3.60 33.80
N ILE F 63 -12.62 -2.55 33.24
CA ILE F 63 -12.48 -1.25 33.98
C ILE F 63 -13.85 -0.61 34.08
N THR F 64 -14.63 -0.59 32.98
CA THR F 64 -16.05 -0.12 32.94
C THR F 64 -16.88 -0.91 33.96
N PHE F 65 -16.85 -2.24 33.89
CA PHE F 65 -17.66 -3.12 34.77
C PHE F 65 -17.30 -2.84 36.24
N ALA F 66 -16.01 -2.73 36.58
CA ALA F 66 -15.60 -2.50 37.98
C ALA F 66 -16.01 -1.10 38.39
N THR F 67 -15.84 -0.10 37.52
CA THR F 67 -16.20 1.33 37.77
C THR F 67 -17.70 1.47 38.03
N ALA F 68 -18.54 0.61 37.45
CA ALA F 68 -20.01 0.64 37.62
C ALA F 68 -20.44 -0.22 38.83
N GLY F 69 -19.52 -0.80 39.59
CA GLY F 69 -19.81 -1.39 40.92
C GLY F 69 -19.59 -2.90 40.98
N ALA F 70 -19.33 -3.55 39.87
CA ALA F 70 -19.23 -5.03 39.81
C ALA F 70 -17.93 -5.47 40.47
N SER F 71 -17.91 -6.68 41.03
CA SER F 71 -16.64 -7.39 41.35
C SER F 71 -16.27 -8.25 40.13
N VAL F 72 -15.01 -8.12 39.71
CA VAL F 72 -14.53 -8.56 38.37
C VAL F 72 -13.37 -9.51 38.57
N VAL F 73 -13.44 -10.70 37.99
CA VAL F 73 -12.23 -11.53 37.69
C VAL F 73 -11.75 -11.03 36.32
N VAL F 74 -10.56 -10.42 36.28
CA VAL F 74 -9.79 -10.05 35.06
C VAL F 74 -8.94 -11.27 34.66
N SER F 75 -9.38 -12.02 33.65
CA SER F 75 -8.62 -13.17 33.10
C SER F 75 -7.89 -12.70 31.85
N ASP F 76 -6.66 -13.16 31.70
CA ASP F 76 -5.88 -13.01 30.44
C ASP F 76 -4.96 -14.23 30.31
N ILE F 77 -4.59 -14.57 29.09
CA ILE F 77 -3.54 -15.60 28.85
C ILE F 77 -2.25 -15.18 29.60
N ASN F 78 -1.90 -13.88 29.58
CA ASN F 78 -0.67 -13.32 30.23
C ASN F 78 -1.05 -12.74 31.61
N ALA F 79 -0.39 -13.22 32.67
CA ALA F 79 -0.72 -12.92 34.08
C ALA F 79 -0.26 -11.50 34.44
N ASP F 80 0.86 -11.08 33.86
CA ASP F 80 1.38 -9.69 34.02
C ASP F 80 0.29 -8.75 33.51
N ALA F 81 -0.29 -9.02 32.33
CA ALA F 81 -1.28 -8.17 31.63
C ALA F 81 -2.55 -8.07 32.51
N ALA F 82 -3.02 -9.20 33.00
CA ALA F 82 -4.20 -9.27 33.88
C ALA F 82 -3.94 -8.46 35.16
N ASN F 83 -2.68 -8.32 35.58
CA ASN F 83 -2.27 -7.63 36.83
C ASN F 83 -2.04 -6.13 36.58
N HIS F 84 -1.70 -5.70 35.37
CA HIS F 84 -1.64 -4.26 35.02
C HIS F 84 -3.07 -3.72 34.95
N VAL F 85 -4.06 -4.61 34.75
CA VAL F 85 -5.48 -4.19 34.58
C VAL F 85 -6.13 -4.05 35.97
N VAL F 86 -5.96 -5.04 36.85
CA VAL F 86 -6.35 -4.97 38.30
C VAL F 86 -5.73 -3.74 39.00
N ASP F 87 -4.43 -3.46 38.81
CA ASP F 87 -3.79 -2.27 39.43
C ASP F 87 -4.64 -1.06 39.09
N GLU F 88 -5.07 -0.96 37.83
CA GLU F 88 -5.72 0.24 37.26
C GLU F 88 -7.12 0.35 37.85
N ILE F 89 -7.78 -0.80 38.04
CA ILE F 89 -9.12 -0.90 38.67
C ILE F 89 -9.01 -0.55 40.16
N GLN F 90 -8.16 -1.24 40.94
CA GLN F 90 -7.91 -0.96 42.39
C GLN F 90 -7.56 0.52 42.60
N GLN F 91 -6.79 1.12 41.69
CA GLN F 91 -6.41 2.55 41.78
C GLN F 91 -7.60 3.43 41.37
N LEU F 92 -8.59 2.91 40.64
CA LEU F 92 -9.86 3.62 40.30
C LEU F 92 -10.93 3.36 41.38
N GLY F 93 -10.68 2.44 42.29
CA GLY F 93 -11.54 2.16 43.45
C GLY F 93 -12.45 0.98 43.21
N GLY F 94 -12.32 0.24 42.11
CA GLY F 94 -13.12 -0.99 41.90
C GLY F 94 -12.50 -2.20 42.60
N GLN F 95 -13.24 -3.30 42.71
CA GLN F 95 -12.75 -4.62 43.18
C GLN F 95 -12.41 -5.48 41.97
N ALA F 96 -11.20 -6.04 41.92
CA ALA F 96 -10.73 -6.85 40.79
C ALA F 96 -9.62 -7.81 41.24
N PHE F 97 -9.67 -9.03 40.69
CA PHE F 97 -8.70 -10.13 40.93
C PHE F 97 -8.21 -10.69 39.59
N ALA F 98 -6.90 -10.71 39.39
CA ALA F 98 -6.26 -11.30 38.19
C ALA F 98 -6.22 -12.82 38.33
N CYS F 99 -6.55 -13.52 37.26
CA CYS F 99 -6.49 -15.01 37.12
C CYS F 99 -6.04 -15.30 35.70
N ARG F 100 -4.80 -15.75 35.52
CA ARG F 100 -4.27 -16.22 34.20
C ARG F 100 -5.12 -17.41 33.71
N CYS F 101 -5.45 -17.46 32.42
CA CYS F 101 -6.17 -18.61 31.81
C CYS F 101 -5.93 -18.68 30.29
N ASP F 102 -5.47 -19.84 29.80
CA ASP F 102 -5.59 -20.29 28.38
C ASP F 102 -7.05 -20.78 28.18
N ILE F 103 -7.83 -20.09 27.34
CA ILE F 103 -9.30 -20.30 27.14
C ILE F 103 -9.53 -21.53 26.26
N THR F 104 -8.47 -21.96 25.56
CA THR F 104 -8.42 -23.19 24.71
C THR F 104 -8.11 -24.45 25.56
N SER F 105 -8.01 -24.35 26.89
CA SER F 105 -7.76 -25.45 27.87
C SER F 105 -8.97 -25.65 28.82
N GLU F 106 -9.64 -26.81 28.75
CA GLU F 106 -10.81 -27.14 29.60
C GLU F 106 -10.42 -27.17 31.08
N GLN F 107 -9.19 -27.55 31.41
CA GLN F 107 -8.74 -27.67 32.83
C GLN F 107 -8.56 -26.25 33.40
N GLU F 108 -7.97 -25.34 32.62
CA GLU F 108 -7.71 -23.93 33.02
C GLU F 108 -9.02 -23.12 33.09
N LEU F 109 -10.01 -23.42 32.24
CA LEU F 109 -11.36 -22.77 32.28
C LEU F 109 -12.06 -23.15 33.58
N SER F 110 -11.89 -24.39 34.02
CA SER F 110 -12.39 -24.94 35.30
C SER F 110 -11.74 -24.16 36.44
N ALA F 111 -10.42 -24.09 36.43
CA ALA F 111 -9.58 -23.40 37.45
C ALA F 111 -10.09 -21.97 37.62
N LEU F 112 -10.35 -21.30 36.49
CA LEU F 112 -10.89 -19.93 36.41
C LEU F 112 -12.24 -19.85 37.13
N ALA F 113 -13.19 -20.67 36.69
CA ALA F 113 -14.54 -20.78 37.30
C ALA F 113 -14.33 -20.97 38.81
N ASP F 114 -13.52 -21.95 39.21
CA ASP F 114 -13.29 -22.24 40.67
C ASP F 114 -12.61 -21.04 41.35
N PHE F 115 -11.57 -20.45 40.75
CA PHE F 115 -10.92 -19.23 41.29
C PHE F 115 -11.95 -18.15 41.58
N ALA F 116 -12.95 -18.03 40.71
CA ALA F 116 -13.96 -16.93 40.72
C ALA F 116 -15.00 -17.18 41.82
N ILE F 117 -15.50 -18.41 42.00
CA ILE F 117 -16.47 -18.74 43.09
C ILE F 117 -15.77 -18.64 44.46
N SER F 118 -14.56 -19.16 44.61
CA SER F 118 -13.75 -19.10 45.86
C SER F 118 -13.48 -17.65 46.27
N LYS F 119 -13.40 -16.72 45.33
CA LYS F 119 -12.97 -15.31 45.55
C LYS F 119 -14.13 -14.31 45.41
N LEU F 120 -15.32 -14.76 44.98
CA LEU F 120 -16.56 -13.91 44.83
C LEU F 120 -17.80 -14.61 45.42
N GLY F 121 -17.77 -15.93 45.65
CA GLY F 121 -18.85 -16.63 46.36
C GLY F 121 -19.97 -17.02 45.42
N LYS F 122 -20.12 -16.26 44.33
CA LYS F 122 -21.18 -16.42 43.29
C LYS F 122 -20.63 -15.91 41.95
N VAL F 123 -21.39 -16.08 40.86
CA VAL F 123 -21.08 -15.51 39.51
C VAL F 123 -22.40 -15.12 38.85
N ASP F 124 -22.57 -13.81 38.55
CA ASP F 124 -23.82 -13.23 37.97
C ASP F 124 -23.61 -12.82 36.50
N ILE F 125 -22.37 -12.65 36.06
CA ILE F 125 -22.03 -12.04 34.76
C ILE F 125 -20.79 -12.73 34.22
N LEU F 126 -20.86 -13.18 32.95
CA LEU F 126 -19.72 -13.72 32.19
C LEU F 126 -19.61 -12.94 30.89
N VAL F 127 -18.43 -12.37 30.63
CA VAL F 127 -18.06 -11.72 29.35
C VAL F 127 -16.93 -12.55 28.73
N ASN F 128 -17.20 -13.25 27.62
CA ASN F 128 -16.15 -13.99 26.86
C ASN F 128 -15.69 -13.06 25.76
N ASN F 129 -14.41 -12.72 25.77
CA ASN F 129 -13.81 -11.81 24.78
C ASN F 129 -12.58 -12.54 24.23
N ALA F 130 -12.73 -13.36 23.20
CA ALA F 130 -11.69 -14.29 22.72
C ALA F 130 -10.75 -13.62 21.69
N GLY F 131 -9.55 -14.17 21.57
CA GLY F 131 -8.43 -13.64 20.76
C GLY F 131 -8.31 -14.32 19.40
N GLY F 132 -7.60 -13.66 18.46
CA GLY F 132 -7.35 -14.15 17.08
C GLY F 132 -7.49 -13.06 16.03
N GLY F 133 -8.71 -12.89 15.49
CA GLY F 133 -9.18 -11.88 14.52
C GLY F 133 -8.30 -11.67 13.29
N GLY F 134 -7.85 -12.75 12.62
CA GLY F 134 -6.81 -12.65 11.58
C GLY F 134 -7.24 -13.18 10.21
N PRO F 135 -6.69 -12.60 9.11
CA PRO F 135 -6.80 -13.23 7.79
C PRO F 135 -5.83 -14.40 7.62
N LYS F 136 -6.28 -15.46 6.95
CA LYS F 136 -5.54 -16.73 6.77
C LYS F 136 -5.81 -17.23 5.35
N PRO F 137 -4.82 -17.84 4.65
CA PRO F 137 -5.00 -18.27 3.27
C PRO F 137 -5.97 -19.46 3.24
N PHE F 138 -6.63 -19.74 2.12
CA PHE F 138 -7.53 -20.92 1.98
C PHE F 138 -6.75 -22.21 2.27
N ASP F 139 -5.51 -22.26 1.75
CA ASP F 139 -4.36 -23.20 2.01
C ASP F 139 -4.21 -23.62 3.49
N MET F 140 -4.46 -22.70 4.44
CA MET F 140 -4.05 -22.81 5.87
C MET F 140 -4.17 -24.26 6.35
N PRO F 141 -3.19 -24.76 7.12
CA PRO F 141 -3.29 -26.09 7.72
C PRO F 141 -4.44 -26.14 8.74
N MET F 142 -5.05 -27.32 8.91
CA MET F 142 -6.32 -27.50 9.66
C MET F 142 -6.17 -27.06 11.13
N ALA F 143 -4.95 -26.93 11.67
CA ALA F 143 -4.71 -26.54 13.09
C ALA F 143 -5.11 -25.07 13.27
N ASP F 144 -4.80 -24.24 12.27
CA ASP F 144 -5.15 -22.80 12.24
C ASP F 144 -6.66 -22.67 11.96
N PHE F 145 -7.23 -23.56 11.15
CA PHE F 145 -8.70 -23.56 10.93
C PHE F 145 -9.33 -23.77 12.31
N ARG F 146 -9.08 -24.92 12.92
CA ARG F 146 -9.56 -25.31 14.27
C ARG F 146 -9.29 -24.22 15.31
N ARG F 147 -8.09 -23.62 15.35
CA ARG F 147 -7.72 -22.61 16.38
C ARG F 147 -8.81 -21.54 16.50
N ALA F 148 -9.40 -21.10 15.38
CA ALA F 148 -10.42 -20.02 15.35
C ALA F 148 -11.67 -20.44 16.15
N TYR F 149 -12.07 -21.70 16.02
CA TYR F 149 -13.25 -22.29 16.70
C TYR F 149 -12.89 -22.49 18.18
N GLU F 150 -11.68 -22.99 18.46
CA GLU F 150 -11.14 -23.17 19.83
C GLU F 150 -11.21 -21.81 20.54
N LEU F 151 -10.71 -20.77 19.87
CA LEU F 151 -10.64 -19.43 20.48
C LEU F 151 -12.06 -18.85 20.66
N ASN F 152 -12.94 -18.87 19.64
CA ASN F 152 -14.17 -18.01 19.65
C ASN F 152 -15.49 -18.80 19.70
N VAL F 153 -15.46 -20.13 19.82
CA VAL F 153 -16.68 -20.97 19.90
C VAL F 153 -16.59 -21.90 21.11
N PHE F 154 -15.63 -22.82 21.10
CA PHE F 154 -15.54 -23.92 22.08
C PHE F 154 -15.18 -23.38 23.47
N SER F 155 -14.29 -22.40 23.55
CA SER F 155 -13.96 -21.68 24.80
C SER F 155 -15.24 -21.09 25.39
N PHE F 156 -15.95 -20.30 24.59
CA PHE F 156 -17.15 -19.51 24.97
C PHE F 156 -18.22 -20.47 25.48
N PHE F 157 -18.54 -21.47 24.69
CA PHE F 157 -19.52 -22.53 25.04
C PHE F 157 -19.12 -23.35 26.28
N HIS F 158 -17.85 -23.67 26.48
CA HIS F 158 -17.47 -24.44 27.70
C HIS F 158 -17.46 -23.53 28.96
N LEU F 159 -17.04 -22.27 28.85
CA LEU F 159 -17.04 -21.34 30.01
C LEU F 159 -18.50 -21.10 30.43
N SER F 160 -19.40 -21.10 29.45
CA SER F 160 -20.86 -21.01 29.65
C SER F 160 -21.40 -22.22 30.43
N GLN F 161 -21.01 -23.45 30.07
CA GLN F 161 -21.41 -24.69 30.83
C GLN F 161 -21.01 -24.54 32.30
N LEU F 162 -19.85 -23.91 32.60
CA LEU F 162 -19.22 -23.87 33.96
C LEU F 162 -19.92 -22.82 34.85
N VAL F 163 -20.23 -21.63 34.32
CA VAL F 163 -20.80 -20.48 35.09
C VAL F 163 -22.34 -20.60 35.20
N ALA F 164 -22.98 -21.25 34.23
CA ALA F 164 -24.46 -21.38 34.20
C ALA F 164 -24.97 -21.90 35.52
N PRO F 165 -24.39 -22.97 36.11
CA PRO F 165 -24.87 -23.50 37.40
C PRO F 165 -24.79 -22.51 38.57
N GLU F 166 -23.64 -21.85 38.72
CA GLU F 166 -23.34 -20.78 39.71
C GLU F 166 -24.35 -19.64 39.57
N MET F 167 -24.77 -19.34 38.35
CA MET F 167 -25.78 -18.28 38.06
C MET F 167 -27.14 -18.80 38.51
N GLU F 168 -27.50 -20.01 38.06
CA GLU F 168 -28.82 -20.66 38.30
C GLU F 168 -29.16 -20.58 39.78
N LYS F 169 -28.20 -20.92 40.65
CA LYS F 169 -28.33 -20.89 42.14
C LYS F 169 -28.91 -19.55 42.62
N ASN F 170 -28.53 -18.43 41.98
CA ASN F 170 -28.84 -17.03 42.41
C ASN F 170 -30.00 -16.44 41.59
N GLY F 171 -30.75 -17.28 40.86
CA GLY F 171 -31.95 -16.85 40.10
C GLY F 171 -31.64 -16.18 38.78
N GLY F 172 -30.47 -16.45 38.19
CA GLY F 172 -30.12 -16.10 36.80
C GLY F 172 -28.92 -15.18 36.70
N GLY F 173 -28.84 -14.39 35.63
CA GLY F 173 -27.66 -13.57 35.28
C GLY F 173 -27.47 -13.50 33.77
N VAL F 174 -26.28 -13.14 33.30
CA VAL F 174 -26.08 -12.79 31.87
C VAL F 174 -24.72 -13.32 31.39
N ILE F 175 -24.71 -13.93 30.20
CA ILE F 175 -23.49 -14.29 29.40
C ILE F 175 -23.42 -13.36 28.17
N LEU F 176 -22.24 -12.85 27.84
CA LEU F 176 -22.02 -11.94 26.69
C LEU F 176 -20.73 -12.33 25.99
N THR F 177 -20.76 -12.61 24.69
CA THR F 177 -19.53 -12.85 23.89
C THR F 177 -19.22 -11.60 23.06
N ILE F 178 -17.93 -11.26 22.96
CA ILE F 178 -17.41 -10.33 21.92
C ILE F 178 -16.86 -11.22 20.80
N THR F 179 -17.54 -11.23 19.66
CA THR F 179 -17.16 -12.04 18.47
C THR F 179 -15.91 -11.44 17.79
N SER F 180 -15.04 -12.30 17.22
CA SER F 180 -14.08 -11.96 16.14
C SER F 180 -14.50 -10.63 15.52
N MET F 181 -13.57 -9.68 15.29
CA MET F 181 -13.91 -8.32 14.77
C MET F 181 -14.29 -8.39 13.28
N ALA F 182 -15.07 -7.41 12.82
CA ALA F 182 -15.54 -7.21 11.42
C ALA F 182 -16.86 -7.98 11.22
N ASN F 187 -15.73 -12.00 2.39
CA ASN F 187 -14.41 -11.31 2.23
C ASN F 187 -13.30 -12.34 2.00
N ILE F 188 -12.22 -11.90 1.36
CA ILE F 188 -11.12 -12.79 0.87
C ILE F 188 -10.22 -13.06 2.07
N ASN F 189 -9.82 -14.34 2.24
CA ASN F 189 -8.89 -14.89 3.26
C ASN F 189 -9.50 -14.82 4.67
N MET F 190 -10.84 -14.89 4.81
CA MET F 190 -11.54 -14.69 6.10
C MET F 190 -12.28 -15.96 6.51
N THR F 191 -11.95 -17.08 5.88
CA THR F 191 -12.67 -18.37 5.94
C THR F 191 -12.71 -18.89 7.39
N SER F 192 -11.63 -18.70 8.15
CA SER F 192 -11.48 -19.23 9.54
C SER F 192 -12.35 -18.39 10.51
N TYR F 193 -12.17 -17.06 10.48
CA TYR F 193 -12.65 -16.13 11.53
C TYR F 193 -14.11 -15.75 11.29
N ALA F 194 -14.53 -15.60 10.03
CA ALA F 194 -15.93 -15.28 9.67
C ALA F 194 -16.81 -16.48 10.03
N SER F 195 -16.40 -17.69 9.69
CA SER F 195 -17.23 -18.91 9.86
C SER F 195 -17.40 -19.20 11.37
N SER F 196 -16.32 -19.15 12.14
CA SER F 196 -16.33 -19.33 13.62
C SER F 196 -17.14 -18.21 14.29
N LYS F 197 -17.22 -17.03 13.65
CA LYS F 197 -17.92 -15.82 14.16
C LYS F 197 -19.42 -15.87 13.81
N ALA F 198 -19.79 -16.53 12.71
CA ALA F 198 -21.20 -16.87 12.47
C ALA F 198 -21.57 -18.08 13.35
N ALA F 199 -20.61 -18.92 13.75
CA ALA F 199 -20.86 -19.99 14.74
C ALA F 199 -21.18 -19.36 16.11
N ALA F 200 -20.32 -18.48 16.60
CA ALA F 200 -20.47 -17.83 17.92
C ALA F 200 -21.83 -17.12 17.99
N SER F 201 -22.24 -16.47 16.90
CA SER F 201 -23.46 -15.61 16.87
C SER F 201 -24.70 -16.50 16.91
N HIS F 202 -24.75 -17.55 16.11
CA HIS F 202 -25.93 -18.45 16.08
C HIS F 202 -25.96 -19.24 17.38
N LEU F 203 -24.79 -19.45 17.99
CA LEU F 203 -24.70 -20.15 19.29
C LEU F 203 -25.44 -19.32 20.33
N VAL F 204 -25.17 -18.02 20.38
CA VAL F 204 -25.92 -17.08 21.26
C VAL F 204 -27.41 -17.29 21.06
N ARG F 205 -27.92 -17.21 19.82
CA ARG F 205 -29.38 -17.18 19.53
C ARG F 205 -30.05 -18.45 20.10
N ASN F 206 -29.36 -19.60 20.04
CA ASN F 206 -29.87 -20.93 20.48
C ASN F 206 -29.65 -21.11 21.98
N MET F 207 -28.44 -20.83 22.48
CA MET F 207 -28.06 -20.87 23.91
C MET F 207 -29.10 -20.07 24.71
N ALA F 208 -29.60 -18.98 24.14
CA ALA F 208 -30.62 -18.11 24.78
C ALA F 208 -31.82 -18.98 25.19
N PHE F 209 -32.16 -19.96 24.36
CA PHE F 209 -33.25 -20.92 24.65
C PHE F 209 -32.79 -21.83 25.80
N ASP F 210 -31.64 -22.46 25.66
CA ASP F 210 -31.15 -23.44 26.67
C ASP F 210 -31.11 -22.79 28.06
N LEU F 211 -30.70 -21.51 28.20
CA LEU F 211 -30.37 -20.85 29.51
C LEU F 211 -31.48 -19.93 30.02
N GLY F 212 -32.47 -19.60 29.17
CA GLY F 212 -33.62 -18.71 29.45
C GLY F 212 -34.52 -19.20 30.58
N GLU F 213 -34.76 -20.52 30.65
CA GLU F 213 -35.55 -21.12 31.76
C GLU F 213 -34.74 -21.02 33.05
N LYS F 214 -33.42 -20.78 32.95
CA LYS F 214 -32.53 -20.56 34.12
C LYS F 214 -32.49 -19.05 34.44
N ASN F 215 -33.20 -18.24 33.68
CA ASN F 215 -33.21 -16.75 33.79
C ASN F 215 -31.81 -16.16 33.53
N ILE F 216 -30.94 -16.92 32.86
CA ILE F 216 -29.69 -16.43 32.22
C ILE F 216 -30.05 -15.89 30.83
N ARG F 217 -29.69 -14.62 30.60
CA ARG F 217 -29.76 -13.97 29.28
C ARG F 217 -28.42 -14.24 28.59
N VAL F 218 -28.43 -14.34 27.26
CA VAL F 218 -27.23 -14.53 26.38
C VAL F 218 -27.29 -13.51 25.24
N ASN F 219 -26.21 -12.75 25.01
CA ASN F 219 -26.11 -11.82 23.86
C ASN F 219 -24.66 -11.74 23.37
N GLY F 220 -24.45 -10.95 22.31
CA GLY F 220 -23.16 -10.73 21.66
C GLY F 220 -23.05 -9.31 21.15
N ILE F 221 -21.82 -8.80 21.14
CA ILE F 221 -21.42 -7.55 20.43
C ILE F 221 -20.40 -7.94 19.35
N ALA F 222 -20.65 -7.47 18.14
CA ALA F 222 -19.73 -7.60 17.00
C ALA F 222 -19.07 -6.23 16.82
N PRO F 223 -17.88 -6.02 17.42
CA PRO F 223 -17.24 -4.71 17.40
C PRO F 223 -16.81 -4.46 15.95
N GLY F 224 -16.83 -3.21 15.50
CA GLY F 224 -16.33 -2.85 14.16
C GLY F 224 -15.66 -1.49 14.19
N ALA F 225 -14.67 -1.26 13.31
CA ALA F 225 -13.99 0.04 13.09
C ALA F 225 -13.46 0.58 14.42
N ILE F 226 -12.80 -0.28 15.20
CA ILE F 226 -12.14 0.10 16.50
C ILE F 226 -10.63 0.42 16.28
N LEU F 227 -10.18 1.48 16.97
CA LEU F 227 -8.80 2.03 17.05
C LEU F 227 -7.83 1.01 17.64
N THR F 228 -8.32 0.00 18.36
CA THR F 228 -7.68 -1.33 18.61
C THR F 228 -6.21 -1.19 19.05
N ASP F 229 -5.72 -2.14 19.83
CA ASP F 229 -4.30 -2.13 20.32
C ASP F 229 -3.34 -2.17 19.12
N ALA F 230 -3.29 -3.32 18.42
CA ALA F 230 -2.63 -3.52 17.10
C ALA F 230 -2.45 -2.20 16.34
N LEU F 231 -3.53 -1.43 16.19
CA LEU F 231 -3.72 -0.43 15.11
C LEU F 231 -3.24 0.97 15.51
N LYS F 232 -3.11 1.27 16.81
CA LYS F 232 -2.63 2.59 17.32
C LYS F 232 -1.10 2.65 17.35
N SER F 233 -0.41 1.50 17.34
CA SER F 233 1.07 1.37 17.20
C SER F 233 1.50 1.54 15.73
N VAL F 234 0.51 1.56 14.82
CA VAL F 234 0.67 1.77 13.35
C VAL F 234 0.48 3.25 13.01
N ILE F 235 -0.50 3.91 13.62
CA ILE F 235 -0.83 5.35 13.38
C ILE F 235 -0.17 6.18 14.47
N THR F 236 0.95 6.83 14.14
CA THR F 236 1.60 7.91 14.93
C THR F 236 1.57 9.16 14.04
N PRO F 237 1.28 10.37 14.57
CA PRO F 237 0.59 11.42 13.83
C PRO F 237 0.45 11.19 12.31
N GLU F 238 -0.51 10.33 11.91
CA GLU F 238 -0.73 9.84 10.51
C GLU F 238 -2.15 9.28 10.37
N ILE F 239 -3.06 10.06 9.76
CA ILE F 239 -4.39 9.64 9.18
C ILE F 239 -5.15 10.93 8.80
N ILE F 249 -17.96 14.73 10.46
CA ILE F 249 -17.12 13.60 9.95
C ILE F 249 -16.63 12.76 11.14
N ARG F 250 -16.98 11.46 11.16
CA ARG F 250 -16.44 10.44 12.11
C ARG F 250 -15.99 9.21 11.30
N ARG F 251 -14.99 8.44 11.78
CA ARG F 251 -14.29 7.37 11.01
C ARG F 251 -14.04 6.12 11.90
N LEU F 252 -13.35 6.22 13.04
CA LEU F 252 -13.02 5.07 13.93
C LEU F 252 -13.57 5.30 15.34
N GLY F 253 -14.02 4.25 16.04
CA GLY F 253 -14.35 4.29 17.49
C GLY F 253 -13.30 3.57 18.34
N GLN F 254 -13.32 3.70 19.66
CA GLN F 254 -12.30 3.04 20.53
C GLN F 254 -12.99 2.08 21.48
N PRO F 255 -12.22 1.19 22.17
CA PRO F 255 -12.79 0.10 22.95
C PRO F 255 -13.86 0.48 23.99
N GLN F 256 -13.81 1.71 24.49
CA GLN F 256 -14.77 2.27 25.49
C GLN F 256 -16.19 2.12 24.92
N ASP F 257 -16.40 2.44 23.63
CA ASP F 257 -17.73 2.38 22.94
C ASP F 257 -18.28 0.95 23.01
N ILE F 258 -17.40 -0.05 22.91
CA ILE F 258 -17.75 -1.49 23.08
C ILE F 258 -18.04 -1.80 24.55
N ALA F 259 -17.30 -1.21 25.50
CA ALA F 259 -17.45 -1.46 26.96
C ALA F 259 -18.83 -0.97 27.43
N ASN F 260 -19.19 0.24 27.01
CA ASN F 260 -20.48 0.94 27.26
C ASN F 260 -21.65 0.03 26.78
N ALA F 261 -21.54 -0.51 25.56
CA ALA F 261 -22.60 -1.33 24.95
C ALA F 261 -22.61 -2.69 25.66
N ALA F 262 -21.44 -3.15 26.13
CA ALA F 262 -21.32 -4.36 26.97
C ALA F 262 -22.07 -4.14 28.30
N LEU F 263 -21.83 -3.00 28.94
CA LEU F 263 -22.33 -2.71 30.30
C LEU F 263 -23.86 -2.69 30.29
N PHE F 264 -24.44 -1.95 29.35
CA PHE F 264 -25.91 -1.86 29.18
C PHE F 264 -26.51 -3.26 28.96
N LEU F 265 -25.91 -4.09 28.11
CA LEU F 265 -26.42 -5.46 27.80
C LEU F 265 -26.29 -6.42 29.01
N CYS F 266 -25.43 -6.11 29.99
CA CYS F 266 -25.17 -6.96 31.18
C CYS F 266 -25.83 -6.39 32.44
N SER F 267 -26.48 -5.23 32.32
CA SER F 267 -27.24 -4.52 33.38
C SER F 267 -28.71 -4.95 33.42
N PRO F 268 -29.40 -4.61 34.53
CA PRO F 268 -30.85 -4.71 34.60
C PRO F 268 -31.64 -3.83 33.62
N ALA F 269 -30.96 -2.94 32.90
CA ALA F 269 -31.62 -2.11 31.88
C ALA F 269 -31.91 -2.96 30.65
N ALA F 270 -31.17 -4.06 30.42
CA ALA F 270 -31.37 -4.99 29.28
C ALA F 270 -31.90 -6.34 29.76
N SER F 271 -32.78 -6.35 30.77
CA SER F 271 -33.26 -7.56 31.47
C SER F 271 -34.19 -8.38 30.56
N TRP F 272 -34.74 -7.78 29.51
CA TRP F 272 -35.61 -8.55 28.57
C TRP F 272 -34.94 -8.68 27.20
N VAL F 273 -33.63 -8.42 27.11
CA VAL F 273 -32.80 -8.51 25.87
C VAL F 273 -32.01 -9.82 25.92
N SER F 274 -32.28 -10.74 25.00
CA SER F 274 -31.55 -12.02 24.85
C SER F 274 -31.61 -12.54 23.41
N GLY F 275 -30.63 -13.36 23.07
CA GLY F 275 -30.36 -13.88 21.72
C GLY F 275 -30.00 -12.80 20.72
N GLN F 276 -29.55 -11.61 21.16
CA GLN F 276 -29.13 -10.50 20.27
C GLN F 276 -27.62 -10.56 19.97
N ILE F 277 -27.27 -10.09 18.77
CA ILE F 277 -25.90 -9.67 18.36
C ILE F 277 -26.01 -8.19 17.99
N LEU F 278 -25.54 -7.31 18.85
CA LEU F 278 -25.50 -5.86 18.55
C LEU F 278 -24.16 -5.58 17.85
N THR F 279 -24.21 -5.08 16.62
CA THR F 279 -23.00 -4.69 15.87
C THR F 279 -22.68 -3.25 16.28
N VAL F 280 -21.57 -3.05 16.99
CA VAL F 280 -21.10 -1.71 17.40
C VAL F 280 -19.92 -1.33 16.50
N SER F 281 -20.22 -0.61 15.40
CA SER F 281 -19.29 -0.37 14.27
C SER F 281 -19.34 1.05 13.68
N GLY F 282 -20.12 1.98 14.23
CA GLY F 282 -20.39 3.28 13.57
C GLY F 282 -21.36 3.17 12.38
N GLY F 283 -21.82 1.96 12.03
CA GLY F 283 -22.77 1.69 10.92
C GLY F 283 -22.34 2.31 9.59
N GLY F 284 -21.03 2.33 9.30
CA GLY F 284 -20.44 2.86 8.05
C GLY F 284 -19.47 1.86 7.42
N LEU G 36 -32.24 -35.99 -13.94
CA LEU G 36 -32.54 -35.05 -15.09
C LEU G 36 -33.77 -35.59 -15.85
N ASN G 37 -34.80 -34.74 -15.99
CA ASN G 37 -35.88 -34.89 -17.00
C ASN G 37 -35.78 -33.65 -17.91
N SER G 38 -35.76 -33.84 -19.24
CA SER G 38 -35.71 -32.73 -20.23
C SER G 38 -36.95 -31.83 -20.07
N ASP G 39 -37.93 -32.31 -19.27
CA ASP G 39 -39.25 -31.66 -18.99
C ASP G 39 -39.34 -31.20 -17.53
N ASN G 40 -38.29 -31.43 -16.72
CA ASN G 40 -37.99 -30.71 -15.44
C ASN G 40 -38.25 -29.22 -15.65
N LEU G 41 -37.49 -28.63 -16.59
CA LEU G 41 -37.36 -27.17 -16.87
C LEU G 41 -38.14 -26.77 -18.13
N ARG G 42 -39.08 -27.62 -18.57
CA ARG G 42 -39.95 -27.32 -19.74
C ARG G 42 -41.24 -26.66 -19.24
N LEU G 43 -41.56 -25.48 -19.78
CA LEU G 43 -42.83 -24.77 -19.49
C LEU G 43 -43.83 -25.12 -20.59
N ASP G 44 -43.96 -26.40 -20.92
CA ASP G 44 -44.75 -26.90 -22.07
C ASP G 44 -46.23 -26.77 -21.74
N GLY G 45 -46.94 -25.84 -22.39
CA GLY G 45 -48.40 -25.62 -22.23
C GLY G 45 -48.73 -24.56 -21.18
N LYS G 46 -47.69 -23.93 -20.62
CA LYS G 46 -47.83 -22.95 -19.51
C LYS G 46 -47.96 -21.56 -20.11
N CYS G 47 -48.71 -20.67 -19.44
CA CYS G 47 -49.13 -19.34 -19.93
C CYS G 47 -48.60 -18.27 -18.96
N ALA G 48 -47.68 -17.40 -19.40
CA ALA G 48 -46.80 -16.60 -18.52
C ALA G 48 -46.77 -15.14 -18.95
N ILE G 49 -47.13 -14.23 -18.05
CA ILE G 49 -46.96 -12.76 -18.19
C ILE G 49 -45.52 -12.40 -17.82
N ILE G 50 -44.90 -11.46 -18.52
CA ILE G 50 -43.61 -10.82 -18.13
C ILE G 50 -43.72 -9.31 -18.38
N THR G 51 -43.21 -8.45 -17.48
CA THR G 51 -43.69 -7.04 -17.32
C THR G 51 -42.66 -5.98 -17.67
N GLY G 52 -41.37 -6.31 -17.62
CA GLY G 52 -40.35 -5.36 -18.09
C GLY G 52 -39.53 -5.97 -19.21
N ALA G 53 -40.19 -6.29 -20.33
CA ALA G 53 -39.76 -7.34 -21.28
C ALA G 53 -39.35 -6.76 -22.63
N GLY G 54 -39.29 -5.44 -22.75
CA GLY G 54 -38.87 -4.75 -23.98
C GLY G 54 -37.37 -4.78 -24.14
N ALA G 55 -36.64 -4.83 -23.03
CA ALA G 55 -35.16 -4.72 -23.02
C ALA G 55 -34.55 -5.57 -21.88
N GLY G 56 -33.24 -5.78 -21.93
CA GLY G 56 -32.44 -6.36 -20.83
C GLY G 56 -32.98 -7.69 -20.37
N ILE G 57 -32.94 -7.95 -19.06
CA ILE G 57 -33.29 -9.23 -18.38
C ILE G 57 -34.73 -9.64 -18.73
N GLY G 58 -35.67 -8.69 -18.74
CA GLY G 58 -37.09 -8.92 -19.07
C GLY G 58 -37.25 -9.58 -20.43
N LYS G 59 -36.52 -9.08 -21.43
CA LYS G 59 -36.46 -9.63 -22.81
C LYS G 59 -35.89 -11.06 -22.75
N GLU G 60 -34.74 -11.27 -22.13
CA GLU G 60 -34.11 -12.62 -22.07
C GLU G 60 -35.05 -13.60 -21.36
N ILE G 61 -35.68 -13.21 -20.25
CA ILE G 61 -36.67 -14.08 -19.55
C ILE G 61 -37.79 -14.43 -20.56
N ALA G 62 -38.41 -13.45 -21.21
CA ALA G 62 -39.47 -13.67 -22.23
C ALA G 62 -39.02 -14.74 -23.22
N ILE G 63 -37.85 -14.51 -23.83
CA ILE G 63 -37.35 -15.33 -24.96
C ILE G 63 -37.03 -16.76 -24.47
N THR G 64 -36.39 -16.91 -23.31
CA THR G 64 -36.06 -18.21 -22.66
C THR G 64 -37.36 -18.97 -22.32
N PHE G 65 -38.41 -18.28 -21.84
CA PHE G 65 -39.72 -18.88 -21.46
C PHE G 65 -40.49 -19.28 -22.72
N ALA G 66 -40.49 -18.45 -23.76
CA ALA G 66 -41.11 -18.78 -25.06
C ALA G 66 -40.54 -20.13 -25.54
N THR G 67 -39.22 -20.25 -25.60
CA THR G 67 -38.50 -21.39 -26.23
C THR G 67 -38.45 -22.59 -25.26
N ALA G 68 -38.97 -22.41 -24.04
CA ALA G 68 -39.23 -23.49 -23.07
C ALA G 68 -40.69 -23.98 -23.19
N GLY G 69 -41.41 -23.54 -24.23
CA GLY G 69 -42.73 -24.10 -24.60
C GLY G 69 -43.88 -23.30 -24.01
N ALA G 70 -43.68 -22.02 -23.68
CA ALA G 70 -44.66 -21.20 -22.95
C ALA G 70 -45.33 -20.18 -23.89
N SER G 71 -46.65 -20.10 -23.82
CA SER G 71 -47.39 -18.95 -24.37
C SER G 71 -47.13 -17.75 -23.45
N VAL G 72 -46.53 -16.68 -23.98
CA VAL G 72 -46.06 -15.48 -23.22
C VAL G 72 -46.86 -14.22 -23.61
N VAL G 73 -47.42 -13.54 -22.63
CA VAL G 73 -47.76 -12.10 -22.78
C VAL G 73 -46.51 -11.30 -22.42
N VAL G 74 -46.06 -10.44 -23.33
CA VAL G 74 -44.92 -9.52 -23.15
C VAL G 74 -45.54 -8.16 -22.89
N SER G 75 -45.38 -7.66 -21.67
CA SER G 75 -45.70 -6.26 -21.29
C SER G 75 -44.39 -5.47 -21.27
N ASP G 76 -44.45 -4.22 -21.72
CA ASP G 76 -43.41 -3.19 -21.44
C ASP G 76 -44.18 -1.87 -21.44
N ILE G 77 -43.54 -0.76 -21.03
CA ILE G 77 -44.22 0.56 -20.88
C ILE G 77 -44.33 1.19 -22.29
N ASN G 78 -43.42 0.77 -23.18
CA ASN G 78 -43.29 1.15 -24.61
C ASN G 78 -43.91 0.05 -25.50
N ALA G 79 -45.09 0.33 -26.08
CA ALA G 79 -45.74 -0.53 -27.10
C ALA G 79 -44.69 -1.13 -28.06
N ASP G 80 -43.81 -0.31 -28.62
CA ASP G 80 -42.90 -0.66 -29.73
C ASP G 80 -41.93 -1.78 -29.29
N ALA G 81 -41.40 -1.68 -28.06
CA ALA G 81 -40.38 -2.63 -27.51
C ALA G 81 -41.06 -3.97 -27.19
N ALA G 82 -42.27 -3.96 -26.65
CA ALA G 82 -43.05 -5.18 -26.44
C ALA G 82 -43.14 -5.85 -27.79
N ASN G 83 -43.76 -5.18 -28.76
CA ASN G 83 -44.01 -5.72 -30.12
C ASN G 83 -42.74 -6.31 -30.74
N HIS G 84 -41.57 -5.69 -30.53
CA HIS G 84 -40.30 -6.12 -31.20
C HIS G 84 -39.85 -7.47 -30.65
N VAL G 85 -40.09 -7.74 -29.37
CA VAL G 85 -39.77 -9.02 -28.67
C VAL G 85 -40.80 -10.08 -29.09
N VAL G 86 -42.08 -9.72 -29.19
CA VAL G 86 -43.14 -10.60 -29.79
C VAL G 86 -42.69 -10.93 -31.21
N ASP G 87 -42.21 -9.94 -31.97
CA ASP G 87 -41.75 -10.11 -33.38
C ASP G 87 -40.61 -11.14 -33.42
N GLU G 88 -39.57 -10.96 -32.60
CA GLU G 88 -38.38 -11.86 -32.53
C GLU G 88 -38.80 -13.25 -32.04
N ILE G 89 -39.57 -13.30 -30.94
CA ILE G 89 -40.08 -14.56 -30.32
C ILE G 89 -40.93 -15.32 -31.35
N GLN G 90 -41.79 -14.63 -32.09
CA GLN G 90 -42.61 -15.28 -33.15
C GLN G 90 -41.71 -15.78 -34.27
N GLN G 91 -40.74 -14.96 -34.70
CA GLN G 91 -39.75 -15.26 -35.78
C GLN G 91 -38.98 -16.55 -35.44
N LEU G 92 -38.63 -16.78 -34.18
CA LEU G 92 -37.90 -18.02 -33.76
C LEU G 92 -38.89 -19.15 -33.50
N GLY G 93 -40.21 -18.93 -33.65
CA GLY G 93 -41.24 -20.00 -33.65
C GLY G 93 -42.09 -20.06 -32.38
N GLY G 94 -41.92 -19.11 -31.46
CA GLY G 94 -42.62 -19.10 -30.17
C GLY G 94 -44.04 -18.60 -30.32
N GLN G 95 -44.89 -18.86 -29.33
CA GLN G 95 -46.18 -18.16 -29.11
C GLN G 95 -45.94 -17.04 -28.08
N ALA G 96 -46.32 -15.81 -28.44
CA ALA G 96 -46.13 -14.61 -27.60
C ALA G 96 -47.05 -13.49 -28.08
N PHE G 97 -47.36 -12.54 -27.19
CA PHE G 97 -48.41 -11.51 -27.41
C PHE G 97 -47.99 -10.23 -26.73
N ALA G 98 -48.08 -9.09 -27.42
CA ALA G 98 -47.65 -7.77 -26.90
C ALA G 98 -48.82 -7.16 -26.13
N CYS G 99 -48.51 -6.14 -25.31
CA CYS G 99 -49.40 -5.44 -24.33
C CYS G 99 -48.62 -4.31 -23.65
N ARG G 100 -48.97 -3.04 -23.92
CA ARG G 100 -48.39 -1.88 -23.20
C ARG G 100 -49.00 -1.86 -21.81
N CYS G 101 -48.19 -1.56 -20.79
CA CYS G 101 -48.63 -1.43 -19.39
C CYS G 101 -47.74 -0.43 -18.65
N ASP G 102 -48.31 0.74 -18.32
CA ASP G 102 -47.77 1.68 -17.30
C ASP G 102 -48.07 1.05 -15.94
N ILE G 103 -47.02 0.60 -15.26
CA ILE G 103 -47.02 -0.41 -14.16
C ILE G 103 -47.41 0.28 -12.85
N THR G 104 -47.30 1.61 -12.77
CA THR G 104 -47.67 2.46 -11.59
C THR G 104 -49.14 2.91 -11.64
N SER G 105 -49.92 2.40 -12.59
CA SER G 105 -51.38 2.68 -12.68
C SER G 105 -52.14 1.38 -12.47
N GLU G 106 -53.14 1.42 -11.60
CA GLU G 106 -53.96 0.26 -11.25
C GLU G 106 -54.86 -0.02 -12.45
N GLN G 107 -55.24 1.03 -13.17
CA GLN G 107 -56.21 0.97 -14.30
C GLN G 107 -55.60 0.03 -15.36
N GLU G 108 -54.29 0.14 -15.59
CA GLU G 108 -53.57 -0.54 -16.69
C GLU G 108 -53.10 -1.93 -16.24
N LEU G 109 -52.68 -2.07 -14.98
CA LEU G 109 -52.29 -3.39 -14.42
C LEU G 109 -53.44 -4.37 -14.58
N SER G 110 -54.68 -3.87 -14.47
CA SER G 110 -55.93 -4.66 -14.56
C SER G 110 -56.31 -4.93 -16.02
N ALA G 111 -55.98 -4.01 -16.92
CA ALA G 111 -56.11 -4.21 -18.39
C ALA G 111 -55.15 -5.31 -18.83
N LEU G 112 -53.88 -5.22 -18.41
CA LEU G 112 -52.84 -6.27 -18.61
C LEU G 112 -53.36 -7.61 -18.08
N ALA G 113 -53.82 -7.65 -16.83
CA ALA G 113 -54.46 -8.85 -16.26
C ALA G 113 -55.52 -9.35 -17.24
N ASP G 114 -56.52 -8.52 -17.53
CA ASP G 114 -57.75 -8.87 -18.29
C ASP G 114 -57.35 -9.36 -19.68
N PHE G 115 -56.62 -8.53 -20.42
CA PHE G 115 -56.01 -8.87 -21.73
C PHE G 115 -55.45 -10.30 -21.71
N ALA G 116 -54.54 -10.58 -20.77
CA ALA G 116 -53.76 -11.84 -20.71
C ALA G 116 -54.65 -13.06 -20.48
N ILE G 117 -55.77 -12.91 -19.76
CA ILE G 117 -56.73 -14.02 -19.47
C ILE G 117 -57.48 -14.35 -20.76
N SER G 118 -58.11 -13.36 -21.41
CA SER G 118 -58.79 -13.59 -22.70
C SER G 118 -57.82 -14.32 -23.65
N LYS G 119 -56.61 -13.78 -23.81
CA LYS G 119 -55.68 -14.17 -24.89
C LYS G 119 -55.11 -15.59 -24.66
N LEU G 120 -54.90 -16.05 -23.43
CA LEU G 120 -54.33 -17.41 -23.16
C LEU G 120 -55.36 -18.33 -22.48
N GLY G 121 -56.46 -17.78 -21.95
CA GLY G 121 -57.54 -18.55 -21.30
C GLY G 121 -57.16 -19.01 -19.89
N LYS G 122 -55.96 -18.65 -19.43
CA LYS G 122 -55.23 -19.23 -18.27
C LYS G 122 -54.02 -18.34 -17.94
N VAL G 123 -53.55 -18.36 -16.69
CA VAL G 123 -52.24 -17.81 -16.25
C VAL G 123 -51.61 -18.82 -15.28
N ASP G 124 -50.38 -19.29 -15.57
CA ASP G 124 -49.62 -20.28 -14.75
C ASP G 124 -48.44 -19.59 -14.05
N ILE G 125 -47.98 -18.45 -14.60
CA ILE G 125 -46.66 -17.81 -14.34
C ILE G 125 -46.78 -16.28 -14.43
N LEU G 126 -46.30 -15.58 -13.39
CA LEU G 126 -46.09 -14.13 -13.43
C LEU G 126 -44.62 -13.89 -13.18
N VAL G 127 -43.98 -13.12 -14.06
CA VAL G 127 -42.66 -12.51 -13.81
C VAL G 127 -42.87 -10.98 -13.73
N ASN G 128 -42.91 -10.44 -12.51
CA ASN G 128 -42.82 -8.98 -12.36
C ASN G 128 -41.35 -8.62 -12.52
N ASN G 129 -41.06 -7.58 -13.31
CA ASN G 129 -39.70 -7.09 -13.63
C ASN G 129 -39.75 -5.55 -13.75
N ALA G 130 -38.73 -4.81 -13.30
CA ALA G 130 -38.70 -3.32 -13.34
C ALA G 130 -37.26 -2.80 -13.18
N GLY G 131 -36.66 -2.30 -14.26
CA GLY G 131 -35.22 -1.96 -14.33
C GLY G 131 -34.93 -0.61 -15.00
N GLY G 132 -34.36 0.32 -14.22
CA GLY G 132 -34.01 1.70 -14.62
C GLY G 132 -34.17 2.71 -13.48
N LYS G 136 -32.84 9.10 -6.15
CA LYS G 136 -31.61 8.34 -5.85
C LYS G 136 -30.82 8.96 -4.70
N PRO G 137 -30.74 10.32 -4.50
CA PRO G 137 -29.94 10.88 -3.40
C PRO G 137 -30.71 10.86 -2.07
N PHE G 138 -30.15 11.37 -0.97
CA PHE G 138 -30.88 11.46 0.34
C PHE G 138 -31.88 12.63 0.31
N ASP G 139 -31.39 13.86 0.13
CA ASP G 139 -32.22 15.11 0.03
C ASP G 139 -32.81 15.20 -1.39
N MET G 140 -34.00 14.59 -1.59
CA MET G 140 -34.65 14.36 -2.92
C MET G 140 -36.16 14.61 -2.81
N PRO G 141 -36.83 15.12 -3.87
CA PRO G 141 -38.29 15.25 -3.82
C PRO G 141 -38.91 13.95 -3.31
N MET G 142 -39.83 14.01 -2.34
CA MET G 142 -40.51 12.80 -1.76
C MET G 142 -40.99 11.93 -2.93
N ALA G 143 -41.42 12.58 -4.02
CA ALA G 143 -41.86 11.98 -5.30
C ALA G 143 -40.86 10.91 -5.79
N ASP G 144 -39.56 11.13 -5.60
CA ASP G 144 -38.47 10.22 -6.07
C ASP G 144 -38.45 8.95 -5.21
N PHE G 145 -38.71 9.11 -3.90
CA PHE G 145 -38.63 8.05 -2.86
C PHE G 145 -39.79 7.09 -3.13
N ARG G 146 -40.94 7.66 -3.45
CA ARG G 146 -42.23 6.96 -3.68
C ARG G 146 -42.17 6.18 -5.00
N ARG G 147 -41.66 6.79 -6.06
CA ARG G 147 -41.57 6.17 -7.41
C ARG G 147 -40.90 4.80 -7.29
N ALA G 148 -39.87 4.67 -6.45
CA ALA G 148 -39.15 3.40 -6.17
C ALA G 148 -40.14 2.32 -5.68
N TYR G 149 -41.05 2.71 -4.78
CA TYR G 149 -41.99 1.82 -4.07
C TYR G 149 -43.09 1.39 -5.03
N GLU G 150 -43.58 2.33 -5.86
CA GLU G 150 -44.54 2.10 -6.99
C GLU G 150 -43.94 1.15 -8.02
N LEU G 151 -42.62 1.23 -8.23
CA LEU G 151 -41.92 0.39 -9.22
C LEU G 151 -41.70 -1.01 -8.62
N ASN G 152 -41.13 -1.06 -7.43
CA ASN G 152 -40.55 -2.30 -6.84
C ASN G 152 -41.59 -3.00 -5.96
N VAL G 153 -42.60 -2.31 -5.38
CA VAL G 153 -43.48 -2.89 -4.29
C VAL G 153 -44.97 -2.90 -4.66
N PHE G 154 -45.61 -1.73 -4.84
CA PHE G 154 -47.09 -1.66 -5.05
C PHE G 154 -47.49 -2.25 -6.41
N SER G 155 -46.65 -2.18 -7.44
CA SER G 155 -47.00 -2.75 -8.77
C SER G 155 -47.08 -4.27 -8.65
N PHE G 156 -45.98 -4.87 -8.22
CA PHE G 156 -45.83 -6.32 -7.95
C PHE G 156 -47.07 -6.86 -7.22
N PHE G 157 -47.37 -6.28 -6.05
CA PHE G 157 -48.43 -6.77 -5.14
C PHE G 157 -49.76 -6.71 -5.89
N HIS G 158 -50.13 -5.54 -6.43
CA HIS G 158 -51.44 -5.40 -7.11
C HIS G 158 -51.50 -6.48 -8.20
N LEU G 159 -50.48 -6.55 -9.07
CA LEU G 159 -50.48 -7.53 -10.20
C LEU G 159 -50.63 -8.95 -9.62
N SER G 160 -50.00 -9.25 -8.48
CA SER G 160 -50.12 -10.58 -7.83
C SER G 160 -51.59 -10.81 -7.38
N GLN G 161 -52.29 -9.74 -6.97
CA GLN G 161 -53.73 -9.77 -6.55
C GLN G 161 -54.58 -10.16 -7.76
N LEU G 162 -54.27 -9.61 -8.94
CA LEU G 162 -55.09 -9.71 -10.17
C LEU G 162 -54.98 -11.10 -10.79
N VAL G 163 -53.79 -11.69 -10.73
CA VAL G 163 -53.52 -12.99 -11.38
C VAL G 163 -53.91 -14.12 -10.40
N ALA G 164 -53.74 -13.91 -9.10
CA ALA G 164 -53.83 -14.96 -8.07
C ALA G 164 -55.11 -15.80 -8.20
N PRO G 165 -56.31 -15.18 -8.28
CA PRO G 165 -57.56 -15.95 -8.27
C PRO G 165 -57.77 -16.75 -9.56
N GLU G 166 -57.11 -16.36 -10.66
CA GLU G 166 -57.11 -17.15 -11.92
C GLU G 166 -56.12 -18.32 -11.80
N MET G 167 -55.03 -18.17 -11.05
CA MET G 167 -54.06 -19.29 -10.81
C MET G 167 -54.70 -20.32 -9.87
N GLU G 168 -55.51 -19.87 -8.91
CA GLU G 168 -56.33 -20.70 -7.99
C GLU G 168 -57.29 -21.58 -8.82
N LYS G 169 -58.11 -21.00 -9.69
CA LYS G 169 -59.14 -21.75 -10.50
C LYS G 169 -58.45 -22.80 -11.38
N ASN G 170 -57.22 -22.52 -11.81
CA ASN G 170 -56.34 -23.43 -12.60
C ASN G 170 -55.67 -24.45 -11.66
N GLY G 171 -55.74 -24.23 -10.34
CA GLY G 171 -55.22 -25.13 -9.29
C GLY G 171 -53.74 -24.91 -8.99
N GLY G 172 -53.25 -23.67 -9.09
CA GLY G 172 -51.89 -23.30 -8.67
C GLY G 172 -51.17 -22.46 -9.70
N GLY G 173 -49.90 -22.18 -9.45
CA GLY G 173 -49.14 -21.29 -10.35
C GLY G 173 -47.81 -20.87 -9.74
N VAL G 174 -47.16 -19.91 -10.36
CA VAL G 174 -45.84 -19.43 -9.87
C VAL G 174 -45.81 -17.93 -10.08
N ILE G 175 -45.18 -17.20 -9.13
CA ILE G 175 -44.93 -15.74 -9.25
C ILE G 175 -43.45 -15.51 -8.97
N LEU G 176 -42.78 -14.81 -9.87
CA LEU G 176 -41.37 -14.41 -9.70
C LEU G 176 -41.35 -12.88 -9.67
N THR G 177 -40.52 -12.28 -8.82
CA THR G 177 -40.18 -10.84 -8.98
C THR G 177 -38.67 -10.74 -9.16
N ILE G 178 -38.25 -9.93 -10.14
CA ILE G 178 -36.83 -9.53 -10.26
C ILE G 178 -36.71 -8.23 -9.48
N THR G 179 -35.71 -8.15 -8.60
CA THR G 179 -35.49 -7.06 -7.61
C THR G 179 -35.12 -5.76 -8.36
N SER G 180 -34.07 -5.80 -9.20
CA SER G 180 -33.43 -4.67 -9.92
C SER G 180 -32.06 -4.37 -9.28
N MET G 181 -31.12 -3.82 -10.04
CA MET G 181 -29.85 -3.21 -9.56
C MET G 181 -29.81 -1.72 -9.96
N ILE G 188 -23.95 4.27 -0.60
CA ILE G 188 -24.49 5.66 -0.48
C ILE G 188 -25.48 5.91 -1.64
N ASN G 189 -26.61 6.55 -1.34
CA ASN G 189 -27.58 7.11 -2.33
C ASN G 189 -28.26 5.97 -3.11
N MET G 190 -28.57 4.86 -2.43
CA MET G 190 -29.42 3.75 -2.94
C MET G 190 -30.64 3.57 -2.02
N THR G 191 -30.86 4.46 -1.06
CA THR G 191 -31.68 4.20 0.16
C THR G 191 -33.14 4.01 -0.25
N SER G 192 -33.59 4.67 -1.32
CA SER G 192 -35.00 4.58 -1.83
C SER G 192 -35.21 3.30 -2.62
N TYR G 193 -34.24 2.94 -3.46
CA TYR G 193 -34.25 1.67 -4.24
C TYR G 193 -33.88 0.52 -3.29
N ALA G 194 -33.00 0.74 -2.31
CA ALA G 194 -32.53 -0.28 -1.36
C ALA G 194 -33.66 -0.67 -0.38
N SER G 195 -34.35 0.33 0.18
CA SER G 195 -35.46 0.12 1.14
C SER G 195 -36.58 -0.64 0.43
N SER G 196 -36.97 -0.18 -0.77
CA SER G 196 -38.09 -0.77 -1.55
C SER G 196 -37.79 -2.23 -1.88
N LYS G 197 -36.53 -2.57 -2.19
CA LYS G 197 -36.15 -3.95 -2.57
C LYS G 197 -36.24 -4.85 -1.34
N ALA G 198 -35.91 -4.35 -0.14
CA ALA G 198 -36.01 -5.09 1.13
C ALA G 198 -37.50 -5.29 1.47
N ALA G 199 -38.33 -4.30 1.18
CA ALA G 199 -39.80 -4.42 1.23
C ALA G 199 -40.20 -5.63 0.39
N ALA G 200 -39.93 -5.56 -0.91
CA ALA G 200 -40.35 -6.56 -1.91
C ALA G 200 -39.85 -7.96 -1.49
N SER G 201 -38.63 -8.05 -1.00
CA SER G 201 -38.00 -9.30 -0.49
C SER G 201 -38.86 -9.88 0.63
N HIS G 202 -39.31 -9.05 1.58
CA HIS G 202 -40.05 -9.54 2.77
C HIS G 202 -41.51 -9.81 2.39
N LEU G 203 -42.04 -9.02 1.44
CA LEU G 203 -43.31 -9.26 0.71
C LEU G 203 -43.30 -10.66 0.10
N VAL G 204 -42.22 -11.04 -0.58
CA VAL G 204 -42.11 -12.40 -1.19
C VAL G 204 -42.24 -13.41 -0.05
N ARG G 205 -41.42 -13.23 0.99
CA ARG G 205 -41.31 -14.18 2.11
C ARG G 205 -42.71 -14.42 2.70
N ASN G 206 -43.51 -13.36 2.82
CA ASN G 206 -44.81 -13.40 3.54
C ASN G 206 -45.94 -13.74 2.55
N MET G 207 -45.95 -13.13 1.39
CA MET G 207 -46.93 -13.45 0.33
C MET G 207 -46.88 -14.97 0.04
N ALA G 208 -45.75 -15.64 0.27
CA ALA G 208 -45.62 -17.08 -0.01
C ALA G 208 -46.63 -17.87 0.83
N PHE G 209 -46.87 -17.44 2.07
CA PHE G 209 -47.85 -18.03 3.03
C PHE G 209 -49.26 -17.75 2.55
N ASP G 210 -49.51 -16.49 2.16
CA ASP G 210 -50.81 -16.02 1.61
C ASP G 210 -51.18 -16.88 0.39
N LEU G 211 -50.23 -17.15 -0.52
CA LEU G 211 -50.60 -17.81 -1.80
C LEU G 211 -50.33 -19.32 -1.74
N GLY G 212 -49.58 -19.78 -0.73
CA GLY G 212 -49.36 -21.21 -0.47
C GLY G 212 -50.67 -21.95 -0.43
N GLU G 213 -51.68 -21.38 0.20
CA GLU G 213 -52.98 -22.05 0.38
C GLU G 213 -53.63 -22.23 -0.99
N LYS G 214 -53.38 -21.32 -1.94
CA LYS G 214 -53.95 -21.38 -3.32
C LYS G 214 -53.07 -22.27 -4.21
N ASN G 215 -52.08 -22.94 -3.62
CA ASN G 215 -51.07 -23.75 -4.35
C ASN G 215 -50.23 -22.89 -5.30
N ILE G 216 -49.98 -21.63 -4.95
CA ILE G 216 -49.15 -20.67 -5.73
C ILE G 216 -47.81 -20.48 -5.01
N ARG G 217 -46.72 -20.55 -5.77
CA ARG G 217 -45.34 -20.39 -5.30
C ARG G 217 -44.88 -18.96 -5.60
N VAL G 218 -44.11 -18.40 -4.67
CA VAL G 218 -43.53 -17.03 -4.80
C VAL G 218 -42.04 -17.12 -4.52
N ASN G 219 -41.22 -16.63 -5.46
CA ASN G 219 -39.79 -16.35 -5.16
C ASN G 219 -39.38 -15.06 -5.85
N GLY G 220 -38.17 -14.61 -5.56
CA GLY G 220 -37.57 -13.39 -6.12
C GLY G 220 -36.17 -13.67 -6.62
N ILE G 221 -35.64 -12.81 -7.49
CA ILE G 221 -34.20 -12.84 -7.90
C ILE G 221 -33.58 -11.46 -7.64
N ALA G 222 -32.42 -11.46 -6.99
CA ALA G 222 -31.55 -10.27 -6.80
C ALA G 222 -30.38 -10.35 -7.78
N PRO G 223 -30.50 -9.79 -9.01
CA PRO G 223 -29.41 -9.84 -9.98
C PRO G 223 -28.24 -8.96 -9.55
N GLY G 224 -27.00 -9.44 -9.68
CA GLY G 224 -25.81 -8.57 -9.66
C GLY G 224 -25.88 -7.46 -10.72
N ALA G 225 -24.73 -6.89 -11.10
CA ALA G 225 -24.60 -5.92 -12.22
C ALA G 225 -24.55 -6.71 -13.53
N ILE G 226 -25.68 -6.69 -14.25
CA ILE G 226 -25.88 -7.21 -15.64
C ILE G 226 -25.77 -6.01 -16.56
N LEU G 227 -24.76 -5.92 -17.41
CA LEU G 227 -24.76 -4.89 -18.48
C LEU G 227 -25.41 -5.55 -19.70
N THR G 228 -26.50 -4.93 -20.18
CA THR G 228 -27.48 -5.49 -21.14
C THR G 228 -26.75 -5.78 -22.46
N ASP G 229 -26.72 -4.83 -23.40
CA ASP G 229 -25.73 -4.76 -24.52
C ASP G 229 -24.81 -3.56 -24.25
N ALA G 230 -24.74 -3.13 -22.98
CA ALA G 230 -24.41 -1.76 -22.52
C ALA G 230 -22.97 -1.37 -22.89
N LEU G 231 -22.20 -2.27 -23.52
CA LEU G 231 -20.92 -1.92 -24.19
C LEU G 231 -20.93 -2.40 -25.66
N LYS G 232 -21.00 -3.72 -25.89
CA LYS G 232 -21.08 -4.36 -27.24
C LYS G 232 -20.19 -3.63 -28.25
N ILE G 235 -16.70 -1.20 -26.19
CA ILE G 235 -16.54 -2.21 -25.11
C ILE G 235 -15.32 -1.86 -24.23
N THR G 236 -15.54 -1.03 -23.19
CA THR G 236 -14.55 -0.54 -22.19
C THR G 236 -13.83 -1.72 -21.53
N PRO G 237 -12.48 -1.75 -21.48
CA PRO G 237 -11.75 -2.83 -20.82
C PRO G 237 -11.35 -2.50 -19.37
N GLU G 238 -11.58 -1.27 -18.91
CA GLU G 238 -10.92 -0.73 -17.69
C GLU G 238 -11.92 -0.54 -16.55
N ILE G 239 -13.06 0.13 -16.77
CA ILE G 239 -13.99 0.59 -15.69
C ILE G 239 -15.03 -0.49 -15.36
N GLU G 240 -14.89 -1.70 -15.92
CA GLU G 240 -15.56 -2.92 -15.41
C GLU G 240 -14.73 -3.43 -14.22
N GLN G 241 -13.42 -3.56 -14.43
CA GLN G 241 -12.46 -4.27 -13.54
C GLN G 241 -12.58 -3.69 -12.12
N LYS G 242 -12.69 -2.36 -12.01
CA LYS G 242 -12.99 -1.67 -10.72
C LYS G 242 -14.32 -2.20 -10.17
N MET G 243 -15.35 -2.31 -11.02
CA MET G 243 -16.69 -2.80 -10.61
C MET G 243 -16.71 -4.33 -10.48
N LEU G 244 -15.68 -5.05 -10.98
CA LEU G 244 -15.63 -6.54 -10.98
C LEU G 244 -14.58 -7.06 -9.99
N GLN G 245 -14.12 -6.23 -9.04
CA GLN G 245 -12.89 -6.49 -8.22
C GLN G 245 -13.24 -7.28 -6.95
N HIS G 246 -14.42 -7.04 -6.36
CA HIS G 246 -14.99 -7.83 -5.23
C HIS G 246 -16.18 -8.65 -5.73
N THR G 247 -15.93 -9.47 -6.75
CA THR G 247 -16.88 -10.37 -7.44
C THR G 247 -16.15 -11.68 -7.71
N PRO G 248 -16.24 -12.69 -6.81
CA PRO G 248 -15.45 -13.92 -6.91
C PRO G 248 -15.34 -14.62 -8.28
N ILE G 249 -16.49 -14.94 -8.91
CA ILE G 249 -16.60 -15.45 -10.32
C ILE G 249 -16.46 -14.24 -11.25
N ARG G 250 -15.22 -13.90 -11.62
CA ARG G 250 -14.88 -12.62 -12.30
C ARG G 250 -15.14 -12.79 -13.80
N ARG G 251 -16.32 -12.39 -14.29
CA ARG G 251 -16.57 -12.33 -15.75
C ARG G 251 -17.59 -11.25 -16.14
N LEU G 252 -18.49 -10.84 -15.24
CA LEU G 252 -19.66 -9.95 -15.53
C LEU G 252 -20.84 -10.81 -16.02
N GLY G 253 -22.04 -10.47 -15.53
CA GLY G 253 -23.25 -11.29 -15.70
C GLY G 253 -23.95 -11.03 -17.02
N GLN G 254 -24.66 -12.05 -17.50
CA GLN G 254 -25.50 -11.94 -18.71
C GLN G 254 -26.96 -11.95 -18.32
N PRO G 255 -27.83 -11.26 -19.09
CA PRO G 255 -29.26 -11.48 -19.00
C PRO G 255 -29.65 -12.97 -18.98
N GLN G 256 -28.82 -13.83 -19.55
CA GLN G 256 -29.17 -15.26 -19.67
C GLN G 256 -28.99 -16.01 -18.34
N ASP G 257 -28.01 -15.63 -17.49
CA ASP G 257 -27.80 -16.23 -16.13
C ASP G 257 -29.03 -15.99 -15.25
N ILE G 258 -29.58 -14.78 -15.33
CA ILE G 258 -30.85 -14.36 -14.66
C ILE G 258 -32.00 -15.23 -15.17
N ALA G 259 -32.04 -15.44 -16.49
CA ALA G 259 -33.17 -16.08 -17.20
C ALA G 259 -33.15 -17.59 -16.97
N ASN G 260 -31.98 -18.22 -16.85
CA ASN G 260 -31.88 -19.65 -16.44
C ASN G 260 -32.30 -19.81 -14.99
N ALA G 261 -31.92 -18.83 -14.15
CA ALA G 261 -32.35 -18.77 -12.74
C ALA G 261 -33.89 -18.70 -12.71
N ALA G 262 -34.46 -17.71 -13.42
CA ALA G 262 -35.90 -17.40 -13.50
C ALA G 262 -36.68 -18.67 -13.89
N LEU G 263 -36.06 -19.49 -14.74
CA LEU G 263 -36.69 -20.64 -15.44
C LEU G 263 -36.75 -21.82 -14.46
N PHE G 264 -35.70 -22.02 -13.67
CA PHE G 264 -35.66 -23.06 -12.61
C PHE G 264 -36.78 -22.76 -11.62
N LEU G 265 -36.89 -21.50 -11.19
CA LEU G 265 -37.84 -21.08 -10.11
C LEU G 265 -39.30 -21.13 -10.58
N CYS G 266 -39.55 -21.13 -11.90
CA CYS G 266 -40.90 -21.21 -12.50
C CYS G 266 -41.12 -22.59 -13.15
N SER G 267 -40.18 -23.53 -12.95
CA SER G 267 -40.27 -24.95 -13.39
C SER G 267 -40.90 -25.83 -12.32
N PRO G 268 -41.47 -27.00 -12.66
CA PRO G 268 -41.69 -28.08 -11.69
C PRO G 268 -40.45 -28.56 -10.94
N ALA G 269 -39.25 -28.29 -11.44
CA ALA G 269 -37.97 -28.61 -10.77
C ALA G 269 -37.86 -27.85 -9.42
N ALA G 270 -38.78 -26.95 -9.13
CA ALA G 270 -38.74 -26.04 -7.96
C ALA G 270 -40.09 -26.06 -7.22
N SER G 271 -40.86 -27.14 -7.36
CA SER G 271 -42.28 -27.25 -6.95
C SER G 271 -42.40 -27.18 -5.43
N TRP G 272 -41.29 -27.35 -4.70
CA TRP G 272 -41.18 -27.19 -3.22
C TRP G 272 -40.29 -26.00 -2.82
N VAL G 273 -40.17 -24.99 -3.69
CA VAL G 273 -39.32 -23.78 -3.49
C VAL G 273 -40.22 -22.55 -3.56
N SER G 274 -40.48 -21.96 -2.38
CA SER G 274 -41.28 -20.71 -2.20
C SER G 274 -40.63 -19.77 -1.18
N GLY G 275 -40.89 -18.48 -1.34
CA GLY G 275 -40.46 -17.43 -0.42
C GLY G 275 -38.95 -17.33 -0.36
N GLN G 276 -38.26 -17.73 -1.43
CA GLN G 276 -36.79 -17.61 -1.56
C GLN G 276 -36.44 -16.32 -2.29
N ILE G 277 -35.27 -15.76 -1.99
CA ILE G 277 -34.61 -14.71 -2.81
C ILE G 277 -33.27 -15.30 -3.22
N LEU G 278 -33.09 -15.65 -4.49
CA LEU G 278 -31.79 -16.08 -5.07
C LEU G 278 -31.03 -14.85 -5.58
N THR G 279 -29.85 -14.61 -4.99
CA THR G 279 -28.86 -13.59 -5.46
C THR G 279 -28.03 -14.22 -6.60
N VAL G 280 -28.13 -13.67 -7.81
CA VAL G 280 -27.28 -14.07 -8.97
C VAL G 280 -26.32 -12.89 -9.24
N SER G 281 -25.11 -12.96 -8.64
CA SER G 281 -24.14 -11.83 -8.50
C SER G 281 -22.69 -12.31 -8.63
N GLY G 282 -22.46 -13.59 -8.94
CA GLY G 282 -21.10 -14.13 -9.11
C GLY G 282 -20.40 -14.45 -7.78
N GLY G 283 -21.13 -14.50 -6.66
CA GLY G 283 -20.57 -14.86 -5.34
C GLY G 283 -20.31 -13.67 -4.43
N GLY G 284 -20.47 -12.45 -4.95
CA GLY G 284 -20.02 -11.22 -4.27
C GLY G 284 -20.99 -10.08 -4.52
N VAL G 285 -21.28 -9.32 -3.46
CA VAL G 285 -22.42 -8.37 -3.40
C VAL G 285 -22.00 -7.05 -4.09
N GLN G 286 -21.52 -7.13 -5.34
CA GLN G 286 -21.59 -6.02 -6.34
C GLN G 286 -23.01 -6.02 -6.94
N ASN H 37 -35.29 -27.45 -20.29
CA ASN H 37 -34.08 -27.53 -21.18
C ASN H 37 -33.18 -28.69 -20.73
N SER H 38 -32.13 -28.98 -21.52
CA SER H 38 -31.14 -30.08 -21.33
C SER H 38 -29.71 -29.62 -21.65
N ASP H 39 -29.50 -28.78 -22.67
CA ASP H 39 -28.16 -28.46 -23.25
C ASP H 39 -27.26 -27.73 -22.25
N ASN H 40 -27.82 -27.03 -21.26
CA ASN H 40 -27.07 -26.24 -20.23
C ASN H 40 -27.57 -26.59 -18.82
N LEU H 41 -28.08 -27.81 -18.61
CA LEU H 41 -28.47 -28.38 -17.29
C LEU H 41 -28.23 -29.89 -17.31
N ARG H 42 -27.05 -30.31 -17.79
CA ARG H 42 -26.60 -31.72 -17.79
C ARG H 42 -25.11 -31.76 -17.43
N LEU H 43 -24.63 -32.96 -17.13
CA LEU H 43 -23.31 -33.17 -16.48
C LEU H 43 -22.50 -34.17 -17.32
N ASP H 44 -22.72 -34.16 -18.64
CA ASP H 44 -21.92 -34.92 -19.64
C ASP H 44 -20.47 -34.47 -19.48
N GLY H 45 -19.57 -35.41 -19.21
CA GLY H 45 -18.11 -35.17 -19.15
C GLY H 45 -17.61 -34.86 -17.74
N LYS H 46 -18.53 -34.47 -16.85
CA LYS H 46 -18.18 -33.99 -15.49
C LYS H 46 -18.01 -35.21 -14.58
N CYS H 47 -17.13 -35.08 -13.59
CA CYS H 47 -16.86 -36.10 -12.55
C CYS H 47 -17.18 -35.53 -11.17
N ALA H 48 -17.88 -36.30 -10.33
CA ALA H 48 -18.57 -35.83 -9.11
C ALA H 48 -18.26 -36.75 -7.92
N ILE H 49 -17.71 -36.20 -6.83
CA ILE H 49 -17.75 -36.85 -5.48
C ILE H 49 -19.03 -36.35 -4.81
N ILE H 50 -19.87 -37.26 -4.33
CA ILE H 50 -21.06 -37.02 -3.47
C ILE H 50 -20.82 -37.80 -2.18
N THR H 51 -20.58 -37.12 -1.06
CA THR H 51 -20.47 -37.74 0.29
C THR H 51 -21.88 -38.01 0.84
N GLY H 52 -22.07 -39.10 1.56
CA GLY H 52 -23.32 -39.40 2.28
C GLY H 52 -24.37 -40.03 1.40
N ALA H 53 -23.93 -40.72 0.34
CA ALA H 53 -24.78 -41.12 -0.81
C ALA H 53 -25.40 -42.51 -0.60
N GLY H 54 -25.53 -42.97 0.65
CA GLY H 54 -26.16 -44.26 0.98
C GLY H 54 -27.68 -44.20 0.98
N ALA H 55 -28.26 -43.10 1.47
CA ALA H 55 -29.72 -42.95 1.67
C ALA H 55 -30.21 -41.56 1.25
N GLY H 56 -31.54 -41.39 1.15
CA GLY H 56 -32.30 -40.12 1.11
C GLY H 56 -31.81 -39.10 0.07
N ILE H 57 -31.20 -38.01 0.54
CA ILE H 57 -30.91 -36.77 -0.25
C ILE H 57 -29.77 -37.08 -1.20
N GLY H 58 -28.76 -37.76 -0.68
CA GLY H 58 -27.46 -37.99 -1.33
C GLY H 58 -27.54 -39.12 -2.33
N LYS H 59 -28.32 -40.16 -2.00
CA LYS H 59 -28.80 -41.20 -2.95
C LYS H 59 -29.39 -40.48 -4.18
N GLU H 60 -30.41 -39.66 -3.97
CA GLU H 60 -31.14 -38.98 -5.06
C GLU H 60 -30.23 -37.98 -5.78
N ILE H 61 -29.32 -37.31 -5.06
CA ILE H 61 -28.36 -36.37 -5.72
C ILE H 61 -27.48 -37.18 -6.67
N ALA H 62 -26.77 -38.18 -6.14
CA ALA H 62 -25.84 -39.08 -6.87
C ALA H 62 -26.52 -39.57 -8.15
N ILE H 63 -27.77 -40.06 -8.06
CA ILE H 63 -28.53 -40.59 -9.24
C ILE H 63 -28.86 -39.44 -10.22
N THR H 64 -29.74 -38.52 -9.87
CA THR H 64 -30.15 -37.38 -10.72
C THR H 64 -28.92 -36.87 -11.48
N PHE H 65 -27.75 -36.88 -10.83
CA PHE H 65 -26.45 -36.38 -11.37
C PHE H 65 -25.91 -37.32 -12.45
N ALA H 66 -25.80 -38.64 -12.17
CA ALA H 66 -25.33 -39.71 -13.08
C ALA H 66 -26.31 -39.93 -14.25
N THR H 67 -27.63 -39.81 -13.97
CA THR H 67 -28.71 -39.69 -14.98
C THR H 67 -28.38 -38.53 -15.94
N ALA H 68 -27.86 -37.41 -15.43
CA ALA H 68 -27.60 -36.17 -16.19
C ALA H 68 -26.24 -36.23 -16.88
N GLY H 69 -25.61 -37.41 -16.89
CA GLY H 69 -24.39 -37.71 -17.66
C GLY H 69 -23.13 -37.70 -16.81
N ALA H 70 -23.24 -37.40 -15.51
CA ALA H 70 -22.08 -37.24 -14.61
C ALA H 70 -21.50 -38.61 -14.30
N SER H 71 -20.18 -38.67 -14.21
CA SER H 71 -19.42 -39.79 -13.59
C SER H 71 -19.24 -39.47 -12.09
N VAL H 72 -19.91 -40.24 -11.23
CA VAL H 72 -20.17 -39.87 -9.82
C VAL H 72 -19.58 -40.95 -8.91
N VAL H 73 -18.54 -40.63 -8.14
CA VAL H 73 -18.07 -41.51 -7.03
C VAL H 73 -19.06 -41.32 -5.87
N VAL H 74 -19.43 -42.43 -5.22
CA VAL H 74 -20.54 -42.53 -4.22
C VAL H 74 -19.97 -43.03 -2.88
N SER H 75 -19.75 -42.10 -1.94
CA SER H 75 -19.28 -42.34 -0.56
C SER H 75 -20.46 -42.32 0.43
N ASP H 76 -20.53 -43.30 1.33
CA ASP H 76 -21.33 -43.26 2.58
C ASP H 76 -20.46 -43.89 3.67
N ILE H 77 -20.81 -43.76 4.95
CA ILE H 77 -20.04 -44.34 6.10
C ILE H 77 -20.44 -45.82 6.20
N ASN H 78 -21.60 -46.19 5.67
CA ASN H 78 -21.97 -47.58 5.32
C ASN H 78 -21.56 -47.87 3.87
N ALA H 79 -20.72 -48.89 3.65
CA ALA H 79 -20.11 -49.26 2.34
C ALA H 79 -20.96 -50.35 1.66
N ASP H 80 -21.68 -51.16 2.44
CA ASP H 80 -22.73 -52.08 1.93
C ASP H 80 -23.83 -51.25 1.24
N ALA H 81 -24.09 -50.03 1.74
CA ALA H 81 -25.21 -49.15 1.32
C ALA H 81 -24.82 -48.30 0.11
N ALA H 82 -23.52 -48.00 -0.04
CA ALA H 82 -22.97 -47.22 -1.17
C ALA H 82 -22.95 -48.09 -2.43
N ASN H 83 -22.73 -49.39 -2.27
CA ASN H 83 -22.69 -50.38 -3.38
C ASN H 83 -24.12 -50.52 -3.94
N HIS H 84 -25.15 -50.57 -3.09
CA HIS H 84 -26.58 -50.77 -3.50
C HIS H 84 -27.09 -49.54 -4.26
N VAL H 85 -26.38 -48.41 -4.13
CA VAL H 85 -26.59 -47.13 -4.87
C VAL H 85 -25.99 -47.28 -6.27
N VAL H 86 -24.69 -47.57 -6.34
CA VAL H 86 -23.90 -47.85 -7.59
C VAL H 86 -24.59 -48.94 -8.44
N ASP H 87 -25.17 -49.98 -7.80
CA ASP H 87 -25.98 -51.07 -8.43
C ASP H 87 -27.10 -50.45 -9.26
N GLU H 88 -27.82 -49.48 -8.71
CA GLU H 88 -28.91 -48.73 -9.38
C GLU H 88 -28.32 -47.85 -10.50
N ILE H 89 -27.16 -47.23 -10.29
CA ILE H 89 -26.58 -46.22 -11.23
C ILE H 89 -26.04 -46.95 -12.49
N GLN H 90 -25.71 -48.24 -12.39
CA GLN H 90 -25.24 -49.04 -13.56
C GLN H 90 -26.43 -49.74 -14.25
N GLN H 91 -27.62 -49.75 -13.64
CA GLN H 91 -28.89 -50.11 -14.34
C GLN H 91 -29.00 -49.27 -15.61
N LEU H 92 -28.75 -47.95 -15.54
CA LEU H 92 -28.71 -47.03 -16.72
C LEU H 92 -27.25 -46.65 -17.00
N GLY H 93 -26.36 -47.63 -16.94
CA GLY H 93 -24.93 -47.49 -17.27
C GLY H 93 -24.42 -46.06 -17.10
N GLY H 94 -24.75 -45.43 -15.96
CA GLY H 94 -24.00 -44.28 -15.44
C GLY H 94 -22.74 -44.79 -14.78
N GLN H 95 -21.66 -44.02 -14.81
CA GLN H 95 -20.35 -44.38 -14.19
C GLN H 95 -20.38 -43.94 -12.71
N ALA H 96 -20.50 -44.90 -11.79
CA ALA H 96 -20.67 -44.68 -10.33
C ALA H 96 -19.91 -45.74 -9.54
N PHE H 97 -18.93 -45.32 -8.72
CA PHE H 97 -17.99 -46.20 -7.98
C PHE H 97 -18.13 -45.96 -6.48
N ALA H 98 -18.39 -47.02 -5.70
CA ALA H 98 -18.61 -46.94 -4.24
C ALA H 98 -17.29 -46.64 -3.55
N CYS H 99 -17.34 -46.03 -2.36
CA CYS H 99 -16.14 -45.68 -1.54
C CYS H 99 -16.55 -45.31 -0.10
N ARG H 100 -16.22 -46.18 0.86
CA ARG H 100 -16.45 -45.96 2.31
C ARG H 100 -15.68 -44.71 2.76
N CYS H 101 -16.25 -43.96 3.71
CA CYS H 101 -15.62 -42.77 4.34
C CYS H 101 -16.26 -42.46 5.69
N ASP H 102 -15.51 -42.68 6.77
CA ASP H 102 -15.60 -41.96 8.06
C ASP H 102 -15.10 -40.53 7.82
N ILE H 103 -16.00 -39.53 7.84
CA ILE H 103 -15.67 -38.12 7.42
C ILE H 103 -15.01 -37.35 8.58
N THR H 104 -14.93 -37.95 9.77
CA THR H 104 -14.29 -37.37 10.99
C THR H 104 -12.76 -37.47 10.89
N SER H 105 -12.24 -38.10 9.83
CA SER H 105 -10.84 -38.60 9.71
C SER H 105 -10.14 -37.98 8.50
N GLU H 106 -9.10 -37.17 8.72
CA GLU H 106 -8.37 -36.45 7.65
C GLU H 106 -7.79 -37.42 6.62
N GLN H 107 -7.27 -38.57 7.05
CA GLN H 107 -6.58 -39.54 6.13
C GLN H 107 -7.62 -40.25 5.26
N GLU H 108 -8.73 -40.71 5.84
CA GLU H 108 -9.84 -41.40 5.11
C GLU H 108 -10.42 -40.46 4.06
N LEU H 109 -10.24 -39.15 4.26
CA LEU H 109 -10.75 -38.05 3.38
C LEU H 109 -9.78 -37.82 2.22
N SER H 110 -8.47 -37.63 2.47
CA SER H 110 -7.41 -37.57 1.42
C SER H 110 -7.45 -38.87 0.61
N ALA H 111 -7.81 -40.00 1.24
CA ALA H 111 -7.99 -41.35 0.64
C ALA H 111 -9.35 -41.46 -0.10
N LEU H 112 -10.03 -40.33 -0.30
CA LEU H 112 -11.29 -40.24 -1.06
C LEU H 112 -11.04 -39.31 -2.25
N ALA H 113 -10.26 -38.24 -2.00
CA ALA H 113 -9.64 -37.38 -3.04
C ALA H 113 -8.68 -38.20 -3.92
N ASP H 114 -8.62 -39.52 -3.72
CA ASP H 114 -7.70 -40.46 -4.44
C ASP H 114 -8.54 -41.50 -5.19
N PHE H 115 -9.50 -42.14 -4.51
CA PHE H 115 -10.59 -42.92 -5.17
C PHE H 115 -11.31 -42.02 -6.19
N ALA H 116 -10.96 -40.72 -6.23
CA ALA H 116 -11.52 -39.67 -7.10
C ALA H 116 -10.66 -39.49 -8.37
N ILE H 117 -9.47 -38.87 -8.25
CA ILE H 117 -8.56 -38.56 -9.40
C ILE H 117 -8.24 -39.84 -10.19
N SER H 118 -8.28 -41.00 -9.52
CA SER H 118 -7.77 -42.31 -10.01
C SER H 118 -8.88 -43.06 -10.74
N LYS H 119 -9.96 -43.40 -10.02
CA LYS H 119 -11.06 -44.31 -10.46
C LYS H 119 -12.11 -43.51 -11.26
N LEU H 120 -11.91 -42.20 -11.48
CA LEU H 120 -12.73 -41.35 -12.40
C LEU H 120 -11.80 -40.68 -13.42
N GLY H 121 -10.81 -39.91 -12.95
CA GLY H 121 -9.85 -39.16 -13.79
C GLY H 121 -9.62 -37.76 -13.26
N LYS H 122 -10.66 -37.13 -12.72
CA LYS H 122 -10.63 -35.72 -12.24
C LYS H 122 -11.83 -35.47 -11.32
N VAL H 123 -11.89 -34.26 -10.75
CA VAL H 123 -13.07 -33.78 -9.97
C VAL H 123 -13.47 -32.39 -10.46
N ASP H 124 -14.75 -32.26 -10.84
CA ASP H 124 -15.42 -31.03 -11.37
C ASP H 124 -16.47 -30.54 -10.36
N ILE H 125 -16.98 -31.47 -9.55
CA ILE H 125 -18.18 -31.30 -8.69
C ILE H 125 -17.97 -32.02 -7.35
N LEU H 126 -18.09 -31.29 -6.24
CA LEU H 126 -18.21 -31.87 -4.86
C LEU H 126 -19.60 -31.53 -4.32
N VAL H 127 -20.33 -32.55 -3.87
CA VAL H 127 -21.53 -32.40 -2.99
C VAL H 127 -21.18 -32.90 -1.58
N ASN H 128 -21.17 -31.99 -0.61
CA ASN H 128 -21.03 -32.34 0.83
C ASN H 128 -22.43 -32.55 1.41
N ASN H 129 -22.91 -33.80 1.47
CA ASN H 129 -24.17 -34.23 2.12
C ASN H 129 -23.84 -35.19 3.29
N ALA H 130 -22.55 -35.41 3.56
CA ALA H 130 -22.06 -36.04 4.80
C ALA H 130 -22.14 -35.01 5.94
N GLY H 131 -22.79 -35.41 7.04
CA GLY H 131 -22.91 -34.60 8.27
C GLY H 131 -23.73 -35.33 9.32
N GLY H 132 -23.50 -35.01 10.59
CA GLY H 132 -24.32 -35.52 11.69
C GLY H 132 -24.72 -34.42 12.65
N GLY H 133 -24.95 -34.81 13.90
CA GLY H 133 -25.55 -33.95 14.93
C GLY H 133 -27.06 -34.07 14.92
N GLY H 134 -27.66 -33.75 16.06
CA GLY H 134 -29.12 -33.67 16.27
C GLY H 134 -29.36 -32.93 17.58
N PRO H 135 -30.62 -32.92 18.07
CA PRO H 135 -30.91 -32.44 19.44
C PRO H 135 -29.89 -32.89 20.49
N LYS H 136 -29.43 -31.94 21.31
CA LYS H 136 -28.51 -32.20 22.46
C LYS H 136 -28.85 -31.27 23.61
N PRO H 137 -28.76 -31.74 24.88
CA PRO H 137 -28.90 -30.85 26.04
C PRO H 137 -27.69 -29.90 26.16
N PHE H 138 -27.94 -28.69 26.66
CA PHE H 138 -26.88 -27.68 26.92
C PHE H 138 -25.73 -28.39 27.62
N ASP H 139 -26.03 -29.23 28.60
CA ASP H 139 -25.01 -29.88 29.47
C ASP H 139 -24.40 -31.11 28.80
N MET H 140 -24.53 -31.27 27.49
CA MET H 140 -23.73 -32.27 26.72
C MET H 140 -22.26 -32.12 27.08
N PRO H 141 -21.47 -33.20 27.02
CA PRO H 141 -20.02 -33.09 27.13
C PRO H 141 -19.40 -32.43 25.88
N MET H 142 -18.18 -31.90 26.01
CA MET H 142 -17.50 -31.09 24.97
C MET H 142 -17.11 -31.96 23.77
N ALA H 143 -16.97 -33.26 23.94
CA ALA H 143 -16.63 -34.20 22.85
C ALA H 143 -17.83 -34.31 21.91
N ASP H 144 -19.06 -34.11 22.43
CA ASP H 144 -20.33 -34.16 21.63
C ASP H 144 -20.44 -32.85 20.86
N PHE H 145 -20.25 -31.70 21.53
CA PHE H 145 -20.15 -30.36 20.88
C PHE H 145 -19.12 -30.43 19.74
N ARG H 146 -17.90 -30.90 20.01
CA ARG H 146 -16.76 -30.81 19.06
C ARG H 146 -17.01 -31.73 17.86
N ARG H 147 -17.75 -32.83 18.05
CA ARG H 147 -18.15 -33.76 16.95
C ARG H 147 -18.98 -33.00 15.90
N ALA H 148 -20.07 -32.36 16.31
CA ALA H 148 -20.94 -31.63 15.36
C ALA H 148 -20.06 -30.80 14.44
N TYR H 149 -19.00 -30.18 14.97
CA TYR H 149 -18.06 -29.33 14.19
C TYR H 149 -17.15 -30.22 13.31
N GLU H 150 -16.73 -31.37 13.84
CA GLU H 150 -16.02 -32.43 13.07
C GLU H 150 -16.92 -32.95 11.95
N LEU H 151 -18.21 -33.17 12.22
CA LEU H 151 -19.14 -33.75 11.22
C LEU H 151 -19.52 -32.70 10.17
N ASN H 152 -19.73 -31.43 10.53
CA ASN H 152 -20.50 -30.46 9.70
C ASN H 152 -19.64 -29.29 9.16
N VAL H 153 -18.40 -29.11 9.62
CA VAL H 153 -17.58 -27.89 9.32
C VAL H 153 -16.15 -28.27 8.92
N PHE H 154 -15.44 -29.01 9.77
CA PHE H 154 -14.00 -29.30 9.55
C PHE H 154 -13.84 -30.28 8.40
N SER H 155 -14.71 -31.28 8.30
CA SER H 155 -14.61 -32.29 7.21
C SER H 155 -14.86 -31.56 5.89
N PHE H 156 -16.04 -30.90 5.76
CA PHE H 156 -16.46 -30.14 4.55
C PHE H 156 -15.28 -29.28 4.05
N PHE H 157 -14.64 -28.53 4.94
CA PHE H 157 -13.54 -27.60 4.56
C PHE H 157 -12.31 -28.38 4.07
N HIS H 158 -11.78 -29.35 4.83
CA HIS H 158 -10.57 -30.14 4.45
C HIS H 158 -10.81 -30.82 3.09
N LEU H 159 -11.94 -31.49 2.92
CA LEU H 159 -12.36 -32.12 1.64
C LEU H 159 -12.39 -31.08 0.52
N SER H 160 -12.78 -29.84 0.84
CA SER H 160 -12.83 -28.70 -0.12
C SER H 160 -11.41 -28.25 -0.50
N GLN H 161 -10.47 -28.13 0.45
CA GLN H 161 -9.09 -27.67 0.13
C GLN H 161 -8.32 -28.82 -0.57
N LEU H 162 -8.66 -30.10 -0.30
CA LEU H 162 -8.11 -31.29 -1.01
C LEU H 162 -8.58 -31.32 -2.47
N VAL H 163 -9.83 -30.93 -2.71
CA VAL H 163 -10.51 -31.04 -4.04
C VAL H 163 -10.34 -29.70 -4.80
N ALA H 164 -9.93 -28.60 -4.14
CA ALA H 164 -9.79 -27.26 -4.76
C ALA H 164 -8.68 -27.25 -5.81
N PRO H 165 -7.47 -27.77 -5.51
CA PRO H 165 -6.39 -27.84 -6.51
C PRO H 165 -6.76 -28.65 -7.77
N GLU H 166 -7.43 -29.79 -7.60
CA GLU H 166 -7.89 -30.68 -8.70
C GLU H 166 -8.78 -29.88 -9.66
N MET H 167 -9.92 -29.39 -9.19
CA MET H 167 -10.87 -28.59 -10.00
C MET H 167 -10.10 -27.49 -10.73
N GLU H 168 -9.19 -26.78 -10.04
CA GLU H 168 -8.46 -25.61 -10.58
C GLU H 168 -7.63 -26.00 -11.80
N LYS H 169 -7.13 -27.25 -11.83
CA LYS H 169 -6.23 -27.79 -12.88
C LYS H 169 -7.04 -28.37 -14.05
N ASN H 170 -8.34 -28.61 -13.89
CA ASN H 170 -9.25 -29.13 -14.95
C ASN H 170 -10.05 -27.98 -15.56
N GLY H 171 -9.80 -26.74 -15.11
CA GLY H 171 -10.45 -25.49 -15.57
C GLY H 171 -11.20 -24.75 -14.47
N GLY H 172 -11.65 -25.46 -13.43
CA GLY H 172 -12.56 -24.98 -12.37
C GLY H 172 -13.58 -26.03 -11.99
N GLY H 173 -14.76 -25.65 -11.51
CA GLY H 173 -15.82 -26.58 -11.10
C GLY H 173 -16.72 -26.02 -10.01
N VAL H 174 -17.35 -26.88 -9.22
CA VAL H 174 -18.47 -26.43 -8.36
C VAL H 174 -18.49 -27.23 -7.04
N ILE H 175 -18.70 -26.52 -5.92
CA ILE H 175 -18.84 -27.10 -4.55
C ILE H 175 -20.26 -26.84 -4.03
N LEU H 176 -20.84 -27.81 -3.33
CA LEU H 176 -22.22 -27.72 -2.83
C LEU H 176 -22.33 -28.49 -1.50
N THR H 177 -22.58 -27.76 -0.41
CA THR H 177 -22.79 -28.36 0.94
C THR H 177 -24.28 -28.45 1.21
N ILE H 178 -24.75 -29.56 1.79
CA ILE H 178 -26.15 -29.64 2.28
C ILE H 178 -26.11 -29.17 3.74
N THR H 179 -26.68 -27.97 3.96
CA THR H 179 -26.74 -27.26 5.27
C THR H 179 -28.07 -27.65 5.91
N SER H 180 -28.55 -26.86 6.86
CA SER H 180 -29.81 -27.13 7.58
C SER H 180 -30.56 -25.80 7.77
N MET H 181 -31.87 -25.86 7.99
CA MET H 181 -32.66 -24.68 8.42
C MET H 181 -32.25 -24.33 9.84
N ALA H 182 -31.80 -25.30 10.64
CA ALA H 182 -31.30 -25.04 12.01
C ALA H 182 -30.24 -23.93 11.96
N ALA H 183 -29.53 -23.77 10.84
CA ALA H 183 -28.50 -22.71 10.64
C ALA H 183 -29.14 -21.31 10.72
N GLU H 184 -30.44 -21.18 10.47
CA GLU H 184 -31.19 -19.89 10.53
C GLU H 184 -32.18 -19.88 11.71
N ASN H 185 -32.93 -20.96 11.94
CA ASN H 185 -33.93 -21.06 13.04
C ASN H 185 -33.23 -21.21 14.39
N LYS H 186 -33.94 -20.88 15.47
CA LYS H 186 -33.43 -21.00 16.86
C LYS H 186 -34.53 -21.62 17.71
N ASN H 187 -34.20 -22.70 18.45
CA ASN H 187 -34.99 -23.29 19.56
C ASN H 187 -34.04 -23.76 20.66
N ILE H 188 -34.60 -24.35 21.71
CA ILE H 188 -33.90 -25.07 22.80
C ILE H 188 -33.32 -26.37 22.22
N ASN H 189 -32.18 -26.80 22.76
CA ASN H 189 -31.59 -28.15 22.61
C ASN H 189 -30.89 -28.29 21.25
N MET H 190 -30.41 -27.20 20.69
CA MET H 190 -29.83 -27.21 19.32
C MET H 190 -28.50 -26.45 19.27
N THR H 191 -27.76 -26.33 20.37
CA THR H 191 -26.48 -25.57 20.41
C THR H 191 -25.48 -26.18 19.40
N SER H 192 -24.90 -27.36 19.66
CA SER H 192 -23.87 -28.01 18.79
C SER H 192 -24.31 -28.00 17.32
N TYR H 193 -25.56 -28.42 17.05
CA TYR H 193 -26.07 -28.72 15.69
C TYR H 193 -26.27 -27.44 14.87
N ALA H 194 -27.16 -26.53 15.29
CA ALA H 194 -27.44 -25.22 14.66
C ALA H 194 -26.14 -24.38 14.48
N SER H 195 -25.39 -24.21 15.56
CA SER H 195 -24.08 -23.53 15.58
C SER H 195 -23.23 -24.03 14.42
N SER H 196 -23.01 -25.35 14.37
CA SER H 196 -22.12 -26.01 13.39
C SER H 196 -22.57 -25.66 11.97
N LYS H 197 -23.85 -25.89 11.69
CA LYS H 197 -24.47 -25.65 10.36
C LYS H 197 -24.47 -24.17 10.03
N ALA H 198 -24.68 -23.30 11.02
CA ALA H 198 -24.63 -21.83 10.84
C ALA H 198 -23.27 -21.46 10.24
N ALA H 199 -22.19 -22.04 10.78
CA ALA H 199 -20.80 -21.86 10.31
C ALA H 199 -20.65 -22.40 8.88
N ALA H 200 -21.02 -23.66 8.65
CA ALA H 200 -20.94 -24.32 7.33
C ALA H 200 -21.57 -23.40 6.26
N SER H 201 -22.76 -22.84 6.55
CA SER H 201 -23.50 -21.93 5.67
C SER H 201 -22.65 -20.68 5.40
N HIS H 202 -22.04 -20.09 6.43
CA HIS H 202 -21.27 -18.82 6.30
C HIS H 202 -19.94 -19.10 5.62
N LEU H 203 -19.42 -20.31 5.79
CA LEU H 203 -18.23 -20.81 5.05
C LEU H 203 -18.52 -20.60 3.57
N VAL H 204 -19.72 -20.99 3.12
CA VAL H 204 -20.15 -20.87 1.70
C VAL H 204 -19.91 -19.41 1.30
N ARG H 205 -20.48 -18.42 1.99
CA ARG H 205 -20.30 -16.97 1.69
C ARG H 205 -18.82 -16.63 1.49
N ASN H 206 -17.89 -17.36 2.15
CA ASN H 206 -16.47 -16.95 2.31
C ASN H 206 -15.57 -17.70 1.34
N MET H 207 -15.73 -19.03 1.21
CA MET H 207 -15.00 -19.85 0.21
C MET H 207 -15.32 -19.33 -1.20
N ALA H 208 -16.56 -18.88 -1.47
CA ALA H 208 -16.99 -18.40 -2.80
C ALA H 208 -16.05 -17.27 -3.27
N PHE H 209 -15.44 -16.52 -2.34
CA PHE H 209 -14.43 -15.45 -2.63
C PHE H 209 -13.02 -16.01 -2.73
N ASP H 210 -12.69 -17.02 -1.91
CA ASP H 210 -11.35 -17.68 -1.91
C ASP H 210 -11.19 -18.53 -3.18
N LEU H 211 -12.19 -19.35 -3.54
CA LEU H 211 -12.14 -20.24 -4.74
C LEU H 211 -12.71 -19.53 -5.98
N GLY H 212 -12.94 -18.21 -5.91
CA GLY H 212 -13.39 -17.38 -7.05
C GLY H 212 -12.41 -17.46 -8.21
N GLU H 213 -11.23 -16.87 -8.04
CA GLU H 213 -10.20 -16.82 -9.11
C GLU H 213 -9.52 -18.18 -9.29
N LYS H 214 -10.14 -19.28 -8.81
CA LYS H 214 -9.87 -20.66 -9.29
C LYS H 214 -11.07 -21.15 -10.12
N ASN H 215 -11.97 -20.22 -10.48
CA ASN H 215 -13.30 -20.45 -11.12
C ASN H 215 -13.98 -21.65 -10.44
N ILE H 216 -14.13 -21.55 -9.13
CA ILE H 216 -14.97 -22.48 -8.34
C ILE H 216 -16.11 -21.67 -7.71
N ARG H 217 -17.33 -22.10 -8.03
CA ARG H 217 -18.58 -21.60 -7.43
C ARG H 217 -18.85 -22.48 -6.20
N VAL H 218 -19.33 -21.86 -5.11
CA VAL H 218 -19.67 -22.54 -3.82
C VAL H 218 -21.09 -22.14 -3.41
N ASN H 219 -21.98 -23.11 -3.19
CA ASN H 219 -23.37 -22.85 -2.77
C ASN H 219 -23.80 -23.87 -1.71
N GLY H 220 -24.98 -23.64 -1.12
CA GLY H 220 -25.61 -24.56 -0.16
C GLY H 220 -27.09 -24.72 -0.45
N ILE H 221 -27.65 -25.84 0.00
CA ILE H 221 -29.10 -26.09 0.09
C ILE H 221 -29.48 -26.40 1.53
N ALA H 222 -30.51 -25.71 2.01
CA ALA H 222 -31.17 -25.95 3.32
C ALA H 222 -32.43 -26.74 3.05
N PRO H 223 -32.42 -28.09 3.22
CA PRO H 223 -33.59 -28.90 3.00
C PRO H 223 -34.59 -28.81 4.15
N GLY H 224 -35.88 -28.76 3.79
CA GLY H 224 -36.98 -28.93 4.75
C GLY H 224 -37.14 -30.38 5.15
N ALA H 225 -38.21 -30.69 5.89
CA ALA H 225 -38.67 -32.05 6.20
C ALA H 225 -38.80 -32.83 4.89
N ILE H 226 -37.84 -33.71 4.61
CA ILE H 226 -37.85 -34.62 3.43
C ILE H 226 -38.51 -35.93 3.86
N LEU H 227 -39.29 -36.55 2.97
CA LEU H 227 -40.06 -37.79 3.22
C LEU H 227 -39.26 -38.98 2.67
N THR H 228 -37.99 -39.10 3.08
CA THR H 228 -37.08 -40.21 2.68
C THR H 228 -37.72 -41.53 3.15
N ASP H 229 -37.07 -42.66 2.82
CA ASP H 229 -37.54 -44.03 3.16
C ASP H 229 -37.87 -44.09 4.66
N ALA H 230 -36.98 -43.55 5.51
CA ALA H 230 -37.07 -43.62 6.99
C ALA H 230 -38.45 -43.16 7.49
N LEU H 231 -38.75 -41.88 7.31
CA LEU H 231 -39.81 -41.11 8.05
C LEU H 231 -41.23 -41.56 7.68
N LYS H 232 -41.43 -42.16 6.50
CA LYS H 232 -42.76 -42.63 6.00
C LYS H 232 -43.28 -43.73 6.95
N SER H 233 -42.38 -44.31 7.74
CA SER H 233 -42.61 -45.21 8.91
C SER H 233 -43.70 -44.67 9.85
N VAL H 234 -43.45 -43.52 10.51
CA VAL H 234 -44.11 -43.10 11.80
C VAL H 234 -45.15 -41.99 11.56
N ILE H 235 -45.37 -41.54 10.32
CA ILE H 235 -46.38 -40.47 9.99
C ILE H 235 -47.78 -40.96 10.36
N THR H 236 -48.69 -40.05 10.69
CA THR H 236 -50.10 -40.35 11.05
C THR H 236 -50.97 -39.17 10.64
N PRO H 237 -52.32 -39.29 10.61
CA PRO H 237 -53.18 -38.18 10.17
C PRO H 237 -53.08 -36.91 11.03
N GLU H 238 -52.30 -36.93 12.12
CA GLU H 238 -52.17 -35.80 13.08
C GLU H 238 -50.71 -35.36 13.26
N ILE H 239 -49.70 -36.20 12.95
CA ILE H 239 -48.26 -35.83 13.07
C ILE H 239 -47.78 -35.15 11.77
N GLU H 240 -48.34 -35.52 10.61
CA GLU H 240 -48.07 -34.88 9.30
C GLU H 240 -48.56 -33.43 9.36
N GLN H 241 -49.69 -33.21 10.06
CA GLN H 241 -50.40 -31.91 10.13
C GLN H 241 -49.67 -30.96 11.10
N LYS H 242 -48.87 -31.52 12.03
CA LYS H 242 -48.03 -30.72 12.98
C LYS H 242 -46.76 -30.29 12.24
N MET H 243 -46.29 -31.08 11.28
CA MET H 243 -45.08 -30.78 10.49
C MET H 243 -45.39 -29.78 9.37
N LEU H 244 -46.64 -29.69 8.90
CA LEU H 244 -47.01 -28.89 7.70
C LEU H 244 -47.84 -27.67 8.09
N GLN H 245 -48.04 -27.48 9.40
CA GLN H 245 -48.85 -26.41 10.00
C GLN H 245 -48.41 -25.04 9.44
N HIS H 246 -47.10 -24.79 9.38
CA HIS H 246 -46.49 -23.50 8.92
C HIS H 246 -45.68 -23.76 7.65
N THR H 247 -46.29 -24.49 6.71
CA THR H 247 -45.68 -24.92 5.43
C THR H 247 -46.63 -24.51 4.31
N PRO H 248 -46.41 -23.35 3.65
CA PRO H 248 -47.38 -22.80 2.71
C PRO H 248 -47.78 -23.72 1.56
N ILE H 249 -46.82 -24.42 0.94
CA ILE H 249 -47.04 -25.54 -0.01
C ILE H 249 -47.20 -26.82 0.84
N ARG H 250 -48.45 -27.11 1.21
CA ARG H 250 -48.80 -28.11 2.25
C ARG H 250 -48.52 -29.52 1.70
N ARG H 251 -47.26 -29.96 1.84
CA ARG H 251 -46.76 -31.35 1.61
C ARG H 251 -45.28 -31.40 1.97
N LEU H 252 -44.81 -32.50 2.55
CA LEU H 252 -43.39 -32.71 2.91
C LEU H 252 -42.55 -32.94 1.65
N GLY H 253 -41.24 -32.71 1.74
CA GLY H 253 -40.33 -32.76 0.59
C GLY H 253 -40.07 -34.19 0.15
N GLN H 254 -39.62 -34.36 -1.09
CA GLN H 254 -39.06 -35.60 -1.67
C GLN H 254 -37.56 -35.38 -1.86
N PRO H 255 -36.69 -36.41 -1.71
CA PRO H 255 -35.28 -36.23 -2.07
C PRO H 255 -35.15 -35.45 -3.39
N GLN H 256 -35.91 -35.83 -4.42
CA GLN H 256 -35.73 -35.32 -5.81
C GLN H 256 -35.81 -33.79 -5.82
N ASP H 257 -36.62 -33.21 -4.93
CA ASP H 257 -36.77 -31.74 -4.77
C ASP H 257 -35.38 -31.14 -4.54
N ILE H 258 -34.59 -31.76 -3.63
CA ILE H 258 -33.24 -31.27 -3.25
C ILE H 258 -32.23 -31.61 -4.36
N ALA H 259 -32.42 -32.76 -5.02
CA ALA H 259 -31.56 -33.22 -6.13
C ALA H 259 -31.76 -32.26 -7.32
N ASN H 260 -33.00 -31.85 -7.57
CA ASN H 260 -33.34 -30.89 -8.65
C ASN H 260 -32.55 -29.62 -8.39
N ALA H 261 -32.64 -29.17 -7.14
CA ALA H 261 -32.01 -27.94 -6.65
C ALA H 261 -30.49 -28.03 -6.87
N ALA H 262 -29.86 -29.16 -6.55
CA ALA H 262 -28.38 -29.33 -6.60
C ALA H 262 -27.91 -29.48 -8.06
N LEU H 263 -28.72 -30.13 -8.90
CA LEU H 263 -28.51 -30.22 -10.37
C LEU H 263 -28.40 -28.80 -10.92
N PHE H 264 -29.43 -27.96 -10.74
CA PHE H 264 -29.40 -26.53 -11.14
C PHE H 264 -28.09 -25.90 -10.68
N LEU H 265 -27.69 -26.15 -9.41
CA LEU H 265 -26.65 -25.31 -8.75
C LEU H 265 -25.26 -25.74 -9.24
N CYS H 266 -25.16 -27.01 -9.64
CA CYS H 266 -23.94 -27.64 -10.18
C CYS H 266 -24.00 -27.71 -11.72
N SER H 267 -25.09 -27.21 -12.32
CA SER H 267 -25.25 -27.00 -13.77
C SER H 267 -24.47 -25.75 -14.19
N PRO H 268 -24.27 -25.53 -15.50
CA PRO H 268 -23.86 -24.23 -16.02
C PRO H 268 -24.99 -23.19 -16.14
N ALA H 269 -26.23 -23.56 -15.77
CA ALA H 269 -27.39 -22.65 -15.70
C ALA H 269 -27.15 -21.62 -14.60
N ALA H 270 -26.56 -22.06 -13.50
CA ALA H 270 -26.21 -21.22 -12.33
C ALA H 270 -24.71 -20.88 -12.39
N SER H 271 -24.18 -20.74 -13.60
CA SER H 271 -22.79 -20.31 -13.92
C SER H 271 -22.42 -19.02 -13.18
N TRP H 272 -23.38 -18.12 -12.88
CA TRP H 272 -23.07 -16.85 -12.17
C TRP H 272 -23.67 -16.80 -10.75
N VAL H 273 -23.87 -17.96 -10.11
CA VAL H 273 -24.47 -18.10 -8.75
C VAL H 273 -23.35 -18.59 -7.82
N SER H 274 -23.09 -17.88 -6.72
CA SER H 274 -22.01 -18.28 -5.77
C SER H 274 -22.22 -17.60 -4.41
N GLY H 275 -21.86 -18.29 -3.34
CA GLY H 275 -21.95 -17.80 -1.95
C GLY H 275 -23.38 -17.73 -1.48
N GLN H 276 -24.23 -18.62 -1.99
CA GLN H 276 -25.69 -18.58 -1.76
C GLN H 276 -26.13 -19.87 -1.10
N ILE H 277 -27.12 -19.77 -0.23
CA ILE H 277 -27.89 -20.91 0.34
C ILE H 277 -29.30 -20.78 -0.19
N LEU H 278 -29.79 -21.81 -0.88
CA LEU H 278 -31.19 -21.91 -1.31
C LEU H 278 -31.91 -22.78 -0.28
N THR H 279 -32.99 -22.29 0.32
CA THR H 279 -33.83 -23.09 1.25
C THR H 279 -34.94 -23.75 0.39
N VAL H 280 -35.03 -25.09 0.41
CA VAL H 280 -36.08 -25.89 -0.29
C VAL H 280 -36.99 -26.48 0.79
N SER H 281 -37.97 -25.69 1.20
CA SER H 281 -38.70 -25.79 2.48
C SER H 281 -40.22 -25.71 2.26
N GLY H 282 -40.67 -25.50 1.03
CA GLY H 282 -42.08 -25.21 0.68
C GLY H 282 -42.55 -23.85 1.17
N GLY H 283 -41.67 -23.01 1.72
CA GLY H 283 -41.98 -21.62 2.11
C GLY H 283 -41.92 -21.37 3.61
N GLY H 284 -41.78 -22.39 4.45
CA GLY H 284 -41.64 -22.21 5.90
C GLY H 284 -40.97 -23.38 6.58
N VAL H 285 -41.25 -23.56 7.88
CA VAL H 285 -40.43 -24.41 8.79
C VAL H 285 -41.27 -25.59 9.29
N GLN H 286 -40.73 -26.81 9.24
CA GLN H 286 -41.41 -28.06 9.70
C GLN H 286 -40.86 -28.47 11.07
N GLU H 287 -41.69 -28.58 12.09
CA GLU H 287 -41.28 -28.80 13.50
C GLU H 287 -41.16 -30.31 13.83
N LEU H 288 -40.17 -30.67 14.66
CA LEU H 288 -40.15 -31.82 15.62
C LEU H 288 -38.97 -31.64 16.61
#